data_5KQB
#
_entry.id   5KQB
#
loop_
_entity.id
_entity.type
_entity.pdbx_description
1 polymer 'Peptidase M23'
2 non-polymer 'ZINC ION'
#
_entity_poly.entity_id   1
_entity_poly.type   'polypeptide(L)'
_entity_poly.pdbx_seq_one_letter_code
;GSKWEDFFRGSRITETFGKYQHSPFDGKHYGIDFALPKGTPIKAPTNGKVTRIFNNELGGKVLQIAEDNGEYHQWYLHLD
KYNVKVGDRVKAGDIIAYSGNTGIQTTGAHLHFQRMKGGVGNAYAEDPKPFIDQLPDGERSLYDL
;
_entity_poly.pdbx_strand_id   A
#
loop_
_chem_comp.id
_chem_comp.type
_chem_comp.name
_chem_comp.formula
ZN non-polymer 'ZINC ION' 'Zn 2'
#
# COMPACT_ATOMS: atom_id res chain seq x y z
N GLY A 1 -2.91 10.69 -33.55
CA GLY A 1 -2.01 10.98 -34.68
C GLY A 1 -0.59 11.23 -34.22
N SER A 2 0.02 12.28 -34.75
CA SER A 2 1.41 12.68 -34.48
C SER A 2 1.69 13.03 -33.02
N LYS A 3 0.77 13.76 -32.36
CA LYS A 3 0.97 14.27 -31.00
C LYS A 3 0.28 13.43 -29.92
N TRP A 4 1.07 12.83 -29.04
CA TRP A 4 0.62 11.91 -27.97
C TRP A 4 1.53 11.85 -26.74
N GLU A 5 2.74 12.39 -26.85
CA GLU A 5 3.87 12.19 -25.94
C GLU A 5 3.62 12.63 -24.48
N ASP A 6 4.23 11.90 -23.54
CA ASP A 6 3.92 12.00 -22.11
C ASP A 6 4.50 13.25 -21.42
N PHE A 7 3.70 13.89 -20.55
CA PHE A 7 4.14 14.87 -19.56
C PHE A 7 4.78 14.28 -18.29
N PHE A 8 5.63 13.27 -18.49
CA PHE A 8 6.26 12.49 -17.42
C PHE A 8 7.19 13.34 -16.53
N ARG A 9 7.21 13.09 -15.21
CA ARG A 9 8.29 13.58 -14.35
C ARG A 9 8.44 12.73 -13.08
N GLY A 10 9.65 12.16 -12.90
CA GLY A 10 10.03 11.36 -11.74
C GLY A 10 9.28 10.04 -11.58
N SER A 11 9.54 9.34 -10.48
CA SER A 11 8.88 8.07 -10.12
C SER A 11 7.44 8.24 -9.59
N ARG A 12 6.71 7.12 -9.47
CA ARG A 12 5.26 7.07 -9.16
C ARG A 12 4.91 7.34 -7.69
N ILE A 13 5.88 7.49 -6.79
CA ILE A 13 5.61 7.67 -5.36
C ILE A 13 5.21 9.13 -5.06
N THR A 14 4.04 9.33 -4.42
CA THR A 14 3.64 10.64 -3.87
C THR A 14 4.33 11.03 -2.57
N GLU A 15 4.32 10.11 -1.59
CA GLU A 15 4.95 10.24 -0.27
C GLU A 15 5.45 8.89 0.26
N THR A 16 6.63 8.92 0.87
CA THR A 16 7.26 7.82 1.63
C THR A 16 7.05 8.00 3.15
N PHE A 17 7.70 7.21 3.99
CA PHE A 17 7.44 7.14 5.44
C PHE A 17 8.07 8.38 6.10
N GLY A 18 7.28 9.17 6.83
CA GLY A 18 7.72 10.40 7.51
C GLY A 18 6.66 11.51 7.65
N LYS A 19 6.99 12.60 8.38
CA LYS A 19 6.04 13.70 8.65
C LYS A 19 5.59 14.45 7.40
N TYR A 20 4.36 14.96 7.42
CA TYR A 20 3.81 15.80 6.35
C TYR A 20 4.36 17.22 6.18
N GLN A 21 4.62 17.94 7.27
CA GLN A 21 5.20 19.31 7.26
C GLN A 21 6.01 19.58 8.54
N HIS A 22 6.70 20.73 8.61
CA HIS A 22 7.25 21.28 9.86
C HIS A 22 6.14 21.54 10.90
N SER A 23 6.56 21.76 12.16
CA SER A 23 5.72 21.77 13.37
C SER A 23 5.12 20.39 13.73
N PRO A 24 4.66 20.18 14.99
CA PRO A 24 4.26 18.85 15.48
C PRO A 24 2.80 18.47 15.17
N PHE A 25 2.05 19.28 14.40
CA PHE A 25 0.60 19.15 14.25
C PHE A 25 0.25 18.32 12.99
N ASP A 26 1.02 18.45 11.91
CA ASP A 26 0.97 17.61 10.71
C ASP A 26 1.86 16.36 10.85
N GLY A 27 1.25 15.26 11.27
CA GLY A 27 1.92 14.03 11.72
C GLY A 27 2.54 13.17 10.61
N LYS A 28 2.86 11.93 10.96
CA LYS A 28 3.59 10.97 10.11
C LYS A 28 2.68 10.21 9.15
N HIS A 29 3.18 10.01 7.92
CA HIS A 29 2.76 8.99 6.98
C HIS A 29 3.46 7.68 7.33
N TYR A 30 2.71 6.61 7.60
CA TYR A 30 3.26 5.32 8.04
C TYR A 30 3.43 4.28 6.91
N GLY A 31 3.55 4.73 5.66
CA GLY A 31 3.56 3.87 4.47
C GLY A 31 4.24 4.48 3.24
N ILE A 32 3.95 3.89 2.07
CA ILE A 32 4.42 4.28 0.74
C ILE A 32 3.19 4.50 -0.17
N ASP A 33 3.16 5.58 -0.94
CA ASP A 33 2.04 5.95 -1.84
C ASP A 33 2.32 5.83 -3.35
N PHE A 34 2.02 4.68 -3.97
CA PHE A 34 2.13 4.50 -5.43
C PHE A 34 0.97 5.09 -6.21
N ALA A 35 1.16 6.20 -6.91
CA ALA A 35 0.15 6.74 -7.82
C ALA A 35 -0.09 5.77 -8.98
N LEU A 36 -1.36 5.39 -9.20
CA LEU A 36 -1.75 4.39 -10.21
C LEU A 36 -3.00 4.81 -10.99
N PRO A 37 -3.14 4.38 -12.26
CA PRO A 37 -4.41 4.45 -12.97
C PRO A 37 -5.48 3.58 -12.30
N LYS A 38 -6.72 4.10 -12.23
CA LYS A 38 -7.86 3.39 -11.61
C LYS A 38 -8.12 2.05 -12.31
N GLY A 39 -8.20 0.99 -11.52
CA GLY A 39 -8.42 -0.39 -11.97
C GLY A 39 -7.16 -1.24 -12.13
N THR A 40 -5.95 -0.68 -11.93
CA THR A 40 -4.70 -1.46 -11.88
C THR A 40 -4.72 -2.55 -10.80
N PRO A 41 -4.45 -3.82 -11.15
CA PRO A 41 -4.30 -4.88 -10.15
C PRO A 41 -3.03 -4.71 -9.30
N ILE A 42 -3.21 -4.85 -7.99
CA ILE A 42 -2.16 -4.89 -6.96
C ILE A 42 -1.73 -6.35 -6.78
N LYS A 43 -0.42 -6.62 -6.82
CA LYS A 43 0.19 -7.97 -6.70
C LYS A 43 0.77 -8.15 -5.29
N ALA A 44 0.84 -9.39 -4.81
CA ALA A 44 1.47 -9.70 -3.52
C ALA A 44 3.01 -9.57 -3.61
N PRO A 45 3.67 -8.77 -2.76
CA PRO A 45 5.14 -8.67 -2.73
C PRO A 45 5.80 -9.98 -2.29
N THR A 46 5.22 -10.63 -1.29
CA THR A 46 5.69 -11.87 -0.66
C THR A 46 4.54 -12.90 -0.59
N ASN A 47 4.87 -14.16 -0.36
CA ASN A 47 3.87 -15.16 0.03
C ASN A 47 3.38 -14.88 1.46
N GLY A 48 2.07 -15.00 1.67
CA GLY A 48 1.42 -14.71 2.96
C GLY A 48 -0.02 -15.21 3.03
N LYS A 49 -0.83 -14.70 3.97
CA LYS A 49 -2.26 -15.00 4.09
C LYS A 49 -3.06 -13.79 4.60
N VAL A 50 -4.29 -13.62 4.12
CA VAL A 50 -5.17 -12.52 4.53
C VAL A 50 -5.70 -12.61 5.95
N THR A 51 -5.56 -11.53 6.72
CA THR A 51 -6.01 -11.44 8.12
C THR A 51 -7.36 -10.76 8.33
N ARG A 52 -7.60 -9.69 7.57
CA ARG A 52 -8.73 -8.76 7.74
C ARG A 52 -9.03 -8.01 6.45
N ILE A 53 -10.31 -7.71 6.21
CA ILE A 53 -10.79 -6.97 5.04
C ILE A 53 -11.92 -6.00 5.46
N PHE A 54 -11.74 -4.70 5.24
CA PHE A 54 -12.67 -3.66 5.73
C PHE A 54 -12.65 -2.36 4.91
N ASN A 55 -13.64 -1.50 5.08
CA ASN A 55 -13.76 -0.27 4.28
C ASN A 55 -13.95 0.96 5.18
N ASN A 56 -13.00 1.89 5.09
CA ASN A 56 -12.86 3.08 5.91
C ASN A 56 -13.39 4.34 5.19
N GLU A 57 -14.07 5.23 5.92
CA GLU A 57 -14.76 6.40 5.35
C GLU A 57 -13.84 7.48 4.73
N LEU A 58 -12.55 7.48 5.06
CA LEU A 58 -11.57 8.47 4.60
C LEU A 58 -10.31 7.86 3.94
N GLY A 59 -9.97 6.61 4.24
CA GLY A 59 -8.90 5.82 3.61
C GLY A 59 -9.37 4.88 2.49
N GLY A 60 -10.68 4.77 2.27
CA GLY A 60 -11.27 3.89 1.27
C GLY A 60 -11.27 2.42 1.70
N LYS A 61 -11.33 1.50 0.72
CA LYS A 61 -11.22 0.06 0.97
C LYS A 61 -9.83 -0.34 1.46
N VAL A 62 -9.78 -1.33 2.37
CA VAL A 62 -8.56 -1.84 3.01
C VAL A 62 -8.44 -3.36 3.12
N LEU A 63 -7.35 -3.89 2.57
CA LEU A 63 -6.91 -5.28 2.71
C LEU A 63 -5.75 -5.36 3.73
N GLN A 64 -5.83 -6.30 4.67
CA GLN A 64 -4.75 -6.65 5.62
C GLN A 64 -4.18 -8.05 5.34
N ILE A 65 -2.87 -8.17 5.15
CA ILE A 65 -2.15 -9.44 4.93
C ILE A 65 -1.07 -9.68 6.00
N ALA A 66 -0.81 -10.95 6.31
CA ALA A 66 0.26 -11.42 7.19
C ALA A 66 1.32 -12.23 6.40
N GLU A 67 2.61 -12.05 6.73
CA GLU A 67 3.72 -12.81 6.13
C GLU A 67 3.93 -14.21 6.74
N ASP A 68 4.66 -15.10 6.07
CA ASP A 68 4.72 -16.53 6.46
C ASP A 68 5.35 -16.83 7.83
N ASN A 69 6.20 -15.95 8.36
CA ASN A 69 6.71 -16.02 9.74
C ASN A 69 5.76 -15.49 10.82
N GLY A 70 4.61 -14.89 10.45
CA GLY A 70 3.48 -14.58 11.34
C GLY A 70 3.58 -13.29 12.18
N GLU A 71 4.65 -12.50 12.03
CA GLU A 71 4.95 -11.34 12.88
C GLU A 71 4.78 -10.02 12.11
N TYR A 72 5.19 -9.99 10.84
CA TYR A 72 4.96 -8.91 9.88
C TYR A 72 3.56 -8.83 9.24
N HIS A 73 3.00 -7.62 9.19
CA HIS A 73 1.71 -7.28 8.56
C HIS A 73 1.88 -6.29 7.40
N GLN A 74 0.88 -6.25 6.52
CA GLN A 74 0.87 -5.53 5.25
C GLN A 74 -0.54 -4.97 4.98
N TRP A 75 -0.71 -3.65 5.16
CA TRP A 75 -1.93 -2.94 4.78
C TRP A 75 -1.90 -2.45 3.33
N TYR A 76 -3.08 -2.40 2.71
CA TYR A 76 -3.34 -1.99 1.33
C TYR A 76 -4.58 -1.08 1.28
N LEU A 77 -4.38 0.24 1.42
CA LEU A 77 -5.45 1.25 1.37
C LEU A 77 -5.67 1.76 -0.08
N HIS A 78 -6.84 2.36 -0.34
CA HIS A 78 -7.30 2.87 -1.63
C HIS A 78 -7.45 1.78 -2.71
N LEU A 79 -8.28 0.78 -2.41
CA LEU A 79 -8.68 -0.28 -3.32
C LEU A 79 -10.05 0.01 -3.96
N ASP A 80 -10.25 -0.38 -5.22
CA ASP A 80 -11.55 -0.35 -5.93
C ASP A 80 -12.27 -1.68 -5.64
N LYS A 81 -11.51 -2.79 -5.71
CA LYS A 81 -11.99 -4.17 -5.65
C LYS A 81 -10.99 -5.11 -4.98
N TYR A 82 -11.48 -6.10 -4.24
CA TYR A 82 -10.67 -7.19 -3.69
C TYR A 82 -10.51 -8.35 -4.68
N ASN A 83 -9.38 -9.07 -4.63
CA ASN A 83 -9.17 -10.33 -5.35
C ASN A 83 -8.95 -11.53 -4.40
N VAL A 84 -8.88 -11.28 -3.09
CA VAL A 84 -8.78 -12.32 -2.03
C VAL A 84 -9.86 -12.15 -0.96
N LYS A 85 -10.09 -13.20 -0.17
CA LYS A 85 -10.91 -13.17 1.06
C LYS A 85 -10.03 -13.38 2.31
N VAL A 86 -10.55 -13.01 3.49
CA VAL A 86 -9.96 -13.30 4.80
C VAL A 86 -9.72 -14.81 4.87
N GLY A 87 -8.49 -15.20 5.21
CA GLY A 87 -8.09 -16.60 5.33
C GLY A 87 -7.66 -17.27 4.02
N ASP A 88 -7.37 -16.50 2.97
CA ASP A 88 -6.70 -16.99 1.76
C ASP A 88 -5.18 -16.94 1.86
N ARG A 89 -4.49 -18.07 1.68
CA ARG A 89 -3.06 -18.05 1.35
C ARG A 89 -2.80 -17.50 -0.06
N VAL A 90 -1.78 -16.67 -0.17
CA VAL A 90 -1.29 -16.03 -1.39
C VAL A 90 0.18 -16.37 -1.64
N LYS A 91 0.66 -16.13 -2.86
CA LYS A 91 2.06 -16.33 -3.27
C LYS A 91 2.52 -15.10 -4.05
N ALA A 92 3.77 -14.69 -3.85
CA ALA A 92 4.36 -13.52 -4.49
C ALA A 92 4.09 -13.44 -6.00
N GLY A 93 3.68 -12.25 -6.42
CA GLY A 93 3.29 -11.89 -7.79
C GLY A 93 1.82 -12.12 -8.13
N ASP A 94 1.03 -12.76 -7.25
CA ASP A 94 -0.40 -12.98 -7.44
C ASP A 94 -1.25 -11.73 -7.17
N ILE A 95 -2.29 -11.49 -7.96
CA ILE A 95 -3.20 -10.36 -7.74
C ILE A 95 -4.02 -10.56 -6.46
N ILE A 96 -4.03 -9.53 -5.60
CA ILE A 96 -4.73 -9.53 -4.30
C ILE A 96 -5.88 -8.52 -4.25
N ALA A 97 -5.87 -7.50 -5.10
CA ALA A 97 -6.87 -6.44 -5.22
C ALA A 97 -6.63 -5.60 -6.49
N TYR A 98 -7.43 -4.56 -6.70
CA TYR A 98 -7.26 -3.58 -7.78
C TYR A 98 -7.40 -2.21 -7.12
N SER A 99 -6.46 -1.28 -7.36
CA SER A 99 -6.50 0.06 -6.76
C SER A 99 -7.50 1.00 -7.45
N GLY A 100 -8.11 1.87 -6.65
CA GLY A 100 -9.09 2.85 -7.11
C GLY A 100 -9.16 4.04 -6.15
N ASN A 101 -9.70 5.17 -6.60
CA ASN A 101 -9.75 6.43 -5.85
C ASN A 101 -10.82 6.45 -4.74
N THR A 102 -11.06 5.32 -4.07
CA THR A 102 -11.91 5.21 -2.88
C THR A 102 -11.32 5.93 -1.66
N GLY A 103 -12.17 6.51 -0.82
CA GLY A 103 -11.81 7.47 0.23
C GLY A 103 -11.47 8.87 -0.28
N ILE A 104 -10.72 8.98 -1.39
CA ILE A 104 -10.23 10.24 -1.96
C ILE A 104 -11.38 11.13 -2.46
N GLN A 105 -11.37 12.40 -2.08
CA GLN A 105 -12.49 13.34 -2.33
C GLN A 105 -12.60 13.74 -3.80
N THR A 106 -11.49 14.14 -4.45
CA THR A 106 -11.41 14.51 -5.87
C THR A 106 -10.24 13.92 -6.67
N THR A 107 -9.08 13.72 -6.04
CA THR A 107 -7.83 13.26 -6.67
C THR A 107 -7.82 11.85 -7.30
N GLY A 108 -6.90 11.60 -8.24
CA GLY A 108 -6.64 10.28 -8.81
C GLY A 108 -6.06 9.27 -7.81
N ALA A 109 -6.19 7.98 -8.11
CA ALA A 109 -5.87 6.88 -7.20
C ALA A 109 -4.37 6.73 -6.86
N HIS A 110 -4.09 6.29 -5.62
CA HIS A 110 -2.75 5.88 -5.18
C HIS A 110 -2.79 4.70 -4.18
N LEU A 111 -2.10 3.60 -4.47
CA LEU A 111 -1.98 2.45 -3.56
C LEU A 111 -1.12 2.84 -2.36
N HIS A 112 -1.71 2.86 -1.17
CA HIS A 112 -1.00 3.08 0.10
C HIS A 112 -0.62 1.75 0.75
N PHE A 113 0.64 1.34 0.56
CA PHE A 113 1.25 0.19 1.23
C PHE A 113 1.91 0.50 2.57
N GLN A 114 1.37 -0.05 3.65
CA GLN A 114 1.83 0.17 5.03
C GLN A 114 2.32 -1.13 5.69
N ARG A 115 3.61 -1.16 6.03
CA ARG A 115 4.31 -2.34 6.58
C ARG A 115 4.47 -2.24 8.09
N MET A 116 4.01 -3.27 8.82
CA MET A 116 3.95 -3.29 10.29
C MET A 116 4.56 -4.57 10.89
N LYS A 117 5.00 -4.55 12.17
CA LYS A 117 5.57 -5.71 12.89
C LYS A 117 4.93 -5.87 14.28
N GLY A 118 4.59 -7.11 14.64
CA GLY A 118 4.10 -7.53 15.97
C GLY A 118 2.61 -7.26 16.23
N GLY A 119 1.94 -6.56 15.31
CA GLY A 119 0.55 -6.13 15.35
C GLY A 119 0.27 -5.17 14.19
N VAL A 120 -0.86 -4.47 14.23
CA VAL A 120 -1.30 -3.59 13.13
C VAL A 120 -2.06 -2.37 13.67
N GLY A 121 -1.64 -1.21 13.18
CA GLY A 121 -1.93 0.15 13.68
C GLY A 121 -0.72 1.08 13.39
N ASN A 122 -0.88 2.39 13.56
CA ASN A 122 0.19 3.36 13.24
C ASN A 122 1.52 3.07 13.98
N ALA A 123 1.45 2.71 15.26
CA ALA A 123 2.61 2.49 16.11
C ALA A 123 3.41 1.24 15.71
N TYR A 124 2.74 0.27 15.10
CA TYR A 124 3.32 -1.00 14.66
C TYR A 124 4.10 -0.89 13.35
N ALA A 125 3.93 0.20 12.60
CA ALA A 125 4.58 0.41 11.32
C ALA A 125 6.11 0.57 11.44
N GLU A 126 6.88 0.07 10.47
CA GLU A 126 8.35 0.07 10.48
C GLU A 126 8.97 1.00 9.41
N ASP A 127 9.15 0.51 8.18
CA ASP A 127 9.46 1.26 6.95
C ASP A 127 9.23 0.27 5.77
N PRO A 128 8.42 0.66 4.77
CA PRO A 128 8.26 -0.10 3.54
C PRO A 128 9.44 0.01 2.56
N LYS A 129 10.21 1.11 2.54
CA LYS A 129 11.31 1.30 1.58
C LYS A 129 12.36 0.17 1.53
N PRO A 130 12.97 -0.23 2.66
CA PRO A 130 14.02 -1.26 2.70
C PRO A 130 13.46 -2.67 2.42
N PHE A 131 12.15 -2.87 2.56
CA PHE A 131 11.45 -4.08 2.13
C PHE A 131 11.27 -4.24 0.63
N ILE A 132 10.86 -3.17 -0.06
CA ILE A 132 10.73 -3.15 -1.54
C ILE A 132 12.11 -3.28 -2.21
N ASP A 133 13.15 -2.79 -1.54
CA ASP A 133 14.55 -2.82 -1.96
C ASP A 133 15.17 -4.20 -2.28
N GLN A 134 14.50 -5.27 -1.85
CA GLN A 134 14.94 -6.66 -1.98
C GLN A 134 13.96 -7.56 -2.76
N LEU A 135 12.81 -7.02 -3.18
CA LEU A 135 11.78 -7.75 -3.92
C LEU A 135 12.24 -8.12 -5.34
N PRO A 136 11.79 -9.28 -5.89
CA PRO A 136 12.22 -9.81 -7.19
C PRO A 136 12.15 -8.80 -8.36
N ASP A 137 11.04 -8.07 -8.45
CA ASP A 137 10.81 -7.01 -9.44
C ASP A 137 10.76 -5.58 -8.83
N GLY A 138 11.19 -5.44 -7.57
CA GLY A 138 11.08 -4.21 -6.80
C GLY A 138 9.63 -3.78 -6.58
N GLU A 139 9.32 -2.49 -6.76
CA GLU A 139 7.94 -1.98 -6.66
C GLU A 139 6.96 -2.66 -7.66
N ARG A 140 7.45 -3.17 -8.80
CA ARG A 140 6.61 -3.93 -9.75
C ARG A 140 6.20 -5.31 -9.23
N SER A 141 6.70 -5.74 -8.06
CA SER A 141 6.16 -6.89 -7.33
C SER A 141 4.87 -6.53 -6.57
N LEU A 142 4.44 -5.26 -6.57
CA LEU A 142 3.23 -4.77 -5.93
C LEU A 142 2.15 -4.28 -6.93
N TYR A 143 2.45 -4.02 -8.21
CA TYR A 143 1.44 -3.53 -9.19
C TYR A 143 1.67 -3.98 -10.64
N ASP A 144 0.63 -3.96 -11.47
CA ASP A 144 0.66 -4.42 -12.88
C ASP A 144 0.54 -3.31 -13.93
N LEU A 145 1.63 -2.59 -14.20
CA LEU A 145 1.72 -1.57 -15.25
C LEU A 145 2.48 -2.14 -16.45
ZN ZN B . -0.27 7.25 1.84
N GLY A 1 37.12 0.54 -21.85
CA GLY A 1 35.72 0.30 -21.46
C GLY A 1 35.62 -0.70 -20.33
N SER A 2 35.02 -0.32 -19.20
CA SER A 2 34.61 -1.29 -18.17
C SER A 2 33.37 -0.82 -17.37
N LYS A 3 33.24 0.49 -17.11
CA LYS A 3 32.10 1.08 -16.38
C LYS A 3 30.84 1.12 -17.26
N TRP A 4 29.67 0.91 -16.65
CA TRP A 4 28.35 1.02 -17.30
C TRP A 4 27.59 2.31 -16.92
N GLU A 5 26.61 2.73 -17.73
CA GLU A 5 25.73 3.84 -17.35
C GLU A 5 24.88 3.47 -16.12
N ASP A 6 24.82 4.36 -15.13
CA ASP A 6 23.99 4.18 -13.93
C ASP A 6 22.49 4.22 -14.26
N PHE A 7 21.82 3.07 -14.21
CA PHE A 7 20.44 2.95 -14.69
C PHE A 7 19.35 3.67 -13.88
N PHE A 8 18.46 4.39 -14.57
CA PHE A 8 17.33 5.12 -13.97
C PHE A 8 16.20 4.27 -13.39
N ARG A 9 15.75 4.59 -12.17
CA ARG A 9 14.61 3.95 -11.50
C ARG A 9 13.28 4.52 -12.01
N GLY A 10 12.57 3.73 -12.83
CA GLY A 10 11.22 4.05 -13.36
C GLY A 10 10.09 3.93 -12.33
N SER A 11 10.31 4.45 -11.12
CA SER A 11 9.36 4.40 -10.00
C SER A 11 8.27 5.46 -10.05
N ARG A 12 7.22 5.22 -9.25
CA ARG A 12 6.01 6.06 -9.12
C ARG A 12 5.55 6.25 -7.68
N ILE A 13 6.48 6.45 -6.73
CA ILE A 13 6.11 6.73 -5.33
C ILE A 13 5.48 8.14 -5.20
N THR A 14 4.19 8.20 -4.83
CA THR A 14 3.46 9.44 -4.50
C THR A 14 3.86 10.12 -3.20
N GLU A 15 4.10 9.30 -2.17
CA GLU A 15 4.43 9.71 -0.80
C GLU A 15 5.36 8.67 -0.17
N THR A 16 6.40 9.13 0.52
CA THR A 16 7.38 8.26 1.19
C THR A 16 7.01 8.09 2.66
N PHE A 17 7.68 7.15 3.35
CA PHE A 17 7.38 6.83 4.74
C PHE A 17 7.92 7.97 5.64
N GLY A 18 7.13 8.36 6.64
CA GLY A 18 7.48 9.44 7.57
C GLY A 18 6.48 10.59 7.55
N LYS A 19 6.41 11.35 6.45
CA LYS A 19 5.63 12.60 6.34
C LYS A 19 4.77 12.67 5.06
N TYR A 20 3.77 13.53 5.06
CA TYR A 20 3.09 14.07 3.86
C TYR A 20 3.93 14.94 2.89
N GLN A 21 5.19 14.55 2.65
CA GLN A 21 6.23 15.26 1.87
C GLN A 21 6.67 16.61 2.49
N HIS A 22 5.81 17.63 2.45
CA HIS A 22 6.21 19.06 2.42
C HIS A 22 6.75 19.64 3.74
N SER A 23 6.31 19.13 4.90
CA SER A 23 6.64 19.68 6.23
C SER A 23 6.45 18.62 7.33
N PRO A 24 7.19 18.72 8.46
CA PRO A 24 6.99 17.83 9.61
C PRO A 24 5.76 18.20 10.45
N PHE A 25 5.44 19.49 10.56
CA PHE A 25 4.52 20.03 11.58
C PHE A 25 3.13 19.43 11.27
N ASP A 26 2.60 18.64 12.21
CA ASP A 26 1.29 17.97 12.11
C ASP A 26 1.06 17.01 10.91
N GLY A 27 2.15 16.58 10.25
CA GLY A 27 2.13 15.92 8.93
C GLY A 27 2.58 14.45 8.89
N LYS A 28 2.52 13.69 9.99
CA LYS A 28 3.01 12.30 10.05
C LYS A 28 2.26 11.31 9.14
N HIS A 29 2.98 10.34 8.59
CA HIS A 29 2.53 9.37 7.59
C HIS A 29 3.23 8.01 7.80
N TYR A 30 2.49 6.90 7.72
CA TYR A 30 2.96 5.56 8.13
C TYR A 30 2.97 4.48 7.03
N GLY A 31 3.09 4.88 5.76
CA GLY A 31 3.16 3.96 4.62
C GLY A 31 3.95 4.54 3.44
N ILE A 32 4.02 3.75 2.37
CA ILE A 32 4.42 4.17 1.02
C ILE A 32 3.14 4.38 0.20
N ASP A 33 3.13 5.34 -0.74
CA ASP A 33 2.05 5.47 -1.72
C ASP A 33 2.55 5.34 -3.15
N PHE A 34 1.78 4.69 -4.03
CA PHE A 34 2.08 4.52 -5.46
C PHE A 34 1.08 5.19 -6.41
N ALA A 35 1.53 6.09 -7.29
CA ALA A 35 0.66 6.87 -8.18
C ALA A 35 0.21 6.03 -9.37
N LEU A 36 -1.10 5.75 -9.46
CA LEU A 36 -1.63 4.76 -10.41
C LEU A 36 -2.75 5.31 -11.31
N PRO A 37 -2.89 4.75 -12.54
CA PRO A 37 -4.16 4.71 -13.24
C PRO A 37 -5.16 3.81 -12.49
N LYS A 38 -6.40 4.28 -12.38
CA LYS A 38 -7.50 3.58 -11.70
C LYS A 38 -7.67 2.16 -12.25
N GLY A 39 -7.91 1.19 -11.36
CA GLY A 39 -8.13 -0.21 -11.75
C GLY A 39 -6.86 -1.03 -12.03
N THR A 40 -5.66 -0.44 -11.94
CA THR A 40 -4.41 -1.23 -11.90
C THR A 40 -4.48 -2.33 -10.84
N PRO A 41 -4.24 -3.61 -11.21
CA PRO A 41 -4.25 -4.70 -10.25
C PRO A 41 -3.02 -4.64 -9.34
N ILE A 42 -3.28 -4.69 -8.03
CA ILE A 42 -2.28 -4.72 -6.96
C ILE A 42 -1.81 -6.16 -6.75
N LYS A 43 -0.50 -6.39 -6.70
CA LYS A 43 0.13 -7.72 -6.56
C LYS A 43 0.70 -7.90 -5.14
N ALA A 44 0.84 -9.14 -4.67
CA ALA A 44 1.47 -9.44 -3.38
C ALA A 44 3.02 -9.32 -3.46
N PRO A 45 3.71 -8.62 -2.54
CA PRO A 45 5.18 -8.56 -2.51
C PRO A 45 5.83 -9.89 -2.09
N THR A 46 5.20 -10.60 -1.18
CA THR A 46 5.72 -11.78 -0.47
C THR A 46 4.60 -12.83 -0.47
N ASN A 47 4.95 -14.09 -0.21
CA ASN A 47 3.94 -15.11 0.05
C ASN A 47 3.29 -14.80 1.42
N GLY A 48 1.98 -14.96 1.54
CA GLY A 48 1.27 -14.72 2.80
C GLY A 48 -0.17 -15.21 2.78
N LYS A 49 -0.99 -14.73 3.72
CA LYS A 49 -2.43 -15.04 3.80
C LYS A 49 -3.21 -13.87 4.38
N VAL A 50 -4.44 -13.65 3.91
CA VAL A 50 -5.33 -12.57 4.39
C VAL A 50 -5.84 -12.79 5.81
N THR A 51 -5.69 -11.79 6.68
CA THR A 51 -6.13 -11.84 8.09
C THR A 51 -7.43 -11.06 8.32
N ARG A 52 -7.57 -9.91 7.65
CA ARG A 52 -8.63 -8.90 7.89
C ARG A 52 -9.02 -8.16 6.61
N ILE A 53 -10.30 -7.86 6.42
CA ILE A 53 -10.84 -7.11 5.28
C ILE A 53 -11.95 -6.14 5.75
N PHE A 54 -11.82 -4.86 5.40
CA PHE A 54 -12.78 -3.81 5.78
C PHE A 54 -12.74 -2.55 4.91
N ASN A 55 -13.74 -1.68 5.03
CA ASN A 55 -13.68 -0.27 4.64
C ASN A 55 -13.72 0.62 5.91
N ASN A 56 -13.36 1.90 5.79
CA ASN A 56 -13.37 2.85 6.92
C ASN A 56 -13.79 4.28 6.50
N GLU A 57 -14.02 5.15 7.48
CA GLU A 57 -14.72 6.45 7.34
C GLU A 57 -14.11 7.40 6.29
N LEU A 58 -12.79 7.36 6.06
CA LEU A 58 -12.10 8.19 5.06
C LEU A 58 -11.02 7.45 4.25
N GLY A 59 -10.60 6.25 4.67
CA GLY A 59 -9.55 5.47 3.99
C GLY A 59 -9.99 4.72 2.72
N GLY A 60 -11.29 4.66 2.42
CA GLY A 60 -11.84 3.80 1.37
C GLY A 60 -11.92 2.34 1.81
N LYS A 61 -11.78 1.40 0.85
CA LYS A 61 -11.51 -0.01 1.15
C LYS A 61 -10.07 -0.24 1.66
N VAL A 62 -9.90 -1.26 2.49
CA VAL A 62 -8.65 -1.75 3.09
C VAL A 62 -8.51 -3.28 3.03
N LEU A 63 -7.31 -3.76 2.68
CA LEU A 63 -6.93 -5.17 2.71
C LEU A 63 -5.82 -5.41 3.74
N GLN A 64 -5.92 -6.47 4.55
CA GLN A 64 -4.90 -6.83 5.53
C GLN A 64 -4.31 -8.24 5.33
N ILE A 65 -2.98 -8.34 5.20
CA ILE A 65 -2.24 -9.60 4.97
C ILE A 65 -1.17 -9.84 6.05
N ALA A 66 -0.93 -11.12 6.37
CA ALA A 66 0.08 -11.62 7.30
C ALA A 66 1.15 -12.47 6.58
N GLU A 67 2.43 -12.30 6.93
CA GLU A 67 3.57 -13.02 6.32
C GLU A 67 3.95 -14.35 7.01
N ASP A 68 4.66 -15.22 6.29
CA ASP A 68 5.16 -16.52 6.79
C ASP A 68 6.22 -16.49 7.91
N ASN A 69 6.78 -15.32 8.20
CA ASN A 69 7.60 -15.07 9.39
C ASN A 69 6.77 -14.90 10.68
N GLY A 70 5.45 -14.68 10.57
CA GLY A 70 4.52 -14.53 11.69
C GLY A 70 4.63 -13.22 12.50
N GLU A 71 5.57 -12.33 12.17
CA GLU A 71 5.80 -11.07 12.87
C GLU A 71 5.14 -9.91 12.12
N TYR A 72 5.34 -9.88 10.80
CA TYR A 72 4.90 -8.82 9.89
C TYR A 72 3.45 -8.84 9.41
N HIS A 73 2.91 -7.63 9.23
CA HIS A 73 1.61 -7.36 8.62
C HIS A 73 1.71 -6.30 7.53
N GLN A 74 0.81 -6.42 6.57
CA GLN A 74 0.64 -5.51 5.45
C GLN A 74 -0.78 -4.93 5.51
N TRP A 75 -0.90 -3.61 5.39
CA TRP A 75 -2.12 -2.93 4.95
C TRP A 75 -1.99 -2.41 3.51
N TYR A 76 -3.12 -2.34 2.81
CA TYR A 76 -3.30 -1.72 1.50
C TYR A 76 -4.59 -0.89 1.59
N LEU A 77 -4.47 0.44 1.51
CA LEU A 77 -5.62 1.35 1.49
C LEU A 77 -5.83 1.95 0.09
N HIS A 78 -7.05 2.45 -0.15
CA HIS A 78 -7.53 3.04 -1.41
C HIS A 78 -7.67 2.00 -2.55
N LEU A 79 -8.45 0.96 -2.26
CA LEU A 79 -8.85 -0.09 -3.21
C LEU A 79 -10.28 0.15 -3.73
N ASP A 80 -10.62 -0.42 -4.90
CA ASP A 80 -11.98 -0.40 -5.48
C ASP A 80 -12.67 -1.76 -5.39
N LYS A 81 -11.93 -2.85 -5.63
CA LYS A 81 -12.40 -4.24 -5.60
C LYS A 81 -11.32 -5.18 -5.07
N TYR A 82 -11.75 -6.25 -4.40
CA TYR A 82 -10.88 -7.32 -3.88
C TYR A 82 -10.78 -8.51 -4.85
N ASN A 83 -9.62 -9.16 -4.90
CA ASN A 83 -9.41 -10.43 -5.62
C ASN A 83 -9.26 -11.62 -4.65
N VAL A 84 -9.01 -11.35 -3.36
CA VAL A 84 -8.92 -12.36 -2.29
C VAL A 84 -9.92 -12.07 -1.16
N LYS A 85 -10.10 -13.06 -0.29
CA LYS A 85 -10.96 -13.05 0.90
C LYS A 85 -10.18 -13.38 2.18
N VAL A 86 -10.77 -13.11 3.34
CA VAL A 86 -10.21 -13.43 4.66
C VAL A 86 -9.92 -14.94 4.71
N GLY A 87 -8.68 -15.27 5.01
CA GLY A 87 -8.18 -16.65 5.14
C GLY A 87 -7.70 -17.29 3.83
N ASP A 88 -7.45 -16.53 2.76
CA ASP A 88 -6.92 -17.09 1.51
C ASP A 88 -5.40 -16.89 1.47
N ARG A 89 -4.68 -17.93 1.06
CA ARG A 89 -3.23 -17.88 0.77
C ARG A 89 -2.90 -17.22 -0.55
N VAL A 90 -1.77 -16.51 -0.57
CA VAL A 90 -1.17 -15.82 -1.71
C VAL A 90 0.33 -16.12 -1.82
N LYS A 91 0.89 -15.87 -3.01
CA LYS A 91 2.31 -16.01 -3.37
C LYS A 91 2.79 -14.68 -3.92
N ALA A 92 4.04 -14.33 -3.64
CA ALA A 92 4.75 -13.18 -4.19
C ALA A 92 4.55 -13.05 -5.71
N GLY A 93 3.85 -11.99 -6.13
CA GLY A 93 3.57 -11.66 -7.53
C GLY A 93 2.11 -11.90 -7.98
N ASP A 94 1.23 -12.44 -7.13
CA ASP A 94 -0.19 -12.69 -7.42
C ASP A 94 -1.15 -11.52 -7.13
N ILE A 95 -2.19 -11.33 -7.95
CA ILE A 95 -3.17 -10.25 -7.76
C ILE A 95 -4.04 -10.47 -6.53
N ILE A 96 -4.16 -9.44 -5.70
CA ILE A 96 -4.94 -9.44 -4.46
C ILE A 96 -6.11 -8.44 -4.48
N ALA A 97 -6.06 -7.40 -5.31
CA ALA A 97 -7.07 -6.33 -5.39
C ALA A 97 -6.80 -5.41 -6.59
N TYR A 98 -7.64 -4.37 -6.76
CA TYR A 98 -7.47 -3.35 -7.80
C TYR A 98 -7.56 -1.97 -7.13
N SER A 99 -6.65 -1.06 -7.50
CA SER A 99 -6.60 0.32 -6.97
C SER A 99 -7.85 1.12 -7.34
N GLY A 100 -8.27 2.04 -6.45
CA GLY A 100 -9.39 2.94 -6.70
C GLY A 100 -9.30 4.23 -5.90
N ASN A 101 -9.86 5.31 -6.43
CA ASN A 101 -9.83 6.65 -5.82
C ASN A 101 -10.86 6.80 -4.68
N THR A 102 -11.09 5.73 -3.91
CA THR A 102 -12.20 5.52 -2.96
C THR A 102 -12.04 6.14 -1.57
N GLY A 103 -10.82 6.55 -1.21
CA GLY A 103 -10.46 7.15 0.08
C GLY A 103 -9.58 8.40 -0.05
N ILE A 104 -9.77 9.17 -1.13
CA ILE A 104 -8.83 10.21 -1.59
C ILE A 104 -9.52 11.58 -1.76
N GLN A 105 -8.84 12.64 -1.29
CA GLN A 105 -9.33 14.02 -1.20
C GLN A 105 -9.71 14.66 -2.54
N THR A 106 -8.98 14.32 -3.61
CA THR A 106 -9.25 14.62 -5.03
C THR A 106 -8.89 13.39 -5.88
N THR A 107 -8.54 13.54 -7.17
CA THR A 107 -8.10 12.43 -8.04
C THR A 107 -6.66 11.94 -7.83
N GLY A 108 -6.40 10.66 -8.08
CA GLY A 108 -5.04 10.08 -8.10
C GLY A 108 -4.96 8.57 -7.88
N ALA A 109 -6.01 7.94 -7.33
CA ALA A 109 -6.18 6.49 -7.16
C ALA A 109 -5.02 5.72 -6.48
N HIS A 110 -4.16 6.42 -5.73
CA HIS A 110 -2.86 5.88 -5.32
C HIS A 110 -2.95 4.76 -4.27
N LEU A 111 -2.20 3.66 -4.50
CA LEU A 111 -2.13 2.53 -3.56
C LEU A 111 -1.29 2.92 -2.34
N HIS A 112 -1.88 2.96 -1.14
CA HIS A 112 -1.16 3.16 0.13
C HIS A 112 -0.78 1.82 0.76
N PHE A 113 0.48 1.39 0.57
CA PHE A 113 1.08 0.23 1.22
C PHE A 113 1.76 0.51 2.57
N GLN A 114 1.16 0.03 3.66
CA GLN A 114 1.65 0.23 5.03
C GLN A 114 2.14 -1.08 5.63
N ARG A 115 3.43 -1.14 5.97
CA ARG A 115 4.12 -2.33 6.53
C ARG A 115 4.32 -2.17 8.04
N MET A 116 3.86 -3.16 8.81
CA MET A 116 3.78 -3.13 10.27
C MET A 116 4.42 -4.38 10.89
N LYS A 117 4.98 -4.26 12.09
CA LYS A 117 5.73 -5.31 12.80
C LYS A 117 5.13 -5.56 14.18
N GLY A 118 4.89 -6.82 14.54
CA GLY A 118 4.37 -7.21 15.87
C GLY A 118 2.90 -6.87 16.14
N GLY A 119 2.20 -6.23 15.20
CA GLY A 119 0.80 -5.82 15.32
C GLY A 119 0.30 -5.05 14.09
N VAL A 120 -0.89 -4.46 14.21
CA VAL A 120 -1.57 -3.73 13.12
C VAL A 120 -2.14 -2.39 13.58
N GLY A 121 -1.63 -1.28 13.03
CA GLY A 121 -1.92 0.11 13.39
C GLY A 121 -0.77 1.03 13.03
N ASN A 122 -0.98 2.35 13.04
CA ASN A 122 0.09 3.33 12.77
C ASN A 122 1.28 3.20 13.73
N ALA A 123 1.03 2.97 15.02
CA ALA A 123 2.08 2.73 16.00
C ALA A 123 2.91 1.44 15.76
N TYR A 124 2.40 0.51 14.95
CA TYR A 124 3.09 -0.73 14.57
C TYR A 124 3.98 -0.65 13.33
N ALA A 125 3.87 0.43 12.57
CA ALA A 125 4.60 0.65 11.33
C ALA A 125 6.15 0.69 11.50
N GLU A 126 6.87 0.28 10.46
CA GLU A 126 8.34 0.28 10.38
C GLU A 126 8.91 0.93 9.11
N ASP A 127 9.09 0.17 8.04
CA ASP A 127 9.85 0.59 6.84
C ASP A 127 9.56 -0.21 5.57
N PRO A 128 8.66 0.28 4.69
CA PRO A 128 8.33 -0.41 3.46
C PRO A 128 9.41 -0.29 2.36
N LYS A 129 10.14 0.84 2.23
CA LYS A 129 11.11 1.04 1.14
C LYS A 129 12.19 -0.05 1.01
N PRO A 130 12.97 -0.36 2.06
CA PRO A 130 14.04 -1.35 2.02
C PRO A 130 13.50 -2.78 1.83
N PHE A 131 12.27 -3.03 2.27
CA PHE A 131 11.51 -4.24 1.98
C PHE A 131 11.07 -4.46 0.53
N ILE A 132 10.66 -3.38 -0.15
CA ILE A 132 10.35 -3.41 -1.58
C ILE A 132 11.63 -3.56 -2.41
N ASP A 133 12.69 -2.86 -2.03
CA ASP A 133 13.97 -2.80 -2.76
C ASP A 133 14.80 -4.09 -2.83
N GLN A 134 14.36 -5.13 -2.14
CA GLN A 134 14.96 -6.48 -2.08
C GLN A 134 14.06 -7.57 -2.70
N LEU A 135 12.86 -7.20 -3.12
CA LEU A 135 11.95 -8.05 -3.89
C LEU A 135 12.55 -8.46 -5.25
N PRO A 136 12.10 -9.58 -5.85
CA PRO A 136 12.55 -10.04 -7.16
C PRO A 136 12.38 -8.99 -8.26
N ASP A 137 11.19 -8.38 -8.36
CA ASP A 137 10.85 -7.40 -9.40
C ASP A 137 10.86 -5.94 -8.86
N GLY A 138 11.28 -5.73 -7.60
CA GLY A 138 11.14 -4.44 -6.92
C GLY A 138 9.68 -4.05 -6.70
N GLU A 139 9.37 -2.75 -6.80
CA GLU A 139 8.01 -2.22 -6.64
C GLU A 139 6.99 -2.77 -7.65
N ARG A 140 7.44 -3.30 -8.80
CA ARG A 140 6.60 -4.02 -9.78
C ARG A 140 6.00 -5.31 -9.24
N SER A 141 6.44 -5.78 -8.06
CA SER A 141 5.82 -6.91 -7.36
C SER A 141 4.66 -6.46 -6.46
N LEU A 142 4.26 -5.18 -6.48
CA LEU A 142 3.12 -4.63 -5.76
C LEU A 142 2.05 -4.04 -6.70
N TYR A 143 2.36 -3.74 -7.97
CA TYR A 143 1.39 -3.22 -8.95
C TYR A 143 1.73 -3.66 -10.38
N ASP A 144 0.75 -3.65 -11.29
CA ASP A 144 0.95 -4.12 -12.68
C ASP A 144 0.87 -3.00 -13.74
N LEU A 145 2.02 -2.38 -14.04
CA LEU A 145 2.19 -1.40 -15.12
C LEU A 145 3.14 -1.93 -16.20
ZN ZN B . 0.11 8.09 1.67
N GLY A 1 0.73 16.80 -16.60
CA GLY A 1 -0.72 16.97 -16.50
C GLY A 1 -1.14 18.41 -16.76
N SER A 2 -2.40 18.72 -16.46
CA SER A 2 -3.01 20.05 -16.69
C SER A 2 -2.51 21.18 -15.77
N LYS A 3 -1.82 20.85 -14.67
CA LYS A 3 -1.32 21.79 -13.64
C LYS A 3 0.21 21.92 -13.62
N TRP A 4 0.93 20.82 -13.84
CA TRP A 4 2.40 20.74 -13.79
C TRP A 4 2.95 19.60 -14.66
N GLU A 5 4.26 19.60 -14.93
CA GLU A 5 4.89 18.59 -15.80
C GLU A 5 5.08 17.23 -15.11
N ASP A 6 4.58 16.17 -15.75
CA ASP A 6 4.91 14.79 -15.41
C ASP A 6 6.23 14.33 -16.04
N PHE A 7 7.35 14.49 -15.31
CA PHE A 7 8.68 14.09 -15.75
C PHE A 7 9.01 12.60 -15.71
N PHE A 8 10.16 12.23 -16.29
CA PHE A 8 10.68 10.88 -16.51
C PHE A 8 10.97 9.93 -15.32
N ARG A 9 10.35 10.16 -14.16
CA ARG A 9 10.48 9.31 -12.96
C ARG A 9 10.08 7.86 -13.24
N GLY A 10 10.94 6.91 -12.86
CA GLY A 10 10.68 5.48 -12.93
C GLY A 10 10.10 4.89 -11.63
N SER A 11 10.32 5.52 -10.48
CA SER A 11 9.65 5.17 -9.22
C SER A 11 8.43 6.05 -8.93
N ARG A 12 7.26 5.41 -8.73
CA ARG A 12 5.93 6.06 -8.77
C ARG A 12 5.48 6.76 -7.48
N ILE A 13 6.33 6.82 -6.47
CA ILE A 13 5.95 7.21 -5.10
C ILE A 13 5.63 8.71 -4.98
N THR A 14 4.42 9.04 -4.51
CA THR A 14 4.01 10.40 -4.08
C THR A 14 4.53 10.80 -2.70
N GLU A 15 4.50 9.89 -1.72
CA GLU A 15 4.99 10.08 -0.36
C GLU A 15 5.59 8.79 0.25
N THR A 16 6.74 8.93 0.91
CA THR A 16 7.44 7.87 1.67
C THR A 16 7.23 8.13 3.18
N PHE A 17 8.01 7.49 4.06
CA PHE A 17 7.64 7.32 5.47
C PHE A 17 8.12 8.55 6.29
N GLY A 18 7.30 8.98 7.25
CA GLY A 18 7.52 10.13 8.14
C GLY A 18 6.68 11.34 7.76
N LYS A 19 7.07 12.55 8.19
CA LYS A 19 6.30 13.79 8.01
C LYS A 19 6.01 14.11 6.54
N TYR A 20 4.92 14.84 6.29
CA TYR A 20 4.50 15.26 4.95
C TYR A 20 5.23 16.51 4.40
N GLN A 21 5.44 16.59 3.08
CA GLN A 21 5.97 17.80 2.43
C GLN A 21 4.90 18.90 2.28
N HIS A 22 3.70 18.54 1.83
CA HIS A 22 2.50 19.38 1.74
C HIS A 22 1.25 18.51 1.78
N SER A 23 0.38 18.72 2.76
CA SER A 23 -0.87 17.97 2.97
C SER A 23 -1.81 18.71 3.94
N PRO A 24 -3.08 18.29 4.09
CA PRO A 24 -3.95 18.75 5.16
C PRO A 24 -3.71 18.07 6.53
N PHE A 25 -2.73 17.16 6.66
CA PHE A 25 -2.53 16.35 7.87
C PHE A 25 -1.70 17.05 8.96
N ASP A 26 -2.00 16.76 10.23
CA ASP A 26 -1.10 17.03 11.37
C ASP A 26 -0.12 15.90 11.71
N GLY A 27 -0.56 14.65 11.53
CA GLY A 27 0.26 13.47 11.80
C GLY A 27 1.29 13.18 10.70
N LYS A 28 2.00 12.06 10.85
CA LYS A 28 2.98 11.53 9.88
C LYS A 28 2.33 10.59 8.86
N HIS A 29 3.06 10.29 7.79
CA HIS A 29 2.81 9.15 6.91
C HIS A 29 3.52 7.89 7.44
N TYR A 30 2.87 6.73 7.38
CA TYR A 30 3.34 5.46 7.93
C TYR A 30 3.50 4.33 6.90
N GLY A 31 3.67 4.69 5.63
CA GLY A 31 3.71 3.76 4.50
C GLY A 31 4.38 4.32 3.26
N ILE A 32 4.05 3.74 2.10
CA ILE A 32 4.52 4.09 0.77
C ILE A 32 3.30 4.33 -0.15
N ASP A 33 3.29 5.41 -0.92
CA ASP A 33 2.16 5.80 -1.80
C ASP A 33 2.43 5.71 -3.32
N PHE A 34 2.06 4.61 -3.99
CA PHE A 34 2.22 4.42 -5.44
C PHE A 34 1.17 5.12 -6.32
N ALA A 35 1.54 6.15 -7.08
CA ALA A 35 0.63 6.80 -8.03
C ALA A 35 0.25 5.86 -9.17
N LEU A 36 -1.02 5.47 -9.27
CA LEU A 36 -1.49 4.46 -10.22
C LEU A 36 -2.70 4.94 -11.04
N PRO A 37 -2.83 4.50 -12.31
CA PRO A 37 -4.09 4.59 -13.02
C PRO A 37 -5.16 3.73 -12.35
N LYS A 38 -6.37 4.28 -12.20
CA LYS A 38 -7.47 3.63 -11.48
C LYS A 38 -7.86 2.30 -12.14
N GLY A 39 -7.96 1.25 -11.32
CA GLY A 39 -8.23 -0.13 -11.73
C GLY A 39 -7.00 -1.02 -11.92
N THR A 40 -5.77 -0.49 -11.87
CA THR A 40 -4.54 -1.33 -11.81
C THR A 40 -4.59 -2.39 -10.71
N PRO A 41 -4.36 -3.68 -11.04
CA PRO A 41 -4.23 -4.72 -10.05
C PRO A 41 -2.96 -4.56 -9.20
N ILE A 42 -3.13 -4.75 -7.89
CA ILE A 42 -2.06 -4.82 -6.90
C ILE A 42 -1.66 -6.29 -6.73
N LYS A 43 -0.37 -6.59 -6.85
CA LYS A 43 0.21 -7.94 -6.69
C LYS A 43 0.76 -8.10 -5.26
N ALA A 44 0.71 -9.32 -4.72
CA ALA A 44 1.34 -9.62 -3.44
C ALA A 44 2.88 -9.46 -3.54
N PRO A 45 3.55 -8.66 -2.69
CA PRO A 45 5.02 -8.52 -2.68
C PRO A 45 5.70 -9.82 -2.24
N THR A 46 5.11 -10.48 -1.24
CA THR A 46 5.56 -11.71 -0.59
C THR A 46 4.50 -12.80 -0.73
N ASN A 47 4.85 -14.04 -0.45
CA ASN A 47 3.85 -15.02 -0.03
C ASN A 47 3.28 -14.65 1.36
N GLY A 48 1.99 -14.92 1.57
CA GLY A 48 1.27 -14.67 2.84
C GLY A 48 -0.16 -15.20 2.88
N LYS A 49 -1.02 -14.66 3.75
CA LYS A 49 -2.46 -14.99 3.89
C LYS A 49 -3.29 -13.80 4.39
N VAL A 50 -4.52 -13.66 3.91
CA VAL A 50 -5.42 -12.58 4.33
C VAL A 50 -5.92 -12.71 5.78
N THR A 51 -5.74 -11.65 6.57
CA THR A 51 -6.20 -11.56 7.97
C THR A 51 -7.55 -10.89 8.17
N ARG A 52 -7.78 -9.80 7.44
CA ARG A 52 -8.87 -8.85 7.69
C ARG A 52 -9.17 -8.03 6.44
N ILE A 53 -10.45 -7.73 6.22
CA ILE A 53 -10.96 -7.01 5.04
C ILE A 53 -12.09 -6.07 5.49
N PHE A 54 -11.94 -4.76 5.22
CA PHE A 54 -12.92 -3.75 5.65
C PHE A 54 -12.98 -2.45 4.81
N ASN A 55 -14.02 -1.64 4.98
CA ASN A 55 -14.06 -0.21 4.59
C ASN A 55 -14.29 0.67 5.84
N ASN A 56 -13.62 1.83 5.89
CA ASN A 56 -13.76 2.85 6.94
C ASN A 56 -14.64 4.03 6.47
N GLU A 57 -15.64 4.42 7.27
CA GLU A 57 -16.56 5.52 6.96
C GLU A 57 -15.88 6.91 6.84
N LEU A 58 -14.71 7.09 7.44
CA LEU A 58 -13.85 8.29 7.31
C LEU A 58 -12.50 7.95 6.66
N GLY A 59 -12.51 6.96 5.78
CA GLY A 59 -11.38 6.54 4.96
C GLY A 59 -11.88 5.94 3.64
N GLY A 60 -11.42 4.74 3.31
CA GLY A 60 -11.91 3.95 2.18
C GLY A 60 -11.75 2.45 2.43
N LYS A 61 -11.73 1.66 1.35
CA LYS A 61 -11.46 0.22 1.42
C LYS A 61 -10.04 -0.11 1.88
N VAL A 62 -9.90 -1.21 2.60
CA VAL A 62 -8.67 -1.74 3.16
C VAL A 62 -8.54 -3.27 3.09
N LEU A 63 -7.35 -3.75 2.77
CA LEU A 63 -6.97 -5.17 2.82
C LEU A 63 -5.85 -5.37 3.84
N GLN A 64 -5.97 -6.41 4.68
CA GLN A 64 -4.89 -6.82 5.60
C GLN A 64 -4.32 -8.21 5.26
N ILE A 65 -3.00 -8.33 5.08
CA ILE A 65 -2.29 -9.62 4.86
C ILE A 65 -1.23 -9.88 5.94
N ALA A 66 -1.03 -11.15 6.30
CA ALA A 66 -0.04 -11.67 7.24
C ALA A 66 1.11 -12.42 6.52
N GLU A 67 2.35 -12.12 6.88
CA GLU A 67 3.56 -12.79 6.37
C GLU A 67 3.89 -14.13 7.06
N ASP A 68 4.66 -14.98 6.36
CA ASP A 68 4.95 -16.37 6.72
C ASP A 68 5.65 -16.67 8.05
N ASN A 69 6.61 -15.83 8.47
CA ASN A 69 7.28 -15.96 9.76
C ASN A 69 6.40 -15.55 10.97
N GLY A 70 5.23 -14.95 10.75
CA GLY A 70 4.18 -14.78 11.77
C GLY A 70 4.26 -13.54 12.67
N GLU A 71 5.01 -12.51 12.28
CA GLU A 71 5.15 -11.25 13.03
C GLU A 71 4.80 -10.01 12.19
N TYR A 72 5.06 -10.05 10.88
CA TYR A 72 4.72 -9.00 9.92
C TYR A 72 3.30 -8.97 9.35
N HIS A 73 2.77 -7.76 9.17
CA HIS A 73 1.47 -7.43 8.58
C HIS A 73 1.62 -6.40 7.44
N GLN A 74 0.67 -6.40 6.52
CA GLN A 74 0.65 -5.61 5.30
C GLN A 74 -0.75 -5.01 5.05
N TRP A 75 -0.90 -3.71 5.29
CA TRP A 75 -2.11 -2.96 4.92
C TRP A 75 -2.01 -2.42 3.49
N TYR A 76 -3.16 -2.37 2.81
CA TYR A 76 -3.34 -1.78 1.48
C TYR A 76 -4.57 -0.88 1.52
N LEU A 77 -4.37 0.44 1.45
CA LEU A 77 -5.44 1.45 1.43
C LEU A 77 -5.65 2.00 -0.01
N HIS A 78 -6.81 2.65 -0.23
CA HIS A 78 -7.31 3.16 -1.52
C HIS A 78 -7.46 2.05 -2.59
N LEU A 79 -8.33 1.08 -2.29
CA LEU A 79 -8.69 -0.03 -3.19
C LEU A 79 -10.06 0.20 -3.86
N ASP A 80 -10.18 -0.16 -5.15
CA ASP A 80 -11.42 -0.14 -5.94
C ASP A 80 -12.23 -1.40 -5.62
N LYS A 81 -11.54 -2.55 -5.66
CA LYS A 81 -12.09 -3.89 -5.72
C LYS A 81 -11.14 -4.91 -5.09
N TYR A 82 -11.69 -5.99 -4.51
CA TYR A 82 -10.92 -7.10 -3.93
C TYR A 82 -10.82 -8.30 -4.88
N ASN A 83 -9.67 -8.98 -4.89
CA ASN A 83 -9.50 -10.25 -5.60
C ASN A 83 -9.54 -11.46 -4.65
N VAL A 84 -9.12 -11.30 -3.39
CA VAL A 84 -9.06 -12.36 -2.35
C VAL A 84 -10.10 -12.14 -1.24
N LYS A 85 -10.22 -13.11 -0.33
CA LYS A 85 -11.12 -13.10 0.85
C LYS A 85 -10.35 -13.45 2.14
N VAL A 86 -10.92 -13.14 3.31
CA VAL A 86 -10.32 -13.42 4.63
C VAL A 86 -10.03 -14.92 4.74
N GLY A 87 -8.80 -15.20 5.14
CA GLY A 87 -8.29 -16.54 5.43
C GLY A 87 -7.63 -17.26 4.25
N ASP A 88 -7.47 -16.61 3.09
CA ASP A 88 -6.94 -17.21 1.86
C ASP A 88 -5.44 -17.00 1.67
N ARG A 89 -4.74 -18.05 1.25
CA ARG A 89 -3.28 -18.06 1.09
C ARG A 89 -2.84 -17.55 -0.28
N VAL A 90 -1.84 -16.68 -0.29
CA VAL A 90 -1.30 -16.01 -1.49
C VAL A 90 0.19 -16.29 -1.64
N LYS A 91 0.68 -16.11 -2.87
CA LYS A 91 2.08 -16.27 -3.28
C LYS A 91 2.51 -15.01 -4.01
N ALA A 92 3.76 -14.61 -3.83
CA ALA A 92 4.33 -13.42 -4.44
C ALA A 92 4.06 -13.33 -5.95
N GLY A 93 3.56 -12.17 -6.36
CA GLY A 93 3.21 -11.84 -7.75
C GLY A 93 1.75 -12.15 -8.14
N ASP A 94 0.96 -12.73 -7.24
CA ASP A 94 -0.48 -12.94 -7.41
C ASP A 94 -1.33 -11.69 -7.15
N ILE A 95 -2.36 -11.42 -7.95
CA ILE A 95 -3.28 -10.30 -7.73
C ILE A 95 -4.16 -10.52 -6.49
N ILE A 96 -4.14 -9.53 -5.60
CA ILE A 96 -4.92 -9.52 -4.34
C ILE A 96 -6.09 -8.50 -4.37
N ALA A 97 -5.98 -7.44 -5.17
CA ALA A 97 -6.94 -6.35 -5.25
C ALA A 97 -6.62 -5.43 -6.44
N TYR A 98 -7.38 -4.35 -6.61
CA TYR A 98 -7.18 -3.35 -7.66
C TYR A 98 -7.31 -1.98 -6.98
N SER A 99 -6.44 -1.01 -7.28
CA SER A 99 -6.44 0.31 -6.63
C SER A 99 -7.46 1.29 -7.24
N GLY A 100 -8.07 2.13 -6.40
CA GLY A 100 -9.11 3.08 -6.78
C GLY A 100 -9.37 4.16 -5.73
N ASN A 101 -10.08 5.21 -6.12
CA ASN A 101 -10.18 6.47 -5.36
C ASN A 101 -11.13 6.43 -4.13
N THR A 102 -11.52 5.23 -3.67
CA THR A 102 -12.47 4.99 -2.56
C THR A 102 -12.10 5.53 -1.18
N GLY A 103 -10.82 5.86 -0.99
CA GLY A 103 -10.26 6.44 0.24
C GLY A 103 -9.56 7.78 -0.01
N ILE A 104 -10.01 8.55 -1.00
CA ILE A 104 -9.44 9.85 -1.43
C ILE A 104 -10.57 10.83 -1.73
N GLN A 105 -10.35 12.13 -1.48
CA GLN A 105 -11.28 13.20 -1.83
C GLN A 105 -11.25 13.48 -3.35
N THR A 106 -12.25 12.96 -4.06
CA THR A 106 -12.49 13.15 -5.51
C THR A 106 -11.48 12.61 -6.51
N THR A 107 -10.28 13.21 -6.55
CA THR A 107 -9.35 13.16 -7.69
C THR A 107 -8.22 12.14 -7.61
N GLY A 108 -8.09 11.29 -8.63
CA GLY A 108 -6.98 10.35 -8.80
C GLY A 108 -6.95 9.20 -7.78
N ALA A 109 -6.01 8.26 -7.99
CA ALA A 109 -5.81 7.09 -7.14
C ALA A 109 -4.32 6.79 -6.91
N HIS A 110 -3.98 6.28 -5.71
CA HIS A 110 -2.65 5.79 -5.38
C HIS A 110 -2.70 4.67 -4.33
N LEU A 111 -1.94 3.58 -4.51
CA LEU A 111 -1.89 2.46 -3.55
C LEU A 111 -1.02 2.83 -2.35
N HIS A 112 -1.62 2.85 -1.16
CA HIS A 112 -0.92 3.06 0.12
C HIS A 112 -0.58 1.71 0.76
N PHE A 113 0.68 1.28 0.60
CA PHE A 113 1.25 0.11 1.27
C PHE A 113 1.92 0.41 2.61
N GLN A 114 1.35 -0.09 3.69
CA GLN A 114 1.81 0.11 5.06
C GLN A 114 2.21 -1.23 5.68
N ARG A 115 3.50 -1.43 5.95
CA ARG A 115 4.04 -2.67 6.53
C ARG A 115 4.29 -2.49 8.03
N MET A 116 3.75 -3.40 8.82
CA MET A 116 3.68 -3.33 10.30
C MET A 116 4.24 -4.57 10.97
N LYS A 117 4.72 -4.45 12.20
CA LYS A 117 5.39 -5.53 12.94
C LYS A 117 4.82 -5.72 14.35
N GLY A 118 4.52 -6.97 14.71
CA GLY A 118 4.01 -7.33 16.05
C GLY A 118 2.54 -6.96 16.29
N GLY A 119 1.85 -6.47 15.26
CA GLY A 119 0.46 -6.02 15.28
C GLY A 119 0.16 -5.05 14.14
N VAL A 120 -0.91 -4.28 14.28
CA VAL A 120 -1.49 -3.44 13.21
C VAL A 120 -1.83 -2.04 13.70
N GLY A 121 -1.47 -1.01 12.92
CA GLY A 121 -1.69 0.41 13.21
C GLY A 121 -0.50 1.28 12.82
N ASN A 122 -0.65 2.60 12.89
CA ASN A 122 0.40 3.58 12.61
C ASN A 122 1.69 3.37 13.44
N ALA A 123 1.58 3.24 14.76
CA ALA A 123 2.74 2.95 15.61
C ALA A 123 3.31 1.53 15.46
N TYR A 124 2.55 0.60 14.88
CA TYR A 124 3.05 -0.72 14.46
C TYR A 124 3.81 -0.71 13.14
N ALA A 125 3.64 0.31 12.31
CA ALA A 125 4.33 0.46 11.04
C ALA A 125 5.84 0.66 11.24
N GLU A 126 6.66 0.13 10.33
CA GLU A 126 8.12 0.17 10.46
C GLU A 126 8.82 0.86 9.29
N ASP A 127 9.02 0.16 8.16
CA ASP A 127 9.82 0.67 7.02
C ASP A 127 9.72 -0.10 5.70
N PRO A 128 8.88 0.36 4.75
CA PRO A 128 8.71 -0.32 3.47
C PRO A 128 9.83 -0.05 2.45
N LYS A 129 10.55 1.09 2.49
CA LYS A 129 11.60 1.37 1.49
C LYS A 129 12.70 0.28 1.41
N PRO A 130 13.33 -0.14 2.53
CA PRO A 130 14.36 -1.18 2.51
C PRO A 130 13.78 -2.57 2.21
N PHE A 131 12.51 -2.79 2.53
CA PHE A 131 11.75 -3.97 2.11
C PHE A 131 11.52 -4.14 0.60
N ILE A 132 11.39 -3.04 -0.15
CA ILE A 132 11.27 -3.07 -1.63
C ILE A 132 12.65 -3.23 -2.30
N ASP A 133 13.73 -2.79 -1.64
CA ASP A 133 15.12 -2.96 -2.09
C ASP A 133 15.61 -4.42 -2.27
N GLN A 134 14.80 -5.39 -1.80
CA GLN A 134 15.03 -6.84 -1.88
C GLN A 134 13.98 -7.59 -2.72
N LEU A 135 12.92 -6.91 -3.17
CA LEU A 135 11.86 -7.50 -3.99
C LEU A 135 12.34 -7.82 -5.42
N PRO A 136 11.80 -8.86 -6.08
CA PRO A 136 12.37 -9.42 -7.31
C PRO A 136 12.37 -8.45 -8.49
N ASP A 137 11.34 -7.61 -8.65
CA ASP A 137 11.27 -6.58 -9.70
C ASP A 137 11.39 -5.16 -9.09
N GLY A 138 11.56 -5.02 -7.76
CA GLY A 138 11.39 -3.76 -7.04
C GLY A 138 9.90 -3.43 -6.80
N GLU A 139 9.51 -2.16 -6.86
CA GLU A 139 8.10 -1.73 -6.69
C GLU A 139 7.13 -2.36 -7.70
N ARG A 140 7.60 -2.74 -8.90
CA ARG A 140 6.83 -3.48 -9.92
C ARG A 140 6.36 -4.87 -9.49
N SER A 141 6.84 -5.36 -8.35
CA SER A 141 6.35 -6.58 -7.69
C SER A 141 5.10 -6.34 -6.83
N LEU A 142 4.66 -5.07 -6.67
CA LEU A 142 3.43 -4.68 -5.98
C LEU A 142 2.30 -4.28 -6.94
N TYR A 143 2.53 -4.04 -8.23
CA TYR A 143 1.50 -3.58 -9.20
C TYR A 143 1.66 -4.16 -10.61
N ASP A 144 0.59 -4.16 -11.43
CA ASP A 144 0.61 -4.75 -12.78
C ASP A 144 0.59 -3.71 -13.93
N LEU A 145 1.75 -3.12 -14.19
CA LEU A 145 1.92 -2.06 -15.20
C LEU A 145 2.97 -2.43 -16.26
ZN ZN B . -0.21 7.09 1.91
N GLY A 1 -4.75 26.95 0.45
CA GLY A 1 -3.96 27.08 -0.81
C GLY A 1 -3.86 25.74 -1.52
N SER A 2 -3.26 25.75 -2.71
CA SER A 2 -3.08 24.58 -3.58
C SER A 2 -2.09 23.56 -2.97
N LYS A 3 -2.52 22.32 -2.82
CA LYS A 3 -1.70 21.17 -2.39
C LYS A 3 -0.54 20.88 -3.37
N TRP A 4 0.51 20.25 -2.85
CA TRP A 4 1.64 19.74 -3.62
C TRP A 4 2.30 18.53 -2.93
N GLU A 5 2.98 17.70 -3.72
CA GLU A 5 3.73 16.51 -3.29
C GLU A 5 5.03 16.37 -4.09
N ASP A 6 6.06 15.76 -3.50
CA ASP A 6 7.34 15.47 -4.18
C ASP A 6 7.49 14.04 -4.72
N PHE A 7 7.82 13.89 -6.00
CA PHE A 7 8.10 12.63 -6.69
C PHE A 7 9.17 12.66 -7.78
N PHE A 8 9.79 11.52 -8.11
CA PHE A 8 10.85 11.41 -9.13
C PHE A 8 10.65 10.35 -10.24
N ARG A 9 11.28 10.59 -11.40
CA ARG A 9 10.96 10.00 -12.71
C ARG A 9 11.17 8.49 -12.82
N GLY A 10 10.45 7.85 -13.75
CA GLY A 10 10.46 6.41 -14.00
C GLY A 10 9.69 5.58 -12.95
N SER A 11 9.92 5.83 -11.66
CA SER A 11 9.25 5.20 -10.52
C SER A 11 7.77 5.63 -10.37
N ARG A 12 6.99 4.93 -9.54
CA ARG A 12 5.57 5.24 -9.28
C ARG A 12 5.25 5.77 -7.87
N ILE A 13 6.23 5.96 -6.99
CA ILE A 13 5.98 6.46 -5.62
C ILE A 13 5.45 7.91 -5.69
N THR A 14 4.45 8.22 -4.86
CA THR A 14 3.82 9.55 -4.71
C THR A 14 3.73 10.07 -3.27
N GLU A 15 3.67 9.17 -2.28
CA GLU A 15 3.84 9.46 -0.85
C GLU A 15 4.86 8.50 -0.21
N THR A 16 5.55 8.94 0.84
CA THR A 16 6.70 8.23 1.45
C THR A 16 6.61 8.32 2.99
N PHE A 17 7.39 7.47 3.68
CA PHE A 17 7.24 7.25 5.13
C PHE A 17 7.84 8.46 5.89
N GLY A 18 7.42 8.64 7.14
CA GLY A 18 7.86 9.72 8.03
C GLY A 18 6.96 10.96 7.93
N LYS A 19 7.49 12.14 8.27
CA LYS A 19 6.73 13.41 8.19
C LYS A 19 6.28 13.71 6.75
N TYR A 20 5.24 14.52 6.60
CA TYR A 20 4.69 14.90 5.30
C TYR A 20 5.67 15.54 4.31
N GLN A 21 5.60 15.20 3.01
CA GLN A 21 6.58 15.66 2.00
C GLN A 21 6.58 17.18 1.77
N HIS A 22 5.48 17.85 2.15
CA HIS A 22 5.26 19.28 2.00
C HIS A 22 5.40 20.07 3.33
N SER A 23 5.89 19.44 4.41
CA SER A 23 5.89 20.02 5.77
C SER A 23 7.09 19.58 6.62
N PRO A 24 7.67 20.48 7.46
CA PRO A 24 8.70 20.13 8.45
C PRO A 24 8.14 19.88 9.87
N PHE A 25 6.86 20.18 10.12
CA PHE A 25 6.20 20.23 11.43
C PHE A 25 6.03 18.79 11.97
N ASP A 26 5.59 18.65 13.23
CA ASP A 26 5.19 17.38 13.82
C ASP A 26 3.88 16.81 13.25
N GLY A 27 3.93 15.62 12.64
CA GLY A 27 2.82 14.95 11.97
C GLY A 27 3.31 14.01 10.87
N LYS A 28 2.99 12.72 10.97
CA LYS A 28 3.60 11.64 10.16
C LYS A 28 2.62 10.82 9.33
N HIS A 29 3.08 10.40 8.16
CA HIS A 29 2.42 9.48 7.23
C HIS A 29 3.07 8.09 7.34
N TYR A 30 2.31 7.10 7.82
CA TYR A 30 2.85 5.79 8.20
C TYR A 30 2.87 4.75 7.07
N GLY A 31 3.28 5.11 5.86
CA GLY A 31 3.28 4.20 4.71
C GLY A 31 4.03 4.71 3.48
N ILE A 32 3.96 3.91 2.41
CA ILE A 32 4.32 4.27 1.04
C ILE A 32 3.02 4.39 0.22
N ASP A 33 2.95 5.29 -0.77
CA ASP A 33 1.84 5.26 -1.73
C ASP A 33 2.30 5.32 -3.19
N PHE A 34 1.68 4.49 -4.04
CA PHE A 34 1.93 4.39 -5.48
C PHE A 34 0.88 5.09 -6.35
N ALA A 35 1.29 6.09 -7.14
CA ALA A 35 0.42 6.72 -8.15
C ALA A 35 0.15 5.74 -9.30
N LEU A 36 -1.09 5.28 -9.40
CA LEU A 36 -1.52 4.29 -10.39
C LEU A 36 -2.72 4.79 -11.21
N PRO A 37 -2.86 4.35 -12.47
CA PRO A 37 -4.11 4.44 -13.20
C PRO A 37 -5.21 3.62 -12.48
N LYS A 38 -6.42 4.17 -12.41
CA LYS A 38 -7.58 3.61 -11.70
C LYS A 38 -7.90 2.20 -12.20
N GLY A 39 -7.89 1.21 -11.31
CA GLY A 39 -8.09 -0.21 -11.62
C GLY A 39 -6.83 -1.05 -11.88
N THR A 40 -5.60 -0.49 -11.79
CA THR A 40 -4.37 -1.30 -11.74
C THR A 40 -4.41 -2.37 -10.66
N PRO A 41 -4.18 -3.65 -11.00
CA PRO A 41 -4.09 -4.71 -10.02
C PRO A 41 -2.83 -4.57 -9.17
N ILE A 42 -3.02 -4.76 -7.86
CA ILE A 42 -1.97 -4.83 -6.85
C ILE A 42 -1.57 -6.29 -6.70
N LYS A 43 -0.26 -6.57 -6.75
CA LYS A 43 0.31 -7.92 -6.59
C LYS A 43 0.86 -8.08 -5.18
N ALA A 44 0.85 -9.31 -4.65
CA ALA A 44 1.52 -9.60 -3.38
C ALA A 44 3.05 -9.49 -3.52
N PRO A 45 3.77 -8.73 -2.65
CA PRO A 45 5.24 -8.68 -2.66
C PRO A 45 5.90 -9.97 -2.15
N THR A 46 5.22 -10.65 -1.24
CA THR A 46 5.63 -11.86 -0.52
C THR A 46 4.55 -12.94 -0.52
N ASN A 47 4.91 -14.18 -0.21
CA ASN A 47 3.90 -15.19 0.15
C ASN A 47 3.36 -14.93 1.56
N GLY A 48 2.03 -15.03 1.69
CA GLY A 48 1.30 -14.76 2.94
C GLY A 48 -0.14 -15.27 2.94
N LYS A 49 -1.01 -14.74 3.81
CA LYS A 49 -2.47 -15.03 3.87
C LYS A 49 -3.25 -13.83 4.40
N VAL A 50 -4.47 -13.62 3.90
CA VAL A 50 -5.38 -12.59 4.42
C VAL A 50 -5.87 -12.84 5.85
N THR A 51 -5.67 -11.87 6.73
CA THR A 51 -6.12 -11.91 8.15
C THR A 51 -7.42 -11.14 8.33
N ARG A 52 -7.55 -9.98 7.68
CA ARG A 52 -8.57 -8.97 7.96
C ARG A 52 -8.96 -8.19 6.69
N ILE A 53 -10.23 -7.85 6.53
CA ILE A 53 -10.74 -7.00 5.43
C ILE A 53 -11.82 -6.06 5.97
N PHE A 54 -11.77 -4.77 5.60
CA PHE A 54 -12.77 -3.77 6.01
C PHE A 54 -12.86 -2.53 5.09
N ASN A 55 -13.78 -1.60 5.38
CA ASN A 55 -13.80 -0.24 4.82
C ASN A 55 -13.71 0.84 5.93
N ASN A 56 -13.34 2.08 5.58
CA ASN A 56 -13.21 3.23 6.48
C ASN A 56 -13.91 4.48 5.90
N GLU A 57 -14.49 5.34 6.76
CA GLU A 57 -15.32 6.49 6.32
C GLU A 57 -14.54 7.55 5.51
N LEU A 58 -13.23 7.72 5.77
CA LEU A 58 -12.33 8.63 5.05
C LEU A 58 -11.51 7.92 3.97
N GLY A 59 -11.07 6.70 4.28
CA GLY A 59 -9.99 5.98 3.60
C GLY A 59 -10.45 4.97 2.55
N GLY A 60 -11.75 4.68 2.46
CA GLY A 60 -12.30 3.73 1.49
C GLY A 60 -12.05 2.28 1.89
N LYS A 61 -11.91 1.39 0.90
CA LYS A 61 -11.64 -0.03 1.13
C LYS A 61 -10.21 -0.31 1.60
N VAL A 62 -10.08 -1.33 2.45
CA VAL A 62 -8.82 -1.86 2.98
C VAL A 62 -8.73 -3.39 2.95
N LEU A 63 -7.55 -3.90 2.58
CA LEU A 63 -7.14 -5.31 2.67
C LEU A 63 -5.98 -5.45 3.67
N GLN A 64 -6.04 -6.44 4.57
CA GLN A 64 -4.97 -6.77 5.52
C GLN A 64 -4.40 -8.20 5.30
N ILE A 65 -3.09 -8.30 5.09
CA ILE A 65 -2.35 -9.55 4.87
C ILE A 65 -1.29 -9.77 5.95
N ALA A 66 -1.12 -11.02 6.35
CA ALA A 66 -0.03 -11.53 7.20
C ALA A 66 1.05 -12.23 6.36
N GLU A 67 2.31 -12.00 6.68
CA GLU A 67 3.45 -12.76 6.13
C GLU A 67 3.60 -14.15 6.77
N ASP A 68 4.43 -15.02 6.19
CA ASP A 68 4.74 -16.36 6.74
C ASP A 68 5.51 -16.38 8.08
N ASN A 69 6.21 -15.29 8.39
CA ASN A 69 7.10 -15.09 9.55
C ASN A 69 6.38 -15.20 10.92
N GLY A 70 5.05 -15.03 10.96
CA GLY A 70 4.22 -15.06 12.17
C GLY A 70 4.14 -13.74 12.95
N GLU A 71 4.62 -12.63 12.38
CA GLU A 71 4.72 -11.31 13.05
C GLU A 71 4.60 -10.07 12.14
N TYR A 72 4.92 -10.19 10.85
CA TYR A 72 4.72 -9.12 9.85
C TYR A 72 3.32 -8.98 9.26
N HIS A 73 2.88 -7.73 9.07
CA HIS A 73 1.60 -7.39 8.45
C HIS A 73 1.73 -6.34 7.36
N GLN A 74 0.83 -6.44 6.40
CA GLN A 74 0.70 -5.58 5.24
C GLN A 74 -0.72 -5.02 5.20
N TRP A 75 -0.86 -3.69 5.21
CA TRP A 75 -2.10 -3.02 4.81
C TRP A 75 -2.07 -2.52 3.36
N TYR A 76 -3.23 -2.48 2.74
CA TYR A 76 -3.52 -2.04 1.38
C TYR A 76 -4.78 -1.16 1.39
N LEU A 77 -4.63 0.17 1.54
CA LEU A 77 -5.76 1.12 1.49
C LEU A 77 -5.94 1.72 0.08
N HIS A 78 -7.12 2.30 -0.15
CA HIS A 78 -7.54 2.96 -1.39
C HIS A 78 -7.65 1.97 -2.56
N LEU A 79 -8.42 0.91 -2.30
CA LEU A 79 -8.75 -0.15 -3.24
C LEU A 79 -10.12 0.10 -3.91
N ASP A 80 -10.20 -0.19 -5.21
CA ASP A 80 -11.43 -0.23 -6.02
C ASP A 80 -12.17 -1.53 -5.68
N LYS A 81 -11.42 -2.64 -5.74
CA LYS A 81 -11.93 -4.00 -5.80
C LYS A 81 -10.99 -4.97 -5.11
N TYR A 82 -11.54 -6.02 -4.48
CA TYR A 82 -10.75 -7.13 -3.93
C TYR A 82 -10.55 -8.26 -4.96
N ASN A 83 -9.45 -9.00 -4.86
CA ASN A 83 -9.22 -10.24 -5.61
C ASN A 83 -9.05 -11.48 -4.68
N VAL A 84 -8.98 -11.25 -3.36
CA VAL A 84 -8.92 -12.28 -2.31
C VAL A 84 -9.93 -11.98 -1.18
N LYS A 85 -10.17 -12.97 -0.32
CA LYS A 85 -10.99 -12.86 0.91
C LYS A 85 -10.18 -13.24 2.15
N VAL A 86 -10.68 -12.93 3.35
CA VAL A 86 -10.11 -13.34 4.64
C VAL A 86 -9.93 -14.87 4.61
N GLY A 87 -8.71 -15.32 4.86
CA GLY A 87 -8.34 -16.75 4.86
C GLY A 87 -7.88 -17.31 3.51
N ASP A 88 -7.56 -16.47 2.51
CA ASP A 88 -6.88 -16.89 1.29
C ASP A 88 -5.36 -16.81 1.41
N ARG A 89 -4.66 -17.92 1.12
CA ARG A 89 -3.21 -17.91 0.93
C ARG A 89 -2.82 -17.22 -0.38
N VAL A 90 -1.81 -16.37 -0.32
CA VAL A 90 -1.23 -15.65 -1.45
C VAL A 90 0.26 -15.98 -1.59
N LYS A 91 0.77 -15.81 -2.81
CA LYS A 91 2.16 -16.07 -3.20
C LYS A 91 2.67 -14.92 -4.06
N ALA A 92 3.92 -14.51 -3.88
CA ALA A 92 4.49 -13.31 -4.48
C ALA A 92 4.22 -13.21 -6.00
N GLY A 93 3.76 -12.04 -6.40
CA GLY A 93 3.39 -11.65 -7.77
C GLY A 93 1.94 -11.94 -8.16
N ASP A 94 1.16 -12.61 -7.31
CA ASP A 94 -0.27 -12.84 -7.52
C ASP A 94 -1.16 -11.65 -7.17
N ILE A 95 -2.20 -11.38 -7.96
CA ILE A 95 -3.13 -10.26 -7.74
C ILE A 95 -4.02 -10.49 -6.52
N ILE A 96 -4.06 -9.48 -5.64
CA ILE A 96 -4.80 -9.50 -4.38
C ILE A 96 -5.94 -8.48 -4.33
N ALA A 97 -5.86 -7.42 -5.13
CA ALA A 97 -6.84 -6.32 -5.21
C ALA A 97 -6.51 -5.40 -6.40
N TYR A 98 -7.25 -4.30 -6.56
CA TYR A 98 -7.04 -3.29 -7.59
C TYR A 98 -7.20 -1.91 -6.94
N SER A 99 -6.34 -0.93 -7.25
CA SER A 99 -6.40 0.40 -6.63
C SER A 99 -7.47 1.31 -7.25
N GLY A 100 -8.12 2.14 -6.42
CA GLY A 100 -9.23 3.01 -6.82
C GLY A 100 -9.32 4.29 -5.97
N ASN A 101 -10.12 5.26 -6.39
CA ASN A 101 -10.22 6.58 -5.72
C ASN A 101 -11.18 6.59 -4.50
N THR A 102 -11.52 5.41 -3.97
CA THR A 102 -12.58 5.13 -2.99
C THR A 102 -12.46 5.76 -1.59
N GLY A 103 -11.44 6.57 -1.35
CA GLY A 103 -11.23 7.30 -0.11
C GLY A 103 -10.03 8.25 -0.15
N ILE A 104 -9.98 9.10 -1.19
CA ILE A 104 -8.96 10.15 -1.30
C ILE A 104 -9.58 11.48 -1.75
N GLN A 105 -9.41 12.51 -0.95
CA GLN A 105 -10.07 13.80 -1.06
C GLN A 105 -9.66 14.62 -2.30
N THR A 106 -8.49 14.32 -2.88
CA THR A 106 -7.97 14.86 -4.15
C THR A 106 -8.76 14.46 -5.40
N THR A 107 -9.64 13.46 -5.28
CA THR A 107 -10.23 12.74 -6.43
C THR A 107 -9.29 11.85 -7.26
N GLY A 108 -8.08 11.59 -6.76
CA GLY A 108 -7.10 10.68 -7.38
C GLY A 108 -7.14 9.27 -6.80
N ALA A 109 -6.50 8.32 -7.49
CA ALA A 109 -6.25 6.96 -6.99
C ALA A 109 -4.74 6.75 -6.73
N HIS A 110 -4.38 6.21 -5.56
CA HIS A 110 -3.02 5.75 -5.27
C HIS A 110 -3.00 4.66 -4.17
N LEU A 111 -2.28 3.56 -4.40
CA LEU A 111 -2.21 2.41 -3.49
C LEU A 111 -1.39 2.75 -2.24
N HIS A 112 -1.97 2.75 -1.04
CA HIS A 112 -1.24 2.89 0.22
C HIS A 112 -0.81 1.54 0.79
N PHE A 113 0.49 1.24 0.69
CA PHE A 113 1.15 0.10 1.33
C PHE A 113 1.83 0.43 2.67
N GLN A 114 1.33 -0.16 3.76
CA GLN A 114 1.95 -0.07 5.09
C GLN A 114 2.47 -1.44 5.56
N ARG A 115 3.78 -1.53 5.83
CA ARG A 115 4.46 -2.67 6.46
C ARG A 115 4.56 -2.49 7.98
N MET A 116 4.06 -3.45 8.76
CA MET A 116 4.04 -3.45 10.22
C MET A 116 4.67 -4.73 10.79
N LYS A 117 5.07 -4.71 12.07
CA LYS A 117 5.50 -5.88 12.85
C LYS A 117 4.85 -5.90 14.24
N GLY A 118 4.48 -7.09 14.73
CA GLY A 118 4.08 -7.34 16.13
C GLY A 118 2.64 -6.92 16.49
N GLY A 119 1.93 -6.28 15.57
CA GLY A 119 0.56 -5.79 15.68
C GLY A 119 0.16 -5.04 14.40
N VAL A 120 -1.03 -4.43 14.38
CA VAL A 120 -1.62 -3.78 13.20
C VAL A 120 -2.10 -2.36 13.50
N GLY A 121 -1.58 -1.36 12.79
CA GLY A 121 -1.85 0.07 13.01
C GLY A 121 -0.62 0.94 12.75
N ASN A 122 -0.81 2.25 12.59
CA ASN A 122 0.25 3.23 12.32
C ASN A 122 1.46 3.10 13.26
N ALA A 123 1.23 2.96 14.57
CA ALA A 123 2.30 2.78 15.57
C ALA A 123 3.13 1.51 15.34
N TYR A 124 2.55 0.45 14.77
CA TYR A 124 3.25 -0.80 14.43
C TYR A 124 4.04 -0.77 13.12
N ALA A 125 3.79 0.24 12.28
CA ALA A 125 4.47 0.43 11.00
C ALA A 125 5.98 0.67 11.17
N GLU A 126 6.80 -0.04 10.40
CA GLU A 126 8.27 0.03 10.49
C GLU A 126 8.89 0.86 9.35
N ASP A 127 9.05 0.26 8.17
CA ASP A 127 9.79 0.81 7.03
C ASP A 127 9.53 0.07 5.70
N PRO A 128 8.68 0.61 4.81
CA PRO A 128 8.37 -0.06 3.56
C PRO A 128 9.43 0.13 2.47
N LYS A 129 10.15 1.25 2.39
CA LYS A 129 11.17 1.47 1.34
C LYS A 129 12.29 0.41 1.26
N PRO A 130 13.03 0.12 2.36
CA PRO A 130 14.12 -0.86 2.36
C PRO A 130 13.62 -2.29 2.11
N PHE A 131 12.36 -2.56 2.44
CA PHE A 131 11.64 -3.76 2.04
C PHE A 131 11.43 -3.98 0.53
N ILE A 132 11.38 -2.91 -0.27
CA ILE A 132 11.29 -2.98 -1.73
C ILE A 132 12.67 -3.20 -2.39
N ASP A 133 13.74 -2.68 -1.78
CA ASP A 133 15.12 -2.87 -2.24
C ASP A 133 15.66 -4.33 -2.24
N GLN A 134 14.85 -5.26 -1.73
CA GLN A 134 15.10 -6.71 -1.68
C GLN A 134 14.11 -7.54 -2.54
N LEU A 135 13.09 -6.90 -3.12
CA LEU A 135 12.06 -7.54 -3.95
C LEU A 135 12.57 -7.85 -5.38
N PRO A 136 12.08 -8.94 -6.01
CA PRO A 136 12.69 -9.54 -7.21
C PRO A 136 12.52 -8.73 -8.51
N ASP A 137 11.52 -7.84 -8.57
CA ASP A 137 11.35 -6.84 -9.64
C ASP A 137 11.38 -5.38 -9.15
N GLY A 138 11.74 -5.16 -7.88
CA GLY A 138 11.61 -3.88 -7.19
C GLY A 138 10.15 -3.51 -6.90
N GLU A 139 9.80 -2.23 -7.03
CA GLU A 139 8.41 -1.74 -6.85
C GLU A 139 7.39 -2.44 -7.76
N ARG A 140 7.85 -2.98 -8.90
CA ARG A 140 7.05 -3.76 -9.86
C ARG A 140 6.54 -5.09 -9.30
N SER A 141 7.00 -5.51 -8.12
CA SER A 141 6.46 -6.66 -7.39
C SER A 141 5.19 -6.34 -6.60
N LEU A 142 4.79 -5.05 -6.50
CA LEU A 142 3.58 -4.62 -5.79
C LEU A 142 2.43 -4.24 -6.73
N TYR A 143 2.66 -3.97 -8.02
CA TYR A 143 1.62 -3.55 -8.97
C TYR A 143 1.83 -4.11 -10.38
N ASP A 144 0.78 -4.16 -11.21
CA ASP A 144 0.86 -4.66 -12.58
C ASP A 144 0.83 -3.54 -13.64
N LEU A 145 2.00 -3.06 -14.06
CA LEU A 145 2.13 -2.05 -15.10
C LEU A 145 3.23 -2.40 -16.12
ZN ZN B . -0.32 7.58 1.74
N GLY A 1 3.19 20.20 -2.59
CA GLY A 1 2.45 18.94 -2.79
C GLY A 1 3.06 18.12 -3.92
N SER A 2 3.11 16.79 -3.76
CA SER A 2 3.90 15.89 -4.62
C SER A 2 3.27 15.49 -5.95
N LYS A 3 1.95 15.68 -6.17
CA LYS A 3 1.24 15.14 -7.34
C LYS A 3 1.52 15.92 -8.64
N TRP A 4 1.34 15.26 -9.79
CA TRP A 4 1.69 15.78 -11.13
C TRP A 4 0.83 15.17 -12.25
N GLU A 5 0.62 15.91 -13.33
CA GLU A 5 -0.42 15.62 -14.34
C GLU A 5 -0.09 14.45 -15.30
N ASP A 6 1.21 14.13 -15.50
CA ASP A 6 1.69 13.05 -16.38
C ASP A 6 1.87 11.70 -15.67
N PHE A 7 1.49 10.59 -16.31
CA PHE A 7 1.81 9.23 -15.88
C PHE A 7 3.31 8.86 -15.84
N PHE A 8 3.80 8.33 -14.72
CA PHE A 8 5.21 7.97 -14.55
C PHE A 8 5.76 6.82 -15.40
N ARG A 9 6.94 7.00 -16.02
CA ARG A 9 7.58 6.00 -16.90
C ARG A 9 8.53 5.01 -16.19
N GLY A 10 9.09 5.44 -15.05
CA GLY A 10 9.92 4.63 -14.15
C GLY A 10 9.23 4.39 -12.80
N SER A 11 9.89 4.79 -11.71
CA SER A 11 9.34 4.71 -10.35
C SER A 11 8.17 5.65 -10.09
N ARG A 12 7.24 5.25 -9.20
CA ARG A 12 5.92 5.89 -9.06
C ARG A 12 5.54 6.34 -7.64
N ILE A 13 6.50 6.53 -6.72
CA ILE A 13 6.18 6.87 -5.32
C ILE A 13 5.72 8.32 -5.19
N THR A 14 4.57 8.55 -4.56
CA THR A 14 3.94 9.87 -4.33
C THR A 14 3.97 10.39 -2.89
N GLU A 15 4.03 9.51 -1.89
CA GLU A 15 4.44 9.81 -0.52
C GLU A 15 5.25 8.67 0.10
N THR A 16 6.09 9.02 1.06
CA THR A 16 7.04 8.12 1.72
C THR A 16 6.84 8.29 3.24
N PHE A 17 7.58 7.49 4.02
CA PHE A 17 7.41 7.38 5.47
C PHE A 17 7.92 8.71 6.09
N GLY A 18 7.47 9.00 7.31
CA GLY A 18 7.82 10.25 8.03
C GLY A 18 6.74 11.32 7.89
N LYS A 19 7.11 12.59 7.65
CA LYS A 19 6.14 13.66 7.39
C LYS A 19 5.44 13.52 6.02
N TYR A 20 4.23 14.06 5.90
CA TYR A 20 3.49 14.15 4.64
C TYR A 20 4.14 14.97 3.53
N GLN A 21 4.27 16.27 3.77
CA GLN A 21 4.84 17.29 2.87
C GLN A 21 5.28 18.54 3.66
N HIS A 22 5.77 19.57 2.95
CA HIS A 22 6.19 20.90 3.43
C HIS A 22 5.08 21.79 4.07
N SER A 23 3.96 21.21 4.49
CA SER A 23 2.73 21.85 4.98
C SER A 23 2.82 22.39 6.42
N PRO A 24 1.90 23.31 6.81
CA PRO A 24 1.64 23.63 8.22
C PRO A 24 0.85 22.51 8.94
N PHE A 25 0.04 21.76 8.19
CA PHE A 25 -0.50 20.46 8.61
C PHE A 25 0.53 19.33 8.78
N ASP A 26 0.52 18.65 9.93
CA ASP A 26 1.51 17.62 10.27
C ASP A 26 1.00 16.58 11.31
N GLY A 27 0.51 15.43 10.83
CA GLY A 27 0.15 14.27 11.64
C GLY A 27 1.05 13.04 11.42
N LYS A 28 2.03 13.14 10.52
CA LYS A 28 2.90 12.07 10.01
C LYS A 28 2.18 10.90 9.31
N HIS A 29 2.94 10.18 8.50
CA HIS A 29 2.50 9.27 7.46
C HIS A 29 3.26 7.94 7.54
N TYR A 30 2.56 6.87 7.92
CA TYR A 30 3.15 5.59 8.32
C TYR A 30 3.30 4.50 7.24
N GLY A 31 3.45 4.90 5.98
CA GLY A 31 3.51 3.98 4.83
C GLY A 31 4.14 4.56 3.57
N ILE A 32 3.99 3.83 2.47
CA ILE A 32 4.42 4.19 1.10
C ILE A 32 3.17 4.40 0.22
N ASP A 33 3.19 5.34 -0.72
CA ASP A 33 2.11 5.50 -1.72
C ASP A 33 2.59 5.43 -3.17
N PHE A 34 1.93 4.61 -3.99
CA PHE A 34 2.19 4.44 -5.43
C PHE A 34 1.16 5.14 -6.32
N ALA A 35 1.59 6.10 -7.15
CA ALA A 35 0.73 6.84 -8.06
C ALA A 35 0.28 5.99 -9.26
N LEU A 36 -0.72 5.14 -9.02
CA LEU A 36 -1.28 4.21 -10.00
C LEU A 36 -2.53 4.78 -10.70
N PRO A 37 -2.77 4.40 -11.95
CA PRO A 37 -4.08 4.54 -12.59
C PRO A 37 -5.14 3.65 -11.92
N LYS A 38 -6.40 4.10 -12.00
CA LYS A 38 -7.59 3.37 -11.54
C LYS A 38 -7.68 1.99 -12.18
N GLY A 39 -8.08 0.98 -11.42
CA GLY A 39 -8.27 -0.40 -11.90
C GLY A 39 -7.01 -1.27 -11.99
N THR A 40 -5.79 -0.70 -11.83
CA THR A 40 -4.54 -1.48 -11.75
C THR A 40 -4.58 -2.63 -10.73
N PRO A 41 -4.35 -3.88 -11.12
CA PRO A 41 -4.23 -4.96 -10.16
C PRO A 41 -2.98 -4.81 -9.28
N ILE A 42 -3.20 -4.90 -7.97
CA ILE A 42 -2.17 -4.92 -6.92
C ILE A 42 -1.76 -6.38 -6.70
N LYS A 43 -0.45 -6.65 -6.76
CA LYS A 43 0.15 -7.99 -6.57
C LYS A 43 0.68 -8.12 -5.13
N ALA A 44 0.77 -9.35 -4.62
CA ALA A 44 1.43 -9.64 -3.35
C ALA A 44 2.97 -9.51 -3.49
N PRO A 45 3.68 -8.69 -2.69
CA PRO A 45 5.14 -8.62 -2.70
C PRO A 45 5.80 -9.93 -2.24
N THR A 46 5.17 -10.61 -1.28
CA THR A 46 5.70 -11.76 -0.55
C THR A 46 4.57 -12.76 -0.41
N ASN A 47 4.94 -14.03 -0.26
CA ASN A 47 4.01 -15.10 0.11
C ASN A 47 3.42 -14.85 1.53
N GLY A 48 2.10 -15.02 1.69
CA GLY A 48 1.40 -14.70 2.95
C GLY A 48 -0.05 -15.23 3.00
N LYS A 49 -0.92 -14.65 3.83
CA LYS A 49 -2.36 -14.95 3.95
C LYS A 49 -3.17 -13.74 4.43
N VAL A 50 -4.41 -13.60 3.96
CA VAL A 50 -5.33 -12.52 4.38
C VAL A 50 -5.87 -12.63 5.80
N THR A 51 -5.75 -11.55 6.57
CA THR A 51 -6.22 -11.44 7.97
C THR A 51 -7.61 -10.82 8.15
N ARG A 52 -7.83 -9.72 7.43
CA ARG A 52 -8.95 -8.78 7.64
C ARG A 52 -9.23 -7.96 6.38
N ILE A 53 -10.50 -7.67 6.11
CA ILE A 53 -10.96 -7.00 4.89
C ILE A 53 -12.09 -6.02 5.24
N PHE A 54 -11.91 -4.71 4.99
CA PHE A 54 -12.82 -3.68 5.51
C PHE A 54 -12.77 -2.33 4.76
N ASN A 55 -13.65 -1.40 5.11
CA ASN A 55 -13.57 0.02 4.75
C ASN A 55 -13.73 0.90 6.00
N ASN A 56 -13.22 2.13 5.93
CA ASN A 56 -13.21 3.11 7.01
C ASN A 56 -13.86 4.42 6.50
N GLU A 57 -14.78 5.03 7.26
CA GLU A 57 -15.84 5.94 6.78
C GLU A 57 -15.39 7.12 5.90
N LEU A 58 -14.18 7.64 6.11
CA LEU A 58 -13.53 8.69 5.30
C LEU A 58 -12.08 8.35 4.90
N GLY A 59 -11.62 7.14 5.20
CA GLY A 59 -10.27 6.62 4.91
C GLY A 59 -10.15 5.74 3.66
N GLY A 60 -11.26 5.16 3.18
CA GLY A 60 -11.34 4.30 1.98
C GLY A 60 -11.47 2.81 2.28
N LYS A 61 -11.40 1.97 1.23
CA LYS A 61 -11.24 0.50 1.38
C LYS A 61 -9.84 0.11 1.85
N VAL A 62 -9.78 -1.03 2.54
CA VAL A 62 -8.58 -1.67 3.06
C VAL A 62 -8.55 -3.20 2.91
N LEU A 63 -7.39 -3.74 2.59
CA LEU A 63 -7.03 -5.16 2.68
C LEU A 63 -5.89 -5.32 3.71
N GLN A 64 -6.00 -6.26 4.64
CA GLN A 64 -4.93 -6.63 5.60
C GLN A 64 -4.37 -8.02 5.27
N ILE A 65 -3.06 -8.12 5.08
CA ILE A 65 -2.33 -9.39 4.85
C ILE A 65 -1.26 -9.62 5.92
N ALA A 66 -1.07 -10.87 6.31
CA ALA A 66 -0.02 -11.36 7.19
C ALA A 66 1.03 -12.16 6.38
N GLU A 67 2.31 -11.81 6.49
CA GLU A 67 3.40 -12.64 5.95
C GLU A 67 3.49 -13.99 6.67
N ASP A 68 3.83 -15.07 5.96
CA ASP A 68 3.94 -16.43 6.53
C ASP A 68 5.10 -16.65 7.52
N ASN A 69 6.05 -15.72 7.58
CA ASN A 69 7.04 -15.62 8.66
C ASN A 69 6.42 -15.33 10.04
N GLY A 70 5.19 -14.79 10.07
CA GLY A 70 4.34 -14.77 11.28
C GLY A 70 4.42 -13.49 12.12
N GLU A 71 5.20 -12.48 11.72
CA GLU A 71 5.42 -11.25 12.49
C GLU A 71 5.09 -9.97 11.71
N TYR A 72 5.28 -9.98 10.39
CA TYR A 72 4.90 -8.89 9.50
C TYR A 72 3.44 -8.84 9.01
N HIS A 73 2.86 -7.63 9.03
CA HIS A 73 1.54 -7.28 8.49
C HIS A 73 1.66 -6.22 7.40
N GLN A 74 0.68 -6.19 6.53
CA GLN A 74 0.65 -5.44 5.28
C GLN A 74 -0.75 -4.85 5.05
N TRP A 75 -0.90 -3.54 5.30
CA TRP A 75 -2.10 -2.81 4.95
C TRP A 75 -2.04 -2.32 3.49
N TYR A 76 -3.18 -2.35 2.82
CA TYR A 76 -3.42 -1.94 1.43
C TYR A 76 -4.63 -1.02 1.35
N LEU A 77 -4.42 0.30 1.48
CA LEU A 77 -5.49 1.29 1.39
C LEU A 77 -5.64 1.83 -0.04
N HIS A 78 -6.83 2.36 -0.34
CA HIS A 78 -7.23 2.93 -1.64
C HIS A 78 -7.40 1.88 -2.74
N LEU A 79 -8.30 0.94 -2.48
CA LEU A 79 -8.68 -0.15 -3.39
C LEU A 79 -10.04 0.13 -4.05
N ASP A 80 -10.24 -0.34 -5.27
CA ASP A 80 -11.51 -0.36 -6.01
C ASP A 80 -12.28 -1.60 -5.55
N LYS A 81 -11.61 -2.75 -5.62
CA LYS A 81 -12.15 -4.10 -5.54
C LYS A 81 -11.12 -5.07 -4.95
N TYR A 82 -11.61 -6.18 -4.40
CA TYR A 82 -10.76 -7.27 -3.89
C TYR A 82 -10.62 -8.42 -4.90
N ASN A 83 -9.52 -9.19 -4.81
CA ASN A 83 -9.32 -10.45 -5.54
C ASN A 83 -9.17 -11.67 -4.60
N VAL A 84 -8.95 -11.43 -3.30
CA VAL A 84 -8.88 -12.47 -2.26
C VAL A 84 -9.93 -12.20 -1.17
N LYS A 85 -10.21 -13.23 -0.37
CA LYS A 85 -11.09 -13.17 0.82
C LYS A 85 -10.27 -13.50 2.08
N VAL A 86 -10.78 -13.19 3.27
CA VAL A 86 -10.12 -13.49 4.54
C VAL A 86 -9.80 -14.99 4.58
N GLY A 87 -8.59 -15.31 5.01
CA GLY A 87 -8.09 -16.68 5.18
C GLY A 87 -7.47 -17.30 3.92
N ASP A 88 -7.35 -16.56 2.82
CA ASP A 88 -6.72 -17.04 1.59
C ASP A 88 -5.19 -16.95 1.68
N ARG A 89 -4.50 -18.08 1.45
CA ARG A 89 -3.04 -18.06 1.26
C ARG A 89 -2.71 -17.50 -0.12
N VAL A 90 -1.65 -16.70 -0.17
CA VAL A 90 -1.15 -16.03 -1.37
C VAL A 90 0.34 -16.27 -1.54
N LYS A 91 0.84 -16.06 -2.76
CA LYS A 91 2.23 -16.24 -3.16
C LYS A 91 2.73 -14.99 -3.88
N ALA A 92 4.01 -14.67 -3.66
CA ALA A 92 4.68 -13.49 -4.21
C ALA A 92 4.48 -13.35 -5.73
N GLY A 93 3.82 -12.27 -6.13
CA GLY A 93 3.55 -11.89 -7.51
C GLY A 93 2.09 -12.13 -7.99
N ASP A 94 1.22 -12.66 -7.13
CA ASP A 94 -0.21 -12.91 -7.39
C ASP A 94 -1.14 -11.73 -7.10
N ILE A 95 -2.18 -11.52 -7.90
CA ILE A 95 -3.16 -10.43 -7.69
C ILE A 95 -4.02 -10.66 -6.45
N ILE A 96 -4.09 -9.64 -5.59
CA ILE A 96 -4.84 -9.63 -4.33
C ILE A 96 -5.98 -8.60 -4.31
N ALA A 97 -5.89 -7.55 -5.13
CA ALA A 97 -6.89 -6.49 -5.21
C ALA A 97 -6.65 -5.61 -6.44
N TYR A 98 -7.46 -4.56 -6.63
CA TYR A 98 -7.31 -3.60 -7.72
C TYR A 98 -7.34 -2.20 -7.10
N SER A 99 -6.39 -1.34 -7.47
CA SER A 99 -6.21 0.02 -6.94
C SER A 99 -7.36 0.92 -7.40
N GLY A 100 -7.88 1.76 -6.51
CA GLY A 100 -9.12 2.52 -6.78
C GLY A 100 -9.33 3.73 -5.90
N ASN A 101 -10.24 4.59 -6.35
CA ASN A 101 -10.38 5.97 -5.88
C ASN A 101 -11.17 6.14 -4.55
N THR A 102 -11.06 5.18 -3.63
CA THR A 102 -11.73 5.18 -2.33
C THR A 102 -10.91 5.90 -1.23
N GLY A 103 -11.42 7.03 -0.73
CA GLY A 103 -10.91 7.73 0.46
C GLY A 103 -9.55 8.45 0.38
N ILE A 104 -9.01 8.74 -0.81
CA ILE A 104 -7.71 9.42 -0.98
C ILE A 104 -7.72 10.84 -0.37
N GLN A 105 -6.59 11.30 0.18
CA GLN A 105 -6.42 12.65 0.74
C GLN A 105 -6.29 13.75 -0.33
N THR A 106 -5.49 13.51 -1.38
CA THR A 106 -5.33 14.40 -2.54
C THR A 106 -5.29 13.69 -3.90
N THR A 107 -6.05 14.14 -4.90
CA THR A 107 -6.23 13.43 -6.18
C THR A 107 -7.01 12.10 -6.05
N GLY A 108 -6.52 10.97 -6.57
CA GLY A 108 -7.23 9.69 -6.51
C GLY A 108 -6.48 8.46 -7.02
N ALA A 109 -7.04 7.28 -6.70
CA ALA A 109 -6.67 5.93 -7.12
C ALA A 109 -5.32 5.32 -6.66
N HIS A 110 -4.44 6.10 -6.05
CA HIS A 110 -3.06 5.72 -5.71
C HIS A 110 -2.95 4.75 -4.49
N LEU A 111 -2.29 3.59 -4.67
CA LEU A 111 -2.18 2.52 -3.65
C LEU A 111 -1.34 2.96 -2.44
N HIS A 112 -1.85 2.79 -1.22
CA HIS A 112 -1.09 3.01 0.02
C HIS A 112 -0.72 1.69 0.71
N PHE A 113 0.56 1.32 0.61
CA PHE A 113 1.17 0.16 1.26
C PHE A 113 1.86 0.46 2.59
N GLN A 114 1.30 -0.05 3.69
CA GLN A 114 1.76 0.18 5.05
C GLN A 114 2.22 -1.12 5.71
N ARG A 115 3.53 -1.20 6.00
CA ARG A 115 4.21 -2.40 6.53
C ARG A 115 4.41 -2.28 8.05
N MET A 116 3.89 -3.24 8.80
CA MET A 116 3.83 -3.24 10.26
C MET A 116 4.39 -4.55 10.85
N LYS A 117 4.85 -4.52 12.10
CA LYS A 117 5.44 -5.68 12.80
C LYS A 117 4.76 -5.90 14.15
N GLY A 118 4.30 -7.13 14.41
CA GLY A 118 3.69 -7.56 15.69
C GLY A 118 2.22 -7.18 15.90
N GLY A 119 1.67 -6.25 15.13
CA GLY A 119 0.28 -5.77 15.23
C GLY A 119 -0.09 -4.81 14.09
N VAL A 120 -1.29 -4.23 14.14
CA VAL A 120 -1.91 -3.49 13.03
C VAL A 120 -2.40 -2.08 13.38
N GLY A 121 -1.53 -1.09 13.19
CA GLY A 121 -1.77 0.34 13.45
C GLY A 121 -0.52 1.21 13.28
N ASN A 122 -0.66 2.53 13.36
CA ASN A 122 0.42 3.51 13.19
C ASN A 122 1.71 3.21 14.01
N ALA A 123 1.58 2.92 15.31
CA ALA A 123 2.69 2.57 16.20
C ALA A 123 3.33 1.19 15.93
N TYR A 124 2.67 0.34 15.15
CA TYR A 124 3.22 -0.92 14.67
C TYR A 124 4.05 -0.84 13.39
N ALA A 125 3.91 0.27 12.65
CA ALA A 125 4.61 0.51 11.39
C ALA A 125 6.12 0.75 11.58
N GLU A 126 6.92 0.25 10.64
CA GLU A 126 8.39 0.27 10.71
C GLU A 126 9.07 0.94 9.50
N ASP A 127 9.20 0.22 8.38
CA ASP A 127 9.78 0.71 7.12
C ASP A 127 9.49 -0.16 5.88
N PRO A 128 8.68 0.32 4.92
CA PRO A 128 8.47 -0.38 3.66
C PRO A 128 9.61 -0.22 2.65
N LYS A 129 10.35 0.90 2.64
CA LYS A 129 11.44 1.16 1.68
C LYS A 129 12.50 0.05 1.52
N PRO A 130 13.23 -0.33 2.59
CA PRO A 130 14.38 -1.26 2.51
C PRO A 130 13.93 -2.65 2.05
N PHE A 131 12.69 -3.01 2.34
CA PHE A 131 12.02 -4.21 1.88
C PHE A 131 11.73 -4.30 0.38
N ILE A 132 11.32 -3.19 -0.25
CA ILE A 132 11.04 -3.13 -1.69
C ILE A 132 12.31 -3.20 -2.53
N ASP A 133 13.41 -2.62 -2.04
CA ASP A 133 14.71 -2.57 -2.74
C ASP A 133 15.28 -3.96 -3.10
N GLN A 134 14.77 -5.03 -2.46
CA GLN A 134 15.22 -6.41 -2.58
C GLN A 134 14.14 -7.38 -3.12
N LEU A 135 12.94 -6.88 -3.42
CA LEU A 135 11.86 -7.63 -4.04
C LEU A 135 12.22 -8.07 -5.47
N PRO A 136 11.59 -9.17 -5.98
CA PRO A 136 11.88 -9.75 -7.30
C PRO A 136 11.94 -8.72 -8.43
N ASP A 137 10.88 -7.93 -8.58
CA ASP A 137 10.76 -6.89 -9.61
C ASP A 137 10.88 -5.46 -9.01
N GLY A 138 11.28 -5.32 -7.74
CA GLY A 138 11.21 -4.05 -7.01
C GLY A 138 9.77 -3.65 -6.67
N GLU A 139 9.42 -2.36 -6.79
CA GLU A 139 8.03 -1.88 -6.60
C GLU A 139 7.03 -2.55 -7.55
N ARG A 140 7.49 -3.02 -8.71
CA ARG A 140 6.68 -3.77 -9.71
C ARG A 140 6.28 -5.17 -9.23
N SER A 141 6.74 -5.59 -8.05
CA SER A 141 6.24 -6.78 -7.35
C SER A 141 4.94 -6.51 -6.58
N LEU A 142 4.50 -5.24 -6.48
CA LEU A 142 3.28 -4.80 -5.85
C LEU A 142 2.21 -4.36 -6.86
N TYR A 143 2.52 -4.14 -8.16
CA TYR A 143 1.52 -3.71 -9.14
C TYR A 143 1.75 -4.11 -10.60
N ASP A 144 0.70 -4.06 -11.43
CA ASP A 144 0.76 -4.36 -12.87
C ASP A 144 0.67 -3.15 -13.82
N LEU A 145 1.81 -2.56 -14.17
CA LEU A 145 1.94 -1.53 -15.21
C LEU A 145 2.81 -2.04 -16.36
ZN ZN B . -0.20 7.82 1.69
N GLY A 1 -1.20 28.88 -17.15
CA GLY A 1 -2.37 28.06 -17.48
C GLY A 1 -2.32 26.70 -16.83
N SER A 2 -2.91 25.70 -17.47
CA SER A 2 -3.09 24.34 -16.95
C SER A 2 -1.79 23.62 -16.53
N LYS A 3 -1.77 23.08 -15.30
CA LYS A 3 -0.78 22.11 -14.81
C LYS A 3 -1.19 20.67 -15.18
N TRP A 4 -0.20 19.79 -15.25
CA TRP A 4 -0.36 18.39 -15.70
C TRP A 4 0.40 17.38 -14.82
N GLU A 5 -0.02 16.11 -14.90
CA GLU A 5 0.66 14.98 -14.26
C GLU A 5 2.03 14.68 -14.88
N ASP A 6 2.87 14.00 -14.10
CA ASP A 6 4.26 13.65 -14.40
C ASP A 6 4.75 12.36 -13.72
N PHE A 7 5.84 11.78 -14.21
CA PHE A 7 6.57 10.71 -13.51
C PHE A 7 7.65 11.20 -12.54
N PHE A 8 7.59 10.79 -11.28
CA PHE A 8 8.67 11.00 -10.30
C PHE A 8 9.96 10.22 -10.62
N ARG A 9 11.11 10.67 -10.11
CA ARG A 9 12.44 10.05 -10.29
C ARG A 9 12.44 8.54 -10.02
N GLY A 10 12.50 7.74 -11.09
CA GLY A 10 12.55 6.26 -11.08
C GLY A 10 11.32 5.51 -10.55
N SER A 11 10.34 6.17 -9.91
CA SER A 11 9.33 5.51 -9.04
C SER A 11 7.97 6.20 -9.04
N ARG A 12 6.90 5.45 -8.77
CA ARG A 12 5.51 5.98 -8.78
C ARG A 12 5.04 6.65 -7.48
N ILE A 13 5.94 7.02 -6.56
CA ILE A 13 5.57 7.41 -5.19
C ILE A 13 5.23 8.91 -5.05
N THR A 14 4.04 9.21 -4.50
CA THR A 14 3.62 10.56 -4.07
C THR A 14 3.98 10.92 -2.62
N GLU A 15 3.92 9.95 -1.70
CA GLU A 15 4.39 10.07 -0.31
C GLU A 15 5.08 8.78 0.16
N THR A 16 6.33 8.90 0.60
CA THR A 16 7.04 7.88 1.40
C THR A 16 6.72 8.04 2.89
N PHE A 17 7.34 7.24 3.75
CA PHE A 17 7.11 7.25 5.20
C PHE A 17 7.68 8.59 5.72
N GLY A 18 6.92 9.28 6.57
CA GLY A 18 7.25 10.65 7.00
C GLY A 18 6.00 11.41 7.45
N LYS A 19 5.71 12.54 6.80
CA LYS A 19 4.60 13.44 7.12
C LYS A 19 3.99 14.08 5.87
N TYR A 20 2.69 14.36 5.97
CA TYR A 20 1.94 15.16 5.00
C TYR A 20 2.44 16.61 4.90
N GLN A 21 2.13 17.30 3.80
CA GLN A 21 2.28 18.76 3.71
C GLN A 21 1.46 19.50 4.78
N HIS A 22 1.89 20.73 5.12
CA HIS A 22 1.37 21.56 6.22
C HIS A 22 1.59 20.93 7.62
N SER A 23 2.85 20.58 7.89
CA SER A 23 3.42 20.16 9.19
C SER A 23 2.96 18.80 9.77
N PRO A 24 3.73 18.21 10.72
CA PRO A 24 3.48 16.85 11.25
C PRO A 24 2.48 16.78 12.41
N PHE A 25 1.88 17.89 12.85
CA PHE A 25 0.97 17.92 14.00
C PHE A 25 -0.38 17.34 13.55
N ASP A 26 -0.72 16.15 14.04
CA ASP A 26 -1.80 15.33 13.49
C ASP A 26 -1.70 15.03 11.98
N GLY A 27 -0.46 14.84 11.51
CA GLY A 27 -0.09 14.85 10.09
C GLY A 27 1.02 13.88 9.67
N LYS A 28 1.30 12.82 10.44
CA LYS A 28 2.31 11.79 10.08
C LYS A 28 1.75 10.70 9.16
N HIS A 29 2.59 10.20 8.24
CA HIS A 29 2.26 9.18 7.23
C HIS A 29 3.07 7.89 7.48
N TYR A 30 2.40 6.73 7.54
CA TYR A 30 3.00 5.46 7.97
C TYR A 30 3.15 4.39 6.86
N GLY A 31 3.20 4.80 5.58
CA GLY A 31 3.26 3.90 4.43
C GLY A 31 3.99 4.48 3.21
N ILE A 32 3.84 3.79 2.07
CA ILE A 32 4.33 4.17 0.74
C ILE A 32 3.13 4.34 -0.21
N ASP A 33 3.06 5.45 -0.94
CA ASP A 33 1.92 5.85 -1.80
C ASP A 33 2.16 5.80 -3.33
N PHE A 34 1.92 4.67 -3.99
CA PHE A 34 2.06 4.48 -5.45
C PHE A 34 0.90 5.03 -6.29
N ALA A 35 1.09 6.14 -7.02
CA ALA A 35 0.09 6.68 -7.95
C ALA A 35 -0.12 5.75 -9.16
N LEU A 36 -1.39 5.38 -9.42
CA LEU A 36 -1.76 4.38 -10.43
C LEU A 36 -2.97 4.81 -11.30
N PRO A 37 -3.14 4.20 -12.49
CA PRO A 37 -4.40 4.21 -13.22
C PRO A 37 -5.47 3.39 -12.46
N LYS A 38 -6.75 3.81 -12.54
CA LYS A 38 -7.85 3.18 -11.80
C LYS A 38 -8.09 1.75 -12.27
N GLY A 39 -8.18 0.81 -11.33
CA GLY A 39 -8.38 -0.61 -11.60
C GLY A 39 -7.10 -1.43 -11.77
N THR A 40 -5.90 -0.80 -11.74
CA THR A 40 -4.62 -1.55 -11.71
C THR A 40 -4.61 -2.66 -10.67
N PRO A 41 -4.38 -3.93 -11.07
CA PRO A 41 -4.28 -5.01 -10.11
C PRO A 41 -3.02 -4.89 -9.25
N ILE A 42 -3.22 -4.97 -7.93
CA ILE A 42 -2.18 -5.00 -6.90
C ILE A 42 -1.71 -6.44 -6.72
N LYS A 43 -0.40 -6.66 -6.79
CA LYS A 43 0.23 -7.98 -6.67
C LYS A 43 0.80 -8.15 -5.25
N ALA A 44 0.84 -9.38 -4.74
CA ALA A 44 1.46 -9.68 -3.46
C ALA A 44 3.01 -9.51 -3.53
N PRO A 45 3.67 -8.82 -2.57
CA PRO A 45 5.13 -8.70 -2.56
C PRO A 45 5.83 -10.00 -2.11
N THR A 46 5.17 -10.76 -1.24
CA THR A 46 5.68 -11.92 -0.51
C THR A 46 4.56 -12.96 -0.46
N ASN A 47 4.89 -14.23 -0.21
CA ASN A 47 3.86 -15.24 0.08
C ASN A 47 3.32 -15.01 1.51
N GLY A 48 2.00 -15.10 1.67
CA GLY A 48 1.31 -14.83 2.95
C GLY A 48 -0.15 -15.31 2.98
N LYS A 49 -0.98 -14.76 3.88
CA LYS A 49 -2.42 -15.06 3.98
C LYS A 49 -3.25 -13.87 4.52
N VAL A 50 -4.48 -13.70 4.02
CA VAL A 50 -5.40 -12.63 4.45
C VAL A 50 -5.97 -12.80 5.86
N THR A 51 -5.85 -11.78 6.72
CA THR A 51 -6.35 -11.78 8.11
C THR A 51 -7.63 -10.96 8.26
N ARG A 52 -7.68 -9.78 7.61
CA ARG A 52 -8.67 -8.72 7.87
C ARG A 52 -9.01 -7.96 6.58
N ILE A 53 -10.28 -7.62 6.41
CA ILE A 53 -10.84 -7.00 5.18
C ILE A 53 -11.94 -6.02 5.57
N PHE A 54 -11.70 -4.71 5.39
CA PHE A 54 -12.57 -3.64 5.92
C PHE A 54 -12.46 -2.33 5.11
N ASN A 55 -13.12 -1.24 5.54
CA ASN A 55 -13.10 0.07 4.89
C ASN A 55 -13.11 1.24 5.91
N ASN A 56 -12.75 2.44 5.44
CA ASN A 56 -12.64 3.68 6.22
C ASN A 56 -13.09 4.93 5.39
N GLU A 57 -13.54 6.00 6.05
CA GLU A 57 -14.11 7.18 5.38
C GLU A 57 -13.12 7.97 4.47
N LEU A 58 -11.83 7.98 4.80
CA LEU A 58 -10.79 8.77 4.11
C LEU A 58 -9.60 7.93 3.62
N GLY A 59 -9.41 6.73 4.18
CA GLY A 59 -8.48 5.69 3.70
C GLY A 59 -9.07 4.76 2.63
N GLY A 60 -10.38 4.85 2.37
CA GLY A 60 -11.06 4.02 1.38
C GLY A 60 -11.20 2.56 1.83
N LYS A 61 -11.28 1.63 0.87
CA LYS A 61 -11.21 0.18 1.17
C LYS A 61 -9.81 -0.27 1.57
N VAL A 62 -9.76 -1.28 2.43
CA VAL A 62 -8.54 -1.87 2.99
C VAL A 62 -8.46 -3.39 2.91
N LEU A 63 -7.30 -3.90 2.49
CA LEU A 63 -6.92 -5.31 2.58
C LEU A 63 -5.80 -5.48 3.60
N GLN A 64 -5.91 -6.49 4.47
CA GLN A 64 -4.89 -6.82 5.46
C GLN A 64 -4.34 -8.24 5.32
N ILE A 65 -3.02 -8.36 5.17
CA ILE A 65 -2.31 -9.64 5.00
C ILE A 65 -1.30 -9.87 6.13
N ALA A 66 -1.22 -11.11 6.60
CA ALA A 66 -0.19 -11.66 7.45
C ALA A 66 0.90 -12.34 6.60
N GLU A 67 2.17 -12.03 6.85
CA GLU A 67 3.30 -12.74 6.23
C GLU A 67 3.59 -14.11 6.85
N ASP A 68 4.22 -14.99 6.06
CA ASP A 68 4.49 -16.40 6.36
C ASP A 68 5.55 -16.54 7.50
N ASN A 69 6.24 -15.45 7.87
CA ASN A 69 7.06 -15.35 9.09
C ASN A 69 6.25 -15.31 10.40
N GLY A 70 4.94 -15.07 10.35
CA GLY A 70 4.03 -15.08 11.50
C GLY A 70 4.07 -13.84 12.41
N GLU A 71 4.95 -12.85 12.16
CA GLU A 71 5.12 -11.66 12.99
C GLU A 71 4.72 -10.36 12.26
N TYR A 72 4.98 -10.30 10.96
CA TYR A 72 4.74 -9.15 10.11
C TYR A 72 3.35 -9.06 9.46
N HIS A 73 2.82 -7.84 9.35
CA HIS A 73 1.56 -7.51 8.66
C HIS A 73 1.76 -6.49 7.54
N GLN A 74 0.87 -6.57 6.56
CA GLN A 74 0.74 -5.67 5.44
C GLN A 74 -0.66 -5.05 5.45
N TRP A 75 -0.72 -3.75 5.16
CA TRP A 75 -1.93 -3.05 4.75
C TRP A 75 -1.86 -2.54 3.31
N TYR A 76 -3.01 -2.48 2.66
CA TYR A 76 -3.23 -1.89 1.34
C TYR A 76 -4.49 -1.03 1.44
N LEU A 77 -4.33 0.29 1.59
CA LEU A 77 -5.43 1.28 1.60
C LEU A 77 -5.67 1.83 0.18
N HIS A 78 -6.84 2.47 -0.04
CA HIS A 78 -7.31 3.05 -1.31
C HIS A 78 -7.61 2.03 -2.43
N LEU A 79 -8.20 0.89 -2.08
CA LEU A 79 -8.62 -0.14 -3.05
C LEU A 79 -9.99 0.15 -3.66
N ASP A 80 -10.24 -0.36 -4.87
CA ASP A 80 -11.55 -0.34 -5.54
C ASP A 80 -12.30 -1.64 -5.22
N LYS A 81 -11.59 -2.77 -5.34
CA LYS A 81 -12.10 -4.14 -5.28
C LYS A 81 -11.06 -5.15 -4.80
N TYR A 82 -11.51 -6.32 -4.33
CA TYR A 82 -10.69 -7.44 -3.89
C TYR A 82 -10.65 -8.58 -4.92
N ASN A 83 -9.53 -9.31 -4.99
CA ASN A 83 -9.37 -10.57 -5.72
C ASN A 83 -9.28 -11.79 -4.78
N VAL A 84 -9.19 -11.56 -3.46
CA VAL A 84 -9.14 -12.60 -2.40
C VAL A 84 -10.20 -12.34 -1.32
N LYS A 85 -10.33 -13.26 -0.35
CA LYS A 85 -11.14 -13.12 0.87
C LYS A 85 -10.34 -13.49 2.13
N VAL A 86 -10.86 -13.21 3.34
CA VAL A 86 -10.22 -13.57 4.61
C VAL A 86 -9.94 -15.07 4.62
N GLY A 87 -8.71 -15.42 5.00
CA GLY A 87 -8.24 -16.80 5.15
C GLY A 87 -7.64 -17.42 3.88
N ASP A 88 -7.42 -16.63 2.82
CA ASP A 88 -6.79 -17.07 1.58
C ASP A 88 -5.27 -16.99 1.62
N ARG A 89 -4.58 -18.12 1.35
CA ARG A 89 -3.13 -18.10 1.13
C ARG A 89 -2.77 -17.54 -0.25
N VAL A 90 -1.72 -16.74 -0.29
CA VAL A 90 -1.19 -16.05 -1.48
C VAL A 90 0.31 -16.31 -1.70
N LYS A 91 0.80 -16.00 -2.92
CA LYS A 91 2.20 -16.13 -3.34
C LYS A 91 2.66 -14.83 -4.03
N ALA A 92 3.89 -14.41 -3.77
CA ALA A 92 4.52 -13.25 -4.40
C ALA A 92 4.27 -13.16 -5.91
N GLY A 93 3.76 -12.02 -6.36
CA GLY A 93 3.46 -11.70 -7.76
C GLY A 93 2.02 -11.99 -8.20
N ASP A 94 1.21 -12.69 -7.39
CA ASP A 94 -0.21 -12.94 -7.64
C ASP A 94 -1.13 -11.77 -7.26
N ILE A 95 -2.21 -11.56 -8.02
CA ILE A 95 -3.17 -10.48 -7.77
C ILE A 95 -4.01 -10.75 -6.51
N ILE A 96 -4.16 -9.71 -5.68
CA ILE A 96 -4.93 -9.74 -4.44
C ILE A 96 -6.09 -8.72 -4.41
N ALA A 97 -6.04 -7.67 -5.23
CA ALA A 97 -7.00 -6.57 -5.29
C ALA A 97 -6.71 -5.61 -6.45
N TYR A 98 -7.47 -4.53 -6.58
CA TYR A 98 -7.31 -3.52 -7.63
C TYR A 98 -7.34 -2.14 -6.93
N SER A 99 -6.41 -1.24 -7.29
CA SER A 99 -6.38 0.13 -6.74
C SER A 99 -7.52 0.99 -7.29
N GLY A 100 -8.05 1.87 -6.43
CA GLY A 100 -9.18 2.76 -6.74
C GLY A 100 -8.96 4.19 -6.25
N ASN A 101 -9.89 5.09 -6.58
CA ASN A 101 -9.89 6.48 -6.06
C ASN A 101 -10.63 6.62 -4.70
N THR A 102 -10.85 5.51 -3.99
CA THR A 102 -11.59 5.46 -2.71
C THR A 102 -10.91 6.18 -1.55
N GLY A 103 -11.69 6.92 -0.75
CA GLY A 103 -11.23 7.78 0.34
C GLY A 103 -10.76 9.19 -0.08
N ILE A 104 -10.15 9.33 -1.26
CA ILE A 104 -9.62 10.60 -1.80
C ILE A 104 -10.75 11.60 -2.15
N GLN A 105 -10.51 12.91 -1.96
CA GLN A 105 -11.58 13.92 -2.04
C GLN A 105 -12.05 14.27 -3.46
N THR A 106 -11.17 14.34 -4.47
CA THR A 106 -11.46 14.88 -5.83
C THR A 106 -11.12 13.98 -7.02
N THR A 107 -9.83 13.77 -7.33
CA THR A 107 -9.35 12.96 -8.48
C THR A 107 -8.06 12.17 -8.24
N GLY A 108 -7.98 10.99 -8.85
CA GLY A 108 -6.79 10.14 -8.93
C GLY A 108 -6.84 8.94 -7.98
N ALA A 109 -6.48 7.77 -8.49
CA ALA A 109 -6.31 6.52 -7.74
C ALA A 109 -4.84 6.26 -7.37
N HIS A 110 -4.60 5.57 -6.25
CA HIS A 110 -3.25 5.16 -5.83
C HIS A 110 -3.29 3.95 -4.89
N LEU A 111 -2.14 3.37 -4.58
CA LEU A 111 -1.97 2.27 -3.62
C LEU A 111 -1.13 2.70 -2.41
N HIS A 112 -1.69 2.62 -1.20
CA HIS A 112 -0.97 2.85 0.07
C HIS A 112 -0.54 1.53 0.69
N PHE A 113 0.72 1.17 0.50
CA PHE A 113 1.35 0.02 1.16
C PHE A 113 1.99 0.34 2.51
N GLN A 114 1.49 -0.26 3.58
CA GLN A 114 1.99 -0.07 4.96
C GLN A 114 2.42 -1.40 5.60
N ARG A 115 3.72 -1.51 5.94
CA ARG A 115 4.33 -2.68 6.59
C ARG A 115 4.41 -2.47 8.11
N MET A 116 3.98 -3.47 8.88
CA MET A 116 3.91 -3.45 10.35
C MET A 116 4.50 -4.72 10.97
N LYS A 117 4.98 -4.65 12.22
CA LYS A 117 5.61 -5.75 12.96
C LYS A 117 4.98 -5.95 14.33
N GLY A 118 4.72 -7.19 14.74
CA GLY A 118 4.21 -7.52 16.08
C GLY A 118 2.75 -7.10 16.35
N GLY A 119 2.08 -6.55 15.34
CA GLY A 119 0.68 -6.10 15.37
C GLY A 119 0.35 -5.30 14.11
N VAL A 120 -0.86 -4.75 14.06
CA VAL A 120 -1.36 -3.96 12.92
C VAL A 120 -2.07 -2.72 13.48
N GLY A 121 -1.57 -1.57 13.02
CA GLY A 121 -1.80 -0.22 13.54
C GLY A 121 -0.70 0.74 13.08
N ASN A 122 -0.95 2.05 13.09
CA ASN A 122 0.07 3.05 12.68
C ASN A 122 1.37 2.97 13.49
N ALA A 123 1.30 2.87 14.82
CA ALA A 123 2.50 2.77 15.66
C ALA A 123 3.24 1.43 15.52
N TYR A 124 2.59 0.41 14.95
CA TYR A 124 3.22 -0.85 14.57
C TYR A 124 4.08 -0.82 13.31
N ALA A 125 3.94 0.24 12.50
CA ALA A 125 4.69 0.44 11.28
C ALA A 125 6.18 0.83 11.51
N GLU A 126 7.02 0.48 10.54
CA GLU A 126 8.49 0.62 10.61
C GLU A 126 9.04 1.55 9.48
N ASP A 127 9.41 1.02 8.32
CA ASP A 127 9.66 1.78 7.08
C ASP A 127 9.57 0.80 5.88
N PRO A 128 8.63 0.98 4.94
CA PRO A 128 8.48 0.10 3.79
C PRO A 128 9.59 0.19 2.74
N LYS A 129 10.37 1.28 2.65
CA LYS A 129 11.43 1.43 1.64
C LYS A 129 12.41 0.25 1.52
N PRO A 130 13.08 -0.19 2.60
CA PRO A 130 14.07 -1.27 2.58
C PRO A 130 13.45 -2.64 2.27
N PHE A 131 12.18 -2.83 2.62
CA PHE A 131 11.39 -3.99 2.22
C PHE A 131 11.10 -4.12 0.71
N ILE A 132 10.92 -2.99 0.02
CA ILE A 132 10.76 -2.96 -1.43
C ILE A 132 12.12 -3.08 -2.15
N ASP A 133 13.19 -2.54 -1.55
CA ASP A 133 14.57 -2.61 -2.06
C ASP A 133 15.20 -4.02 -2.19
N GLN A 134 14.49 -5.05 -1.72
CA GLN A 134 14.89 -6.47 -1.78
C GLN A 134 13.95 -7.36 -2.61
N LEU A 135 12.79 -6.81 -3.02
CA LEU A 135 11.80 -7.46 -3.90
C LEU A 135 12.36 -7.75 -5.32
N PRO A 136 11.85 -8.78 -6.02
CA PRO A 136 12.46 -9.30 -7.26
C PRO A 136 12.35 -8.36 -8.48
N ASP A 137 11.27 -7.57 -8.58
CA ASP A 137 11.11 -6.48 -9.56
C ASP A 137 11.07 -5.08 -8.91
N GLY A 138 11.47 -5.01 -7.63
CA GLY A 138 11.25 -3.84 -6.78
C GLY A 138 9.77 -3.52 -6.60
N GLU A 139 9.40 -2.24 -6.69
CA GLU A 139 8.03 -1.75 -6.53
C GLU A 139 7.01 -2.42 -7.48
N ARG A 140 7.44 -2.90 -8.65
CA ARG A 140 6.57 -3.60 -9.62
C ARG A 140 6.11 -4.98 -9.14
N SER A 141 6.67 -5.50 -8.06
CA SER A 141 6.14 -6.70 -7.39
C SER A 141 4.92 -6.39 -6.51
N LEU A 142 4.47 -5.12 -6.45
CA LEU A 142 3.25 -4.68 -5.78
C LEU A 142 2.16 -4.22 -6.75
N TYR A 143 2.44 -3.93 -8.03
CA TYR A 143 1.44 -3.45 -9.00
C TYR A 143 1.66 -3.93 -10.44
N ASP A 144 0.60 -4.01 -11.25
CA ASP A 144 0.69 -4.56 -12.60
C ASP A 144 0.57 -3.49 -13.71
N LEU A 145 1.65 -2.75 -13.91
CA LEU A 145 1.83 -1.84 -15.06
C LEU A 145 2.71 -2.51 -16.11
ZN ZN B . -0.78 7.07 1.78
N GLY A 1 -2.59 23.66 6.82
CA GLY A 1 -2.24 24.47 5.64
C GLY A 1 -2.84 23.90 4.37
N SER A 2 -1.99 23.54 3.41
CA SER A 2 -2.39 23.06 2.07
C SER A 2 -3.12 21.71 2.07
N LYS A 3 -3.93 21.44 1.03
CA LYS A 3 -4.41 20.11 0.64
C LYS A 3 -3.52 19.47 -0.43
N TRP A 4 -2.92 20.28 -1.31
CA TRP A 4 -1.92 19.86 -2.33
C TRP A 4 -0.87 20.96 -2.61
N GLU A 5 0.25 20.58 -3.20
CA GLU A 5 1.41 21.45 -3.50
C GLU A 5 2.03 21.19 -4.90
N ASP A 6 3.10 21.91 -5.23
CA ASP A 6 3.85 21.87 -6.50
C ASP A 6 4.68 20.60 -6.81
N PHE A 7 4.04 19.43 -6.72
CA PHE A 7 4.65 18.10 -6.81
C PHE A 7 4.71 17.37 -8.17
N PHE A 8 5.88 16.77 -8.46
CA PHE A 8 6.23 15.97 -9.64
C PHE A 8 6.46 14.47 -9.40
N ARG A 9 6.18 13.59 -10.37
CA ARG A 9 6.22 12.12 -10.22
C ARG A 9 6.83 11.35 -11.39
N GLY A 10 8.10 11.63 -11.68
CA GLY A 10 8.96 10.72 -12.45
C GLY A 10 9.22 9.43 -11.67
N SER A 11 9.43 9.53 -10.34
CA SER A 11 9.21 8.45 -9.39
C SER A 11 7.73 8.41 -8.97
N ARG A 12 7.12 7.22 -8.91
CA ARG A 12 5.66 7.03 -8.80
C ARG A 12 5.04 7.39 -7.44
N ILE A 13 5.83 7.66 -6.40
CA ILE A 13 5.34 7.81 -5.03
C ILE A 13 4.73 9.21 -4.81
N THR A 14 3.48 9.30 -4.34
CA THR A 14 2.86 10.54 -3.81
C THR A 14 3.34 10.98 -2.43
N GLU A 15 3.49 10.02 -1.52
CA GLU A 15 3.87 10.23 -0.12
C GLU A 15 4.71 9.05 0.38
N THR A 16 5.93 9.33 0.84
CA THR A 16 6.83 8.36 1.52
C THR A 16 6.49 8.21 3.01
N PHE A 17 7.11 7.24 3.69
CA PHE A 17 6.94 7.04 5.13
C PHE A 17 7.58 8.25 5.83
N GLY A 18 6.86 8.88 6.76
CA GLY A 18 7.31 10.08 7.47
C GLY A 18 6.18 11.08 7.70
N LYS A 19 5.98 12.01 6.76
CA LYS A 19 5.17 13.23 6.92
C LYS A 19 4.28 13.54 5.72
N TYR A 20 3.29 14.41 5.95
CA TYR A 20 2.51 15.08 4.90
C TYR A 20 3.07 16.45 4.47
N GLN A 21 2.51 17.05 3.41
CA GLN A 21 2.76 18.44 3.01
C GLN A 21 1.79 19.44 3.69
N HIS A 22 0.86 18.97 4.52
CA HIS A 22 -0.26 19.76 5.07
C HIS A 22 0.18 20.94 5.96
N SER A 23 1.33 20.82 6.64
CA SER A 23 2.00 21.92 7.32
C SER A 23 3.50 21.61 7.53
N PRO A 24 4.34 22.60 7.81
CA PRO A 24 5.72 22.38 8.28
C PRO A 24 5.80 21.94 9.75
N PHE A 25 4.69 21.96 10.51
CA PHE A 25 4.67 21.73 11.95
C PHE A 25 4.48 20.22 12.19
N ASP A 26 3.34 19.65 11.79
CA ASP A 26 2.92 18.28 12.16
C ASP A 26 1.95 17.73 11.10
N GLY A 27 1.68 16.43 11.19
CA GLY A 27 0.94 15.60 10.24
C GLY A 27 1.82 14.46 9.71
N LYS A 28 1.52 13.22 10.09
CA LYS A 28 2.41 12.04 9.94
C LYS A 28 1.80 10.89 9.12
N HIS A 29 2.60 10.30 8.25
CA HIS A 29 2.22 9.24 7.29
C HIS A 29 3.07 7.97 7.50
N TYR A 30 2.46 6.78 7.48
CA TYR A 30 3.07 5.52 7.95
C TYR A 30 3.12 4.42 6.87
N GLY A 31 3.17 4.80 5.58
CA GLY A 31 3.22 3.88 4.44
C GLY A 31 3.91 4.46 3.21
N ILE A 32 3.80 3.75 2.09
CA ILE A 32 4.25 4.15 0.75
C ILE A 32 3.01 4.34 -0.15
N ASP A 33 2.95 5.44 -0.90
CA ASP A 33 1.79 5.78 -1.76
C ASP A 33 2.06 5.73 -3.28
N PHE A 34 1.79 4.61 -3.95
CA PHE A 34 2.02 4.44 -5.40
C PHE A 34 0.95 5.05 -6.31
N ALA A 35 1.27 6.11 -7.06
CA ALA A 35 0.38 6.67 -8.09
C ALA A 35 0.26 5.71 -9.29
N LEU A 36 -0.97 5.30 -9.59
CA LEU A 36 -1.31 4.29 -10.60
C LEU A 36 -2.50 4.74 -11.45
N PRO A 37 -2.66 4.21 -12.68
CA PRO A 37 -3.94 4.23 -13.39
C PRO A 37 -5.01 3.44 -12.61
N LYS A 38 -6.23 3.98 -12.54
CA LYS A 38 -7.34 3.39 -11.76
C LYS A 38 -7.68 1.98 -12.28
N GLY A 39 -7.83 1.04 -11.36
CA GLY A 39 -8.07 -0.37 -11.64
C GLY A 39 -6.80 -1.20 -11.93
N THR A 40 -5.59 -0.64 -11.80
CA THR A 40 -4.35 -1.44 -11.84
C THR A 40 -4.40 -2.54 -10.78
N PRO A 41 -4.20 -3.82 -11.15
CA PRO A 41 -4.12 -4.90 -10.19
C PRO A 41 -2.85 -4.79 -9.33
N ILE A 42 -3.04 -4.94 -8.02
CA ILE A 42 -2.01 -4.98 -6.99
C ILE A 42 -1.55 -6.44 -6.86
N LYS A 43 -0.26 -6.73 -6.96
CA LYS A 43 0.33 -8.07 -6.80
C LYS A 43 0.84 -8.26 -5.37
N ALA A 44 0.89 -9.50 -4.89
CA ALA A 44 1.51 -9.83 -3.61
C ALA A 44 3.05 -9.68 -3.69
N PRO A 45 3.70 -8.87 -2.83
CA PRO A 45 5.16 -8.76 -2.78
C PRO A 45 5.80 -10.08 -2.33
N THR A 46 5.18 -10.73 -1.35
CA THR A 46 5.60 -11.97 -0.68
C THR A 46 4.43 -12.95 -0.54
N ASN A 47 4.73 -14.21 -0.24
CA ASN A 47 3.76 -15.23 0.15
C ASN A 47 3.19 -14.97 1.57
N GLY A 48 1.87 -15.12 1.71
CA GLY A 48 1.13 -14.89 2.97
C GLY A 48 -0.34 -15.32 2.93
N LYS A 49 -1.19 -14.77 3.80
CA LYS A 49 -2.66 -14.98 3.87
C LYS A 49 -3.34 -13.73 4.43
N VAL A 50 -4.59 -13.49 4.01
CA VAL A 50 -5.42 -12.41 4.55
C VAL A 50 -5.81 -12.58 6.02
N THR A 51 -5.66 -11.51 6.80
CA THR A 51 -6.03 -11.41 8.22
C THR A 51 -7.38 -10.78 8.53
N ARG A 52 -7.67 -9.70 7.80
CA ARG A 52 -8.79 -8.77 8.03
C ARG A 52 -9.10 -8.02 6.73
N ILE A 53 -10.36 -7.71 6.49
CA ILE A 53 -10.84 -6.93 5.35
C ILE A 53 -11.91 -5.93 5.83
N PHE A 54 -11.77 -4.65 5.48
CA PHE A 54 -12.69 -3.59 5.91
C PHE A 54 -12.70 -2.35 4.99
N ASN A 55 -13.61 -1.40 5.24
CA ASN A 55 -13.60 -0.09 4.59
C ASN A 55 -13.69 1.05 5.62
N ASN A 56 -13.15 2.24 5.28
CA ASN A 56 -13.04 3.40 6.16
C ASN A 56 -13.22 4.72 5.41
N GLU A 57 -13.87 5.71 6.04
CA GLU A 57 -14.22 6.99 5.40
C GLU A 57 -13.03 7.89 5.02
N LEU A 58 -11.86 7.71 5.64
CA LEU A 58 -10.59 8.35 5.28
C LEU A 58 -9.70 7.45 4.43
N GLY A 59 -9.70 6.15 4.76
CA GLY A 59 -8.75 5.16 4.25
C GLY A 59 -9.20 4.40 2.98
N GLY A 60 -10.46 4.56 2.57
CA GLY A 60 -11.06 3.79 1.47
C GLY A 60 -11.30 2.33 1.84
N LYS A 61 -11.34 1.45 0.85
CA LYS A 61 -11.25 0.00 1.08
C LYS A 61 -9.85 -0.40 1.56
N VAL A 62 -9.80 -1.37 2.46
CA VAL A 62 -8.58 -1.95 3.03
C VAL A 62 -8.52 -3.47 3.02
N LEU A 63 -7.34 -3.99 2.66
CA LEU A 63 -6.94 -5.38 2.76
C LEU A 63 -5.77 -5.49 3.75
N GLN A 64 -5.92 -6.31 4.80
CA GLN A 64 -4.82 -6.65 5.73
C GLN A 64 -4.29 -8.06 5.41
N ILE A 65 -2.98 -8.18 5.19
CA ILE A 65 -2.29 -9.47 4.94
C ILE A 65 -1.20 -9.73 5.98
N ALA A 66 -0.99 -11.01 6.30
CA ALA A 66 0.08 -11.53 7.15
C ALA A 66 1.10 -12.34 6.33
N GLU A 67 2.39 -12.15 6.58
CA GLU A 67 3.47 -12.97 6.02
C GLU A 67 3.60 -14.35 6.71
N ASP A 68 4.15 -15.35 6.01
CA ASP A 68 4.23 -16.74 6.50
C ASP A 68 4.99 -17.01 7.81
N ASN A 69 5.97 -16.19 8.16
CA ASN A 69 6.69 -16.28 9.45
C ASN A 69 6.00 -15.53 10.60
N GLY A 70 4.85 -14.89 10.34
CA GLY A 70 3.85 -14.49 11.33
C GLY A 70 4.12 -13.18 12.08
N GLU A 71 5.16 -12.42 11.74
CA GLU A 71 5.56 -11.22 12.47
C GLU A 71 5.32 -9.93 11.66
N TYR A 72 5.44 -10.01 10.35
CA TYR A 72 5.10 -8.95 9.41
C TYR A 72 3.64 -8.88 8.91
N HIS A 73 3.05 -7.68 8.99
CA HIS A 73 1.71 -7.34 8.49
C HIS A 73 1.81 -6.31 7.36
N GLN A 74 0.83 -6.35 6.47
CA GLN A 74 0.79 -5.63 5.21
C GLN A 74 -0.60 -5.03 4.99
N TRP A 75 -0.75 -3.71 5.22
CA TRP A 75 -1.96 -2.98 4.87
C TRP A 75 -1.94 -2.53 3.39
N TYR A 76 -3.07 -2.63 2.72
CA TYR A 76 -3.35 -2.17 1.36
C TYR A 76 -4.58 -1.27 1.36
N LEU A 77 -4.38 0.05 1.53
CA LEU A 77 -5.44 1.07 1.52
C LEU A 77 -5.66 1.63 0.10
N HIS A 78 -6.84 2.20 -0.15
CA HIS A 78 -7.29 2.78 -1.43
C HIS A 78 -7.41 1.75 -2.57
N LEU A 79 -8.21 0.71 -2.32
CA LEU A 79 -8.59 -0.30 -3.31
C LEU A 79 -9.95 0.02 -3.95
N ASP A 80 -10.14 -0.34 -5.23
CA ASP A 80 -11.42 -0.29 -5.94
C ASP A 80 -12.18 -1.59 -5.62
N LYS A 81 -11.47 -2.71 -5.75
CA LYS A 81 -12.01 -4.07 -5.73
C LYS A 81 -11.02 -5.08 -5.13
N TYR A 82 -11.53 -6.11 -4.47
CA TYR A 82 -10.73 -7.22 -3.90
C TYR A 82 -10.63 -8.42 -4.85
N ASN A 83 -9.48 -9.10 -4.85
CA ASN A 83 -9.33 -10.43 -5.48
C ASN A 83 -9.29 -11.57 -4.43
N VAL A 84 -9.16 -11.22 -3.15
CA VAL A 84 -9.09 -12.16 -2.00
C VAL A 84 -10.24 -11.96 -1.00
N LYS A 85 -10.42 -12.96 -0.14
CA LYS A 85 -11.27 -12.95 1.07
C LYS A 85 -10.43 -13.16 2.33
N VAL A 86 -10.98 -12.87 3.51
CA VAL A 86 -10.33 -13.17 4.81
C VAL A 86 -10.09 -14.68 4.88
N GLY A 87 -8.84 -15.04 5.18
CA GLY A 87 -8.37 -16.42 5.25
C GLY A 87 -7.87 -17.02 3.93
N ASP A 88 -7.72 -16.23 2.85
CA ASP A 88 -7.27 -16.74 1.56
C ASP A 88 -5.75 -16.63 1.52
N ARG A 89 -5.09 -17.71 1.09
CA ARG A 89 -3.64 -17.71 0.84
C ARG A 89 -3.28 -16.88 -0.39
N VAL A 90 -2.12 -16.25 -0.33
CA VAL A 90 -1.48 -15.55 -1.43
C VAL A 90 -0.03 -16.01 -1.57
N LYS A 91 0.49 -15.88 -2.80
CA LYS A 91 1.84 -16.26 -3.19
C LYS A 91 2.45 -15.13 -4.00
N ALA A 92 3.73 -14.86 -3.79
CA ALA A 92 4.43 -13.75 -4.41
C ALA A 92 4.21 -13.68 -5.94
N GLY A 93 3.76 -12.51 -6.39
CA GLY A 93 3.46 -12.18 -7.78
C GLY A 93 1.98 -12.36 -8.20
N ASP A 94 1.11 -12.83 -7.29
CA ASP A 94 -0.32 -13.04 -7.54
C ASP A 94 -1.19 -11.81 -7.26
N ILE A 95 -2.23 -11.55 -8.06
CA ILE A 95 -3.15 -10.42 -7.82
C ILE A 95 -3.98 -10.61 -6.56
N ILE A 96 -4.05 -9.58 -5.72
CA ILE A 96 -4.77 -9.58 -4.44
C ILE A 96 -5.93 -8.56 -4.40
N ALA A 97 -5.88 -7.53 -5.24
CA ALA A 97 -6.86 -6.44 -5.34
C ALA A 97 -6.55 -5.54 -6.55
N TYR A 98 -7.29 -4.44 -6.73
CA TYR A 98 -7.07 -3.43 -7.78
C TYR A 98 -7.15 -2.05 -7.11
N SER A 99 -6.27 -1.11 -7.48
CA SER A 99 -6.22 0.25 -6.89
C SER A 99 -7.42 1.11 -7.32
N GLY A 100 -7.93 1.97 -6.43
CA GLY A 100 -9.12 2.79 -6.66
C GLY A 100 -9.16 4.04 -5.79
N ASN A 101 -9.89 5.07 -6.22
CA ASN A 101 -9.96 6.35 -5.51
C ASN A 101 -10.99 6.36 -4.35
N THR A 102 -11.19 5.21 -3.70
CA THR A 102 -12.02 5.07 -2.50
C THR A 102 -11.39 5.83 -1.31
N GLY A 103 -12.21 6.59 -0.58
CA GLY A 103 -11.79 7.44 0.55
C GLY A 103 -11.01 8.72 0.19
N ILE A 104 -10.39 8.79 -0.99
CA ILE A 104 -9.60 9.97 -1.42
C ILE A 104 -10.51 11.14 -1.83
N GLN A 105 -10.10 12.37 -1.48
CA GLN A 105 -10.73 13.63 -1.88
C GLN A 105 -10.45 14.07 -3.33
N THR A 106 -9.68 13.30 -4.11
CA THR A 106 -9.27 13.56 -5.50
C THR A 106 -8.97 12.25 -6.24
N THR A 107 -9.35 12.11 -7.51
CA THR A 107 -9.44 10.81 -8.24
C THR A 107 -8.12 10.10 -8.64
N GLY A 108 -6.99 10.40 -8.00
CA GLY A 108 -5.66 9.88 -8.34
C GLY A 108 -5.36 8.41 -7.98
N ALA A 109 -6.25 7.76 -7.21
CA ALA A 109 -6.34 6.30 -7.03
C ALA A 109 -5.09 5.55 -6.53
N HIS A 110 -4.22 6.21 -5.76
CA HIS A 110 -2.91 5.69 -5.42
C HIS A 110 -2.92 4.58 -4.34
N LEU A 111 -2.18 3.48 -4.56
CA LEU A 111 -2.08 2.36 -3.62
C LEU A 111 -1.23 2.74 -2.39
N HIS A 112 -1.83 2.74 -1.20
CA HIS A 112 -1.11 2.91 0.08
C HIS A 112 -0.71 1.56 0.66
N PHE A 113 0.56 1.18 0.49
CA PHE A 113 1.19 0.03 1.14
C PHE A 113 1.91 0.34 2.45
N GLN A 114 1.41 -0.22 3.55
CA GLN A 114 1.96 -0.01 4.90
C GLN A 114 2.48 -1.33 5.51
N ARG A 115 3.79 -1.39 5.75
CA ARG A 115 4.50 -2.51 6.37
C ARG A 115 4.59 -2.31 7.88
N MET A 116 4.06 -3.27 8.65
CA MET A 116 3.99 -3.24 10.11
C MET A 116 4.61 -4.51 10.70
N LYS A 117 5.12 -4.43 11.93
CA LYS A 117 5.78 -5.54 12.64
C LYS A 117 5.16 -5.76 14.01
N GLY A 118 4.78 -7.00 14.31
CA GLY A 118 4.28 -7.45 15.62
C GLY A 118 2.82 -7.10 15.92
N GLY A 119 2.11 -6.48 14.98
CA GLY A 119 0.72 -6.05 15.11
C GLY A 119 0.29 -5.14 13.94
N VAL A 120 -0.92 -4.60 14.01
CA VAL A 120 -1.49 -3.68 13.00
C VAL A 120 -1.82 -2.28 13.53
N GLY A 121 -1.28 -1.24 12.90
CA GLY A 121 -1.44 0.17 13.27
C GLY A 121 -0.26 1.05 12.86
N ASN A 122 -0.39 2.36 13.00
CA ASN A 122 0.71 3.32 12.82
C ASN A 122 1.81 3.14 13.89
N ALA A 123 1.43 2.79 15.11
CA ALA A 123 2.31 2.37 16.20
C ALA A 123 3.12 1.09 15.87
N TYR A 124 2.60 0.24 14.98
CA TYR A 124 3.26 -0.97 14.52
C TYR A 124 4.10 -0.83 13.25
N ALA A 125 3.92 0.27 12.52
CA ALA A 125 4.60 0.56 11.27
C ALA A 125 6.13 0.73 11.46
N GLU A 126 6.91 0.29 10.47
CA GLU A 126 8.38 0.32 10.52
C GLU A 126 8.99 1.22 9.44
N ASP A 127 9.13 0.72 8.20
CA ASP A 127 9.30 1.44 6.93
C ASP A 127 9.17 0.38 5.81
N PRO A 128 8.33 0.60 4.79
CA PRO A 128 8.28 -0.25 3.61
C PRO A 128 9.50 -0.10 2.67
N LYS A 129 10.21 1.03 2.67
CA LYS A 129 11.28 1.32 1.68
C LYS A 129 12.38 0.25 1.56
N PRO A 130 13.07 -0.15 2.65
CA PRO A 130 14.18 -1.10 2.62
C PRO A 130 13.73 -2.50 2.20
N PHE A 131 12.49 -2.85 2.54
CA PHE A 131 11.80 -4.05 2.08
C PHE A 131 11.49 -4.12 0.58
N ILE A 132 11.05 -3.03 -0.03
CA ILE A 132 10.85 -2.97 -1.50
C ILE A 132 12.18 -2.96 -2.25
N ASP A 133 13.21 -2.30 -1.70
CA ASP A 133 14.57 -2.26 -2.27
C ASP A 133 15.34 -3.60 -2.38
N GLN A 134 14.73 -4.69 -1.88
CA GLN A 134 15.21 -6.08 -1.95
C GLN A 134 14.20 -7.09 -2.53
N LEU A 135 12.96 -6.67 -2.79
CA LEU A 135 11.94 -7.46 -3.52
C LEU A 135 12.41 -7.83 -4.95
N PRO A 136 11.94 -8.96 -5.52
CA PRO A 136 12.49 -9.54 -6.75
C PRO A 136 12.29 -8.69 -8.01
N ASP A 137 11.20 -7.93 -8.12
CA ASP A 137 10.95 -6.96 -9.21
C ASP A 137 11.03 -5.52 -8.65
N GLY A 138 11.48 -5.32 -7.40
CA GLY A 138 11.35 -4.04 -6.68
C GLY A 138 9.87 -3.67 -6.45
N GLU A 139 9.52 -2.41 -6.67
CA GLU A 139 8.12 -1.94 -6.53
C GLU A 139 7.13 -2.61 -7.52
N ARG A 140 7.60 -3.10 -8.67
CA ARG A 140 6.79 -3.91 -9.61
C ARG A 140 6.41 -5.29 -9.10
N SER A 141 6.88 -5.66 -7.92
CA SER A 141 6.39 -6.82 -7.18
C SER A 141 5.04 -6.54 -6.48
N LEU A 142 4.57 -5.28 -6.52
CA LEU A 142 3.32 -4.82 -5.92
C LEU A 142 2.27 -4.36 -6.96
N TYR A 143 2.61 -4.13 -8.23
CA TYR A 143 1.65 -3.66 -9.25
C TYR A 143 1.83 -4.22 -10.67
N ASP A 144 0.79 -4.13 -11.51
CA ASP A 144 0.81 -4.62 -12.90
C ASP A 144 0.69 -3.48 -13.94
N LEU A 145 1.82 -2.88 -14.30
CA LEU A 145 1.94 -1.79 -15.29
C LEU A 145 2.64 -2.29 -16.57
ZN ZN B . -0.49 6.95 2.06
N GLY A 1 -6.29 22.93 0.31
CA GLY A 1 -5.39 21.78 0.15
C GLY A 1 -5.78 20.89 -1.02
N SER A 2 -5.25 21.18 -2.20
CA SER A 2 -5.24 20.28 -3.37
C SER A 2 -3.80 19.85 -3.70
N LYS A 3 -3.66 18.68 -4.34
CA LYS A 3 -2.39 18.17 -4.90
C LYS A 3 -2.41 18.22 -6.44
N TRP A 4 -1.22 18.13 -7.05
CA TRP A 4 -1.03 18.07 -8.50
C TRP A 4 -0.06 17.00 -8.94
N GLU A 5 -0.40 16.20 -9.95
CA GLU A 5 0.48 15.14 -10.46
C GLU A 5 1.73 15.72 -11.17
N ASP A 6 2.86 15.06 -10.97
CA ASP A 6 4.12 15.29 -11.66
C ASP A 6 4.62 14.11 -12.50
N PHE A 7 5.31 14.43 -13.61
CA PHE A 7 5.94 13.46 -14.49
C PHE A 7 6.95 12.50 -13.84
N PHE A 8 6.90 11.21 -14.20
CA PHE A 8 7.80 10.18 -13.68
C PHE A 8 8.26 9.09 -14.67
N ARG A 9 9.50 8.60 -14.48
CA ARG A 9 10.07 7.39 -15.08
C ARG A 9 10.71 6.50 -14.02
N GLY A 10 10.74 5.19 -14.30
CA GLY A 10 11.07 4.17 -13.30
C GLY A 10 10.03 4.13 -12.17
N SER A 11 10.40 4.61 -10.99
CA SER A 11 9.56 4.62 -9.79
C SER A 11 8.29 5.48 -9.86
N ARG A 12 7.24 5.12 -9.10
CA ARG A 12 5.90 5.77 -9.11
C ARG A 12 5.38 6.23 -7.72
N ILE A 13 6.23 6.69 -6.80
CA ILE A 13 5.79 7.06 -5.44
C ILE A 13 5.26 8.51 -5.36
N THR A 14 4.16 8.73 -4.61
CA THR A 14 3.58 10.04 -4.23
C THR A 14 3.75 10.45 -2.76
N GLU A 15 3.88 9.48 -1.85
CA GLU A 15 4.10 9.67 -0.41
C GLU A 15 4.97 8.54 0.15
N THR A 16 5.74 8.83 1.19
CA THR A 16 6.75 7.95 1.81
C THR A 16 6.63 8.02 3.34
N PHE A 17 7.32 7.13 4.06
CA PHE A 17 7.22 7.02 5.51
C PHE A 17 7.87 8.30 6.08
N GLY A 18 7.15 9.03 6.93
CA GLY A 18 7.59 10.33 7.45
C GLY A 18 6.44 11.20 7.96
N LYS A 19 6.55 12.52 7.73
CA LYS A 19 5.56 13.53 8.11
C LYS A 19 5.25 14.48 6.95
N TYR A 20 4.01 14.96 6.87
CA TYR A 20 3.53 15.83 5.79
C TYR A 20 4.14 17.23 5.71
N GLN A 21 4.44 17.73 4.51
CA GLN A 21 4.81 19.13 4.28
C GLN A 21 3.56 20.02 4.40
N HIS A 22 2.47 19.65 3.73
CA HIS A 22 1.16 20.32 3.78
C HIS A 22 0.02 19.29 3.66
N SER A 23 -0.98 19.36 4.55
CA SER A 23 -2.14 18.47 4.56
C SER A 23 -3.31 19.04 5.39
N PRO A 24 -4.55 18.51 5.26
CA PRO A 24 -5.65 18.80 6.18
C PRO A 24 -5.62 17.93 7.46
N PHE A 25 -4.71 16.96 7.54
CA PHE A 25 -4.68 15.89 8.54
C PHE A 25 -3.79 16.31 9.73
N ASP A 26 -3.60 15.37 10.67
CA ASP A 26 -2.67 15.49 11.81
C ASP A 26 -1.16 15.60 11.50
N GLY A 27 -0.75 15.29 10.27
CA GLY A 27 0.58 15.57 9.72
C GLY A 27 1.54 14.38 9.63
N LYS A 28 1.09 13.13 9.78
CA LYS A 28 1.95 11.94 9.97
C LYS A 28 1.59 10.78 9.03
N HIS A 29 2.60 10.02 8.57
CA HIS A 29 2.43 9.02 7.51
C HIS A 29 3.36 7.80 7.69
N TYR A 30 2.80 6.60 7.59
CA TYR A 30 3.44 5.32 7.96
C TYR A 30 3.45 4.26 6.85
N GLY A 31 3.31 4.68 5.60
CA GLY A 31 3.29 3.82 4.41
C GLY A 31 4.00 4.41 3.19
N ILE A 32 3.85 3.73 2.06
CA ILE A 32 4.29 4.12 0.71
C ILE A 32 3.06 4.25 -0.19
N ASP A 33 2.98 5.30 -1.02
CA ASP A 33 1.82 5.54 -1.90
C ASP A 33 2.12 5.52 -3.40
N PHE A 34 1.81 4.42 -4.10
CA PHE A 34 2.05 4.26 -5.54
C PHE A 34 1.01 4.95 -6.44
N ALA A 35 1.44 5.72 -7.43
CA ALA A 35 0.62 6.61 -8.28
C ALA A 35 -0.21 5.91 -9.38
N LEU A 36 -0.72 4.70 -9.14
CA LEU A 36 -1.30 3.86 -10.20
C LEU A 36 -2.67 4.40 -10.67
N PRO A 37 -3.04 4.22 -11.96
CA PRO A 37 -4.40 4.50 -12.41
C PRO A 37 -5.43 3.57 -11.77
N LYS A 38 -6.63 4.10 -11.54
CA LYS A 38 -7.78 3.33 -11.04
C LYS A 38 -8.04 2.11 -11.92
N GLY A 39 -8.15 0.93 -11.31
CA GLY A 39 -8.31 -0.36 -12.00
C GLY A 39 -7.02 -1.18 -12.17
N THR A 40 -5.83 -0.63 -11.90
CA THR A 40 -4.58 -1.40 -11.83
C THR A 40 -4.61 -2.53 -10.79
N PRO A 41 -4.31 -3.79 -11.15
CA PRO A 41 -4.17 -4.86 -10.18
C PRO A 41 -2.91 -4.70 -9.32
N ILE A 42 -3.11 -4.81 -8.00
CA ILE A 42 -2.06 -4.89 -6.97
C ILE A 42 -1.63 -6.35 -6.84
N LYS A 43 -0.32 -6.63 -6.89
CA LYS A 43 0.26 -7.97 -6.72
C LYS A 43 0.82 -8.14 -5.30
N ALA A 44 0.86 -9.37 -4.79
CA ALA A 44 1.45 -9.68 -3.48
C ALA A 44 3.00 -9.59 -3.53
N PRO A 45 3.67 -8.86 -2.61
CA PRO A 45 5.13 -8.76 -2.54
C PRO A 45 5.81 -10.03 -2.00
N THR A 46 5.06 -10.78 -1.20
CA THR A 46 5.46 -12.01 -0.53
C THR A 46 4.39 -13.08 -0.70
N ASN A 47 4.71 -14.35 -0.44
CA ASN A 47 3.67 -15.27 0.02
C ASN A 47 3.09 -14.72 1.34
N GLY A 48 1.79 -14.93 1.54
CA GLY A 48 1.12 -14.59 2.80
C GLY A 48 -0.30 -15.15 2.89
N LYS A 49 -1.12 -14.65 3.82
CA LYS A 49 -2.55 -14.98 3.95
C LYS A 49 -3.37 -13.81 4.46
N VAL A 50 -4.60 -13.66 3.97
CA VAL A 50 -5.49 -12.58 4.38
C VAL A 50 -6.00 -12.68 5.81
N THR A 51 -5.84 -11.61 6.59
CA THR A 51 -6.30 -11.48 7.98
C THR A 51 -7.66 -10.83 8.16
N ARG A 52 -7.87 -9.73 7.42
CA ARG A 52 -8.99 -8.79 7.64
C ARG A 52 -9.27 -7.97 6.38
N ILE A 53 -10.53 -7.67 6.11
CA ILE A 53 -11.00 -6.97 4.91
C ILE A 53 -12.12 -5.98 5.28
N PHE A 54 -11.86 -4.69 5.11
CA PHE A 54 -12.71 -3.62 5.67
C PHE A 54 -12.62 -2.31 4.87
N ASN A 55 -13.31 -1.25 5.32
CA ASN A 55 -13.21 0.09 4.72
C ASN A 55 -13.20 1.20 5.79
N ASN A 56 -12.53 2.31 5.50
CA ASN A 56 -12.48 3.53 6.32
C ASN A 56 -12.95 4.77 5.52
N GLU A 57 -13.31 5.86 6.20
CA GLU A 57 -13.98 7.02 5.56
C GLU A 57 -13.14 7.78 4.52
N LEU A 58 -11.85 8.02 4.78
CA LEU A 58 -10.93 8.75 3.87
C LEU A 58 -9.65 7.97 3.54
N GLY A 59 -9.38 6.87 4.24
CA GLY A 59 -8.42 5.82 3.87
C GLY A 59 -8.94 4.83 2.81
N GLY A 60 -10.22 4.94 2.45
CA GLY A 60 -10.85 4.09 1.43
C GLY A 60 -11.02 2.64 1.86
N LYS A 61 -11.12 1.74 0.88
CA LYS A 61 -11.10 0.29 1.11
C LYS A 61 -9.74 -0.20 1.57
N VAL A 62 -9.75 -1.22 2.43
CA VAL A 62 -8.57 -1.85 3.00
C VAL A 62 -8.54 -3.38 2.92
N LEU A 63 -7.37 -3.92 2.58
CA LEU A 63 -7.00 -5.33 2.68
C LEU A 63 -5.85 -5.46 3.68
N GLN A 64 -5.95 -6.40 4.62
CA GLN A 64 -4.88 -6.77 5.57
C GLN A 64 -4.34 -8.17 5.25
N ILE A 65 -3.03 -8.30 5.06
CA ILE A 65 -2.34 -9.58 4.85
C ILE A 65 -1.27 -9.84 5.92
N ALA A 66 -1.12 -11.09 6.31
CA ALA A 66 -0.06 -11.61 7.18
C ALA A 66 1.03 -12.32 6.35
N GLU A 67 2.32 -12.08 6.66
CA GLU A 67 3.45 -12.84 6.08
C GLU A 67 3.63 -14.20 6.78
N ASP A 68 4.31 -15.18 6.17
CA ASP A 68 4.63 -16.46 6.84
C ASP A 68 5.76 -16.36 7.89
N ASN A 69 6.47 -15.24 7.94
CA ASN A 69 7.59 -14.97 8.87
C ASN A 69 7.15 -15.06 10.35
N GLY A 70 5.86 -14.87 10.63
CA GLY A 70 5.21 -15.12 11.93
C GLY A 70 4.99 -13.88 12.79
N GLU A 71 5.35 -12.69 12.31
CA GLU A 71 5.35 -11.42 13.07
C GLU A 71 4.90 -10.18 12.28
N TYR A 72 5.12 -10.18 10.95
CA TYR A 72 4.78 -9.12 10.00
C TYR A 72 3.36 -9.11 9.38
N HIS A 73 2.80 -7.90 9.23
CA HIS A 73 1.53 -7.56 8.58
C HIS A 73 1.72 -6.52 7.45
N GLN A 74 0.74 -6.47 6.55
CA GLN A 74 0.73 -5.70 5.31
C GLN A 74 -0.65 -5.09 5.04
N TRP A 75 -0.79 -3.78 5.25
CA TRP A 75 -1.98 -3.02 4.86
C TRP A 75 -1.94 -2.55 3.40
N TYR A 76 -3.10 -2.54 2.74
CA TYR A 76 -3.34 -2.10 1.37
C TYR A 76 -4.57 -1.18 1.36
N LEU A 77 -4.37 0.11 1.59
CA LEU A 77 -5.42 1.15 1.60
C LEU A 77 -5.67 1.69 0.17
N HIS A 78 -6.84 2.30 -0.03
CA HIS A 78 -7.33 2.87 -1.29
C HIS A 78 -7.53 1.85 -2.43
N LEU A 79 -8.22 0.75 -2.15
CA LEU A 79 -8.62 -0.24 -3.15
C LEU A 79 -9.99 0.07 -3.78
N ASP A 80 -10.26 -0.47 -4.99
CA ASP A 80 -11.56 -0.41 -5.68
C ASP A 80 -12.32 -1.71 -5.44
N LYS A 81 -11.62 -2.83 -5.62
CA LYS A 81 -12.15 -4.19 -5.63
C LYS A 81 -11.13 -5.22 -5.13
N TYR A 82 -11.59 -6.30 -4.50
CA TYR A 82 -10.76 -7.36 -3.92
C TYR A 82 -10.74 -8.62 -4.80
N ASN A 83 -9.54 -9.18 -5.01
CA ASN A 83 -9.39 -10.48 -5.68
C ASN A 83 -9.49 -11.66 -4.70
N VAL A 84 -9.13 -11.43 -3.42
CA VAL A 84 -9.07 -12.45 -2.34
C VAL A 84 -10.15 -12.21 -1.25
N LYS A 85 -10.34 -13.22 -0.40
CA LYS A 85 -11.20 -13.21 0.80
C LYS A 85 -10.38 -13.41 2.08
N VAL A 86 -10.94 -13.07 3.25
CA VAL A 86 -10.36 -13.35 4.57
C VAL A 86 -10.10 -14.86 4.70
N GLY A 87 -8.86 -15.19 5.04
CA GLY A 87 -8.39 -16.57 5.28
C GLY A 87 -7.82 -17.29 4.05
N ASP A 88 -7.57 -16.59 2.93
CA ASP A 88 -7.00 -17.23 1.73
C ASP A 88 -5.49 -16.99 1.76
N ARG A 89 -4.72 -18.05 1.49
CA ARG A 89 -3.28 -17.97 1.21
C ARG A 89 -3.01 -17.38 -0.18
N VAL A 90 -1.91 -16.65 -0.29
CA VAL A 90 -1.41 -16.00 -1.51
C VAL A 90 0.07 -16.30 -1.74
N LYS A 91 0.54 -15.98 -2.96
CA LYS A 91 1.86 -16.27 -3.49
C LYS A 91 2.46 -15.02 -4.14
N ALA A 92 3.72 -14.71 -3.84
CA ALA A 92 4.45 -13.56 -4.38
C ALA A 92 4.29 -13.40 -5.90
N GLY A 93 3.78 -12.23 -6.30
CA GLY A 93 3.52 -11.86 -7.70
C GLY A 93 2.13 -12.20 -8.23
N ASP A 94 1.23 -12.71 -7.39
CA ASP A 94 -0.20 -12.90 -7.68
C ASP A 94 -1.09 -11.72 -7.31
N ILE A 95 -2.18 -11.50 -8.04
CA ILE A 95 -3.12 -10.41 -7.77
C ILE A 95 -3.91 -10.64 -6.49
N ILE A 96 -4.10 -9.58 -5.72
CA ILE A 96 -4.85 -9.59 -4.45
C ILE A 96 -5.99 -8.55 -4.43
N ALA A 97 -5.92 -7.51 -5.26
CA ALA A 97 -6.94 -6.45 -5.38
C ALA A 97 -6.65 -5.53 -6.57
N TYR A 98 -7.49 -4.51 -6.80
CA TYR A 98 -7.25 -3.47 -7.80
C TYR A 98 -7.27 -2.10 -7.09
N SER A 99 -6.35 -1.21 -7.45
CA SER A 99 -6.24 0.15 -6.89
C SER A 99 -7.43 1.02 -7.26
N GLY A 100 -7.95 1.76 -6.29
CA GLY A 100 -9.13 2.60 -6.44
C GLY A 100 -8.90 4.05 -6.00
N ASN A 101 -9.87 4.91 -6.34
CA ASN A 101 -9.91 6.31 -5.93
C ASN A 101 -10.57 6.52 -4.54
N THR A 102 -10.97 5.42 -3.90
CA THR A 102 -11.73 5.39 -2.64
C THR A 102 -11.06 6.13 -1.48
N GLY A 103 -11.81 7.01 -0.83
CA GLY A 103 -11.34 7.93 0.21
C GLY A 103 -10.51 9.13 -0.27
N ILE A 104 -9.90 9.08 -1.46
CA ILE A 104 -9.01 10.14 -1.99
C ILE A 104 -9.80 11.23 -2.73
N GLN A 105 -10.35 10.88 -3.89
CA GLN A 105 -10.93 11.81 -4.88
C GLN A 105 -11.97 11.05 -5.73
N THR A 106 -12.83 11.73 -6.50
CA THR A 106 -13.81 11.04 -7.37
C THR A 106 -13.24 10.24 -8.57
N THR A 107 -12.05 10.62 -9.05
CA THR A 107 -11.28 9.91 -10.12
C THR A 107 -9.78 9.65 -9.85
N GLY A 108 -9.15 10.48 -9.02
CA GLY A 108 -7.74 10.36 -8.63
C GLY A 108 -7.46 9.25 -7.60
N ALA A 109 -6.33 8.55 -7.73
CA ALA A 109 -6.03 7.29 -7.03
C ALA A 109 -4.53 7.11 -6.69
N HIS A 110 -4.22 6.36 -5.61
CA HIS A 110 -2.87 5.88 -5.26
C HIS A 110 -2.91 4.68 -4.28
N LEU A 111 -2.15 3.60 -4.50
CA LEU A 111 -2.08 2.43 -3.59
C LEU A 111 -1.24 2.75 -2.35
N HIS A 112 -1.83 2.76 -1.16
CA HIS A 112 -1.09 2.92 0.11
C HIS A 112 -0.73 1.58 0.74
N PHE A 113 0.54 1.18 0.58
CA PHE A 113 1.16 0.03 1.23
C PHE A 113 1.89 0.34 2.54
N GLN A 114 1.41 -0.23 3.64
CA GLN A 114 1.93 -0.01 5.00
C GLN A 114 2.31 -1.33 5.68
N ARG A 115 3.61 -1.51 5.99
CA ARG A 115 4.16 -2.73 6.58
C ARG A 115 4.38 -2.57 8.10
N MET A 116 3.84 -3.50 8.89
CA MET A 116 3.80 -3.47 10.35
C MET A 116 4.34 -4.76 10.96
N LYS A 117 4.80 -4.72 12.22
CA LYS A 117 5.38 -5.87 12.95
C LYS A 117 4.85 -5.93 14.38
N GLY A 118 4.51 -7.13 14.84
CA GLY A 118 4.04 -7.41 16.21
C GLY A 118 2.56 -7.10 16.47
N GLY A 119 1.93 -6.29 15.61
CA GLY A 119 0.54 -5.86 15.69
C GLY A 119 0.15 -5.00 14.50
N VAL A 120 -1.02 -4.35 14.56
CA VAL A 120 -1.61 -3.60 13.44
C VAL A 120 -2.04 -2.18 13.81
N GLY A 121 -1.36 -1.17 13.25
CA GLY A 121 -1.54 0.26 13.54
C GLY A 121 -0.29 1.07 13.20
N ASN A 122 -0.38 2.40 13.20
CA ASN A 122 0.76 3.27 12.85
C ASN A 122 1.97 3.09 13.79
N ALA A 123 1.75 2.95 15.09
CA ALA A 123 2.80 2.64 16.08
C ALA A 123 3.53 1.29 15.82
N TYR A 124 2.86 0.34 15.18
CA TYR A 124 3.43 -0.95 14.77
C TYR A 124 4.18 -0.96 13.44
N ALA A 125 4.05 0.11 12.66
CA ALA A 125 4.65 0.26 11.34
C ALA A 125 6.18 0.43 11.40
N GLU A 126 6.90 -0.17 10.45
CA GLU A 126 8.36 -0.27 10.49
C GLU A 126 9.07 0.68 9.49
N ASP A 127 9.14 0.30 8.20
CA ASP A 127 9.39 1.13 7.00
C ASP A 127 9.22 0.20 5.78
N PRO A 128 8.34 0.53 4.83
CA PRO A 128 8.17 -0.25 3.61
C PRO A 128 9.31 -0.11 2.58
N LYS A 129 10.02 1.03 2.50
CA LYS A 129 11.01 1.26 1.44
C LYS A 129 12.17 0.27 1.37
N PRO A 130 12.91 0.00 2.46
CA PRO A 130 14.08 -0.89 2.44
C PRO A 130 13.68 -2.34 2.08
N PHE A 131 12.47 -2.73 2.47
CA PHE A 131 11.79 -3.95 2.02
C PHE A 131 11.50 -4.05 0.51
N ILE A 132 10.99 -2.99 -0.12
CA ILE A 132 10.78 -2.95 -1.59
C ILE A 132 12.12 -2.91 -2.35
N ASP A 133 13.13 -2.27 -1.76
CA ASP A 133 14.51 -2.18 -2.26
C ASP A 133 15.28 -3.52 -2.29
N GLN A 134 14.62 -4.62 -1.88
CA GLN A 134 15.09 -6.01 -2.01
C GLN A 134 14.10 -6.95 -2.74
N LEU A 135 12.87 -6.50 -3.05
CA LEU A 135 11.87 -7.29 -3.77
C LEU A 135 12.29 -7.63 -5.22
N PRO A 136 11.83 -8.77 -5.79
CA PRO A 136 12.40 -9.36 -7.01
C PRO A 136 12.24 -8.49 -8.28
N ASP A 137 11.14 -7.77 -8.44
CA ASP A 137 10.96 -6.71 -9.44
C ASP A 137 10.85 -5.30 -8.79
N GLY A 138 11.26 -5.19 -7.53
CA GLY A 138 11.08 -3.99 -6.71
C GLY A 138 9.60 -3.65 -6.51
N GLU A 139 9.24 -2.38 -6.66
CA GLU A 139 7.85 -1.91 -6.60
C GLU A 139 6.96 -2.54 -7.68
N ARG A 140 7.55 -3.02 -8.79
CA ARG A 140 6.81 -3.77 -9.84
C ARG A 140 6.42 -5.19 -9.37
N SER A 141 6.82 -5.62 -8.18
CA SER A 141 6.24 -6.78 -7.47
C SER A 141 4.97 -6.42 -6.67
N LEU A 142 4.61 -5.14 -6.55
CA LEU A 142 3.40 -4.65 -5.88
C LEU A 142 2.30 -4.27 -6.89
N TYR A 143 2.62 -4.02 -8.16
CA TYR A 143 1.63 -3.56 -9.15
C TYR A 143 1.83 -4.02 -10.60
N ASP A 144 0.77 -3.98 -11.41
CA ASP A 144 0.80 -4.29 -12.85
C ASP A 144 0.74 -3.07 -13.78
N LEU A 145 1.88 -2.46 -14.08
CA LEU A 145 2.02 -1.38 -15.06
C LEU A 145 2.95 -1.82 -16.20
ZN ZN B . -0.18 7.60 1.81
N GLY A 1 15.34 15.07 9.56
CA GLY A 1 14.77 16.32 9.04
C GLY A 1 13.27 16.24 8.92
N SER A 2 12.59 17.38 8.99
CA SER A 2 11.12 17.49 8.95
C SER A 2 10.51 17.82 7.58
N LYS A 3 11.32 18.25 6.61
CA LYS A 3 10.94 18.44 5.20
C LYS A 3 10.86 17.10 4.46
N TRP A 4 10.04 17.00 3.40
CA TRP A 4 10.09 15.88 2.46
C TRP A 4 11.42 15.87 1.67
N GLU A 5 12.19 14.79 1.79
CA GLU A 5 13.51 14.64 1.14
C GLU A 5 13.42 14.62 -0.39
N ASP A 6 14.46 15.12 -1.05
CA ASP A 6 14.56 15.22 -2.52
C ASP A 6 14.94 13.85 -3.15
N PHE A 7 14.39 13.56 -4.33
CA PHE A 7 14.74 12.39 -5.14
C PHE A 7 15.97 12.53 -6.07
N PHE A 8 16.47 11.41 -6.60
CA PHE A 8 17.52 11.36 -7.63
C PHE A 8 17.11 10.92 -9.05
N ARG A 9 15.99 10.20 -9.16
CA ARG A 9 15.34 9.78 -10.42
C ARG A 9 13.80 9.87 -10.30
N GLY A 10 13.08 9.77 -11.43
CA GLY A 10 11.61 9.84 -11.46
C GLY A 10 10.92 8.73 -10.66
N SER A 11 9.76 9.01 -10.06
CA SER A 11 9.07 8.09 -9.16
C SER A 11 7.54 8.22 -9.20
N ARG A 12 6.87 7.10 -8.90
CA ARG A 12 5.41 6.98 -8.67
C ARG A 12 4.99 7.36 -7.25
N ILE A 13 5.90 7.56 -6.30
CA ILE A 13 5.51 7.72 -4.89
C ILE A 13 5.01 9.14 -4.58
N THR A 14 3.73 9.28 -4.20
CA THR A 14 3.15 10.52 -3.65
C THR A 14 3.77 10.95 -2.32
N GLU A 15 3.79 10.04 -1.35
CA GLU A 15 4.42 10.20 -0.04
C GLU A 15 5.03 8.88 0.44
N THR A 16 6.31 8.93 0.82
CA THR A 16 7.05 7.84 1.49
C THR A 16 6.74 7.88 2.99
N PHE A 17 7.44 7.07 3.78
CA PHE A 17 7.32 7.09 5.25
C PHE A 17 7.98 8.41 5.68
N GLY A 18 7.24 9.26 6.40
CA GLY A 18 7.66 10.62 6.76
C GLY A 18 6.58 11.41 7.50
N LYS A 19 6.60 12.74 7.44
CA LYS A 19 5.54 13.61 7.99
C LYS A 19 5.17 14.77 7.05
N TYR A 20 3.91 15.17 7.12
CA TYR A 20 3.23 15.94 6.08
C TYR A 20 3.66 17.39 5.81
N GLN A 21 4.02 18.12 6.88
CA GLN A 21 4.59 19.48 6.82
C GLN A 21 5.81 19.63 7.73
N HIS A 22 6.69 20.59 7.44
CA HIS A 22 7.92 20.93 8.21
C HIS A 22 7.67 21.47 9.64
N SER A 23 6.41 21.49 10.09
CA SER A 23 5.93 21.90 11.42
C SER A 23 6.58 21.11 12.58
N PRO A 24 6.46 21.53 13.85
CA PRO A 24 6.95 20.76 15.00
C PRO A 24 6.13 19.48 15.28
N PHE A 25 4.93 19.36 14.70
CA PHE A 25 3.93 18.34 15.06
C PHE A 25 4.27 16.93 14.58
N ASP A 26 3.66 15.92 15.20
CA ASP A 26 3.87 14.49 14.93
C ASP A 26 2.97 14.01 13.76
N GLY A 27 2.78 14.87 12.73
CA GLY A 27 1.84 14.72 11.61
C GLY A 27 2.26 13.69 10.56
N LYS A 28 2.40 12.43 10.97
CA LYS A 28 3.03 11.35 10.20
C LYS A 28 2.18 10.69 9.12
N HIS A 29 2.87 10.30 8.04
CA HIS A 29 2.47 9.24 7.12
C HIS A 29 3.21 7.93 7.50
N TYR A 30 2.45 6.85 7.71
CA TYR A 30 2.98 5.52 8.03
C TYR A 30 2.65 4.62 6.82
N GLY A 31 3.60 4.49 5.88
CA GLY A 31 3.45 3.67 4.68
C GLY A 31 4.15 4.26 3.45
N ILE A 32 3.92 3.64 2.29
CA ILE A 32 4.37 4.07 0.96
C ILE A 32 3.14 4.30 0.07
N ASP A 33 3.09 5.40 -0.68
CA ASP A 33 1.96 5.77 -1.57
C ASP A 33 2.21 5.71 -3.08
N PHE A 34 1.93 4.59 -3.75
CA PHE A 34 2.10 4.41 -5.20
C PHE A 34 1.01 5.03 -6.08
N ALA A 35 1.27 6.14 -6.77
CA ALA A 35 0.37 6.70 -7.76
C ALA A 35 0.18 5.72 -8.93
N LEU A 36 -1.07 5.30 -9.17
CA LEU A 36 -1.41 4.28 -10.18
C LEU A 36 -2.55 4.77 -11.09
N PRO A 37 -2.61 4.29 -12.34
CA PRO A 37 -3.86 4.36 -13.09
C PRO A 37 -4.94 3.54 -12.35
N LYS A 38 -6.14 4.11 -12.26
CA LYS A 38 -7.27 3.51 -11.55
C LYS A 38 -7.63 2.14 -12.15
N GLY A 39 -7.93 1.17 -11.30
CA GLY A 39 -8.20 -0.22 -11.69
C GLY A 39 -6.96 -1.13 -11.85
N THR A 40 -5.72 -0.60 -11.77
CA THR A 40 -4.51 -1.45 -11.72
C THR A 40 -4.59 -2.54 -10.64
N PRO A 41 -4.36 -3.82 -10.99
CA PRO A 41 -4.26 -4.88 -9.99
C PRO A 41 -3.00 -4.74 -9.13
N ILE A 42 -3.21 -4.83 -7.82
CA ILE A 42 -2.18 -4.91 -6.78
C ILE A 42 -1.76 -6.37 -6.63
N LYS A 43 -0.45 -6.64 -6.63
CA LYS A 43 0.14 -7.97 -6.45
C LYS A 43 0.71 -8.09 -5.03
N ALA A 44 0.84 -9.31 -4.52
CA ALA A 44 1.53 -9.56 -3.25
C ALA A 44 3.07 -9.47 -3.42
N PRO A 45 3.82 -8.71 -2.59
CA PRO A 45 5.29 -8.68 -2.63
C PRO A 45 5.95 -9.99 -2.18
N THR A 46 5.29 -10.66 -1.24
CA THR A 46 5.77 -11.83 -0.51
C THR A 46 4.60 -12.81 -0.36
N ASN A 47 4.88 -14.09 -0.10
CA ASN A 47 3.83 -15.05 0.23
C ASN A 47 3.35 -14.87 1.69
N GLY A 48 2.03 -14.97 1.87
CA GLY A 48 1.33 -14.70 3.14
C GLY A 48 -0.13 -15.19 3.16
N LYS A 49 -0.98 -14.62 4.02
CA LYS A 49 -2.43 -14.89 4.11
C LYS A 49 -3.23 -13.71 4.63
N VAL A 50 -4.46 -13.55 4.16
CA VAL A 50 -5.39 -12.47 4.57
C VAL A 50 -5.91 -12.58 6.01
N THR A 51 -5.78 -11.49 6.76
CA THR A 51 -6.18 -11.38 8.19
C THR A 51 -7.54 -10.74 8.43
N ARG A 52 -7.79 -9.64 7.71
CA ARG A 52 -8.91 -8.69 7.97
C ARG A 52 -9.23 -7.87 6.73
N ILE A 53 -10.52 -7.61 6.49
CA ILE A 53 -11.03 -6.93 5.29
C ILE A 53 -12.20 -5.99 5.64
N PHE A 54 -12.01 -4.68 5.49
CA PHE A 54 -12.92 -3.63 5.99
C PHE A 54 -12.76 -2.31 5.21
N ASN A 55 -13.43 -1.22 5.64
CA ASN A 55 -13.29 0.12 5.03
C ASN A 55 -13.00 1.19 6.11
N ASN A 56 -12.02 2.07 5.90
CA ASN A 56 -11.68 3.16 6.83
C ASN A 56 -12.71 4.30 6.68
N GLU A 57 -13.28 4.78 7.79
CA GLU A 57 -14.35 5.80 7.79
C GLU A 57 -13.91 7.22 7.38
N LEU A 58 -12.61 7.51 7.41
CA LEU A 58 -12.03 8.73 6.81
C LEU A 58 -11.65 8.54 5.33
N GLY A 59 -11.84 7.33 4.81
CA GLY A 59 -11.02 6.75 3.79
C GLY A 59 -11.78 5.78 2.90
N GLY A 60 -11.01 4.86 2.34
CA GLY A 60 -11.42 3.90 1.32
C GLY A 60 -11.51 2.47 1.84
N LYS A 61 -11.62 1.52 0.90
CA LYS A 61 -11.50 0.09 1.21
C LYS A 61 -10.08 -0.29 1.66
N VAL A 62 -10.02 -1.29 2.54
CA VAL A 62 -8.79 -1.83 3.13
C VAL A 62 -8.70 -3.36 3.13
N LEU A 63 -7.50 -3.86 2.79
CA LEU A 63 -7.09 -5.26 2.89
C LEU A 63 -5.91 -5.38 3.88
N GLN A 64 -6.01 -6.25 4.89
CA GLN A 64 -4.92 -6.59 5.83
C GLN A 64 -4.37 -8.00 5.50
N ILE A 65 -3.07 -8.12 5.30
CA ILE A 65 -2.36 -9.40 5.06
C ILE A 65 -1.27 -9.63 6.11
N ALA A 66 -1.04 -10.90 6.46
CA ALA A 66 0.03 -11.40 7.31
C ALA A 66 1.06 -12.16 6.48
N GLU A 67 2.36 -11.97 6.71
CA GLU A 67 3.43 -12.73 6.05
C GLU A 67 3.57 -14.17 6.56
N ASP A 68 3.93 -15.10 5.66
CA ASP A 68 4.20 -16.51 5.98
C ASP A 68 5.43 -16.81 6.84
N ASN A 69 6.40 -15.88 6.92
CA ASN A 69 7.48 -15.96 7.91
C ASN A 69 6.97 -15.82 9.37
N GLY A 70 5.83 -15.15 9.57
CA GLY A 70 4.98 -15.31 10.76
C GLY A 70 4.98 -14.20 11.82
N GLU A 71 5.41 -12.97 11.50
CA GLU A 71 5.37 -11.83 12.45
C GLU A 71 5.06 -10.45 11.83
N TYR A 72 5.35 -10.27 10.54
CA TYR A 72 4.98 -9.08 9.76
C TYR A 72 3.53 -9.00 9.25
N HIS A 73 2.98 -7.78 9.18
CA HIS A 73 1.67 -7.43 8.58
C HIS A 73 1.80 -6.38 7.48
N GLN A 74 0.77 -6.31 6.64
CA GLN A 74 0.71 -5.56 5.41
C GLN A 74 -0.69 -4.97 5.19
N TRP A 75 -0.86 -3.66 5.42
CA TRP A 75 -2.08 -2.96 5.00
C TRP A 75 -2.02 -2.50 3.54
N TYR A 76 -3.18 -2.53 2.89
CA TYR A 76 -3.44 -2.08 1.53
C TYR A 76 -4.68 -1.16 1.52
N LEU A 77 -4.48 0.16 1.63
CA LEU A 77 -5.56 1.17 1.60
C LEU A 77 -5.73 1.74 0.18
N HIS A 78 -6.91 2.30 -0.10
CA HIS A 78 -7.36 2.87 -1.39
C HIS A 78 -7.57 1.83 -2.52
N LEU A 79 -8.33 0.78 -2.18
CA LEU A 79 -8.74 -0.26 -3.13
C LEU A 79 -10.11 0.04 -3.74
N ASP A 80 -10.30 -0.30 -5.01
CA ASP A 80 -11.57 -0.22 -5.76
C ASP A 80 -12.37 -1.48 -5.48
N LYS A 81 -11.66 -2.62 -5.51
CA LYS A 81 -12.14 -3.99 -5.50
C LYS A 81 -11.08 -4.94 -4.92
N TYR A 82 -11.50 -6.04 -4.32
CA TYR A 82 -10.61 -7.11 -3.85
C TYR A 82 -10.52 -8.26 -4.88
N ASN A 83 -9.46 -9.07 -4.80
CA ASN A 83 -9.35 -10.36 -5.51
C ASN A 83 -9.42 -11.56 -4.56
N VAL A 84 -8.99 -11.38 -3.30
CA VAL A 84 -8.96 -12.40 -2.23
C VAL A 84 -9.97 -12.05 -1.14
N LYS A 85 -10.22 -13.01 -0.23
CA LYS A 85 -11.05 -12.83 0.98
C LYS A 85 -10.30 -13.30 2.24
N VAL A 86 -10.87 -13.06 3.44
CA VAL A 86 -10.23 -13.38 4.73
C VAL A 86 -9.90 -14.88 4.77
N GLY A 87 -8.67 -15.18 5.15
CA GLY A 87 -8.14 -16.54 5.27
C GLY A 87 -7.48 -17.11 4.01
N ASP A 88 -7.38 -16.32 2.92
CA ASP A 88 -6.78 -16.76 1.67
C ASP A 88 -5.26 -16.69 1.70
N ARG A 89 -4.58 -17.79 1.38
CA ARG A 89 -3.13 -17.79 1.21
C ARG A 89 -2.71 -17.18 -0.12
N VAL A 90 -1.84 -16.18 -0.07
CA VAL A 90 -1.29 -15.46 -1.22
C VAL A 90 0.16 -15.84 -1.45
N LYS A 91 0.62 -15.65 -2.68
CA LYS A 91 1.99 -15.93 -3.13
C LYS A 91 2.55 -14.69 -3.81
N ALA A 92 3.83 -14.39 -3.58
CA ALA A 92 4.56 -13.32 -4.23
C ALA A 92 4.31 -13.27 -5.75
N GLY A 93 3.86 -12.11 -6.23
CA GLY A 93 3.54 -11.84 -7.64
C GLY A 93 2.13 -12.28 -8.08
N ASP A 94 1.27 -12.73 -7.17
CA ASP A 94 -0.15 -13.01 -7.39
C ASP A 94 -1.05 -11.79 -7.09
N ILE A 95 -2.15 -11.59 -7.81
CA ILE A 95 -3.10 -10.50 -7.57
C ILE A 95 -3.90 -10.70 -6.28
N ILE A 96 -4.06 -9.62 -5.54
CA ILE A 96 -4.81 -9.57 -4.26
C ILE A 96 -5.93 -8.53 -4.27
N ALA A 97 -5.87 -7.50 -5.12
CA ALA A 97 -6.88 -6.43 -5.20
C ALA A 97 -6.65 -5.52 -6.42
N TYR A 98 -7.41 -4.42 -6.54
CA TYR A 98 -7.26 -3.41 -7.58
C TYR A 98 -7.36 -2.03 -6.90
N SER A 99 -6.51 -1.06 -7.26
CA SER A 99 -6.52 0.31 -6.69
C SER A 99 -7.67 1.18 -7.24
N GLY A 100 -8.26 2.02 -6.39
CA GLY A 100 -9.34 2.95 -6.75
C GLY A 100 -9.30 4.26 -5.96
N ASN A 101 -9.99 5.30 -6.42
CA ASN A 101 -10.03 6.61 -5.73
C ASN A 101 -11.01 6.63 -4.53
N THR A 102 -11.18 5.48 -3.88
CA THR A 102 -12.04 5.29 -2.71
C THR A 102 -11.51 6.05 -1.49
N GLY A 103 -12.38 6.86 -0.88
CA GLY A 103 -12.05 7.78 0.20
C GLY A 103 -11.41 9.11 -0.19
N ILE A 104 -11.29 9.45 -1.49
CA ILE A 104 -10.59 10.66 -1.98
C ILE A 104 -11.50 11.54 -2.85
N GLN A 105 -11.46 12.85 -2.60
CA GLN A 105 -12.18 13.91 -3.32
C GLN A 105 -11.63 14.23 -4.74
N THR A 106 -10.68 13.44 -5.25
CA THR A 106 -9.92 13.71 -6.48
C THR A 106 -9.87 12.55 -7.49
N THR A 107 -9.74 12.89 -8.77
CA THR A 107 -9.50 11.95 -9.88
C THR A 107 -8.03 11.57 -10.05
N GLY A 108 -7.76 10.38 -10.58
CA GLY A 108 -6.54 9.62 -10.30
C GLY A 108 -6.68 8.79 -9.03
N ALA A 109 -5.75 7.86 -8.80
CA ALA A 109 -5.76 6.90 -7.69
C ALA A 109 -4.34 6.54 -7.24
N HIS A 110 -4.22 5.87 -6.09
CA HIS A 110 -2.95 5.34 -5.60
C HIS A 110 -3.15 4.09 -4.73
N LEU A 111 -2.05 3.44 -4.37
CA LEU A 111 -2.00 2.34 -3.40
C LEU A 111 -1.17 2.74 -2.17
N HIS A 112 -1.76 2.70 -0.98
CA HIS A 112 -1.06 2.91 0.29
C HIS A 112 -0.68 1.57 0.92
N PHE A 113 0.59 1.19 0.79
CA PHE A 113 1.20 0.02 1.44
C PHE A 113 1.88 0.32 2.78
N GLN A 114 1.35 -0.20 3.88
CA GLN A 114 1.97 -0.10 5.21
C GLN A 114 2.44 -1.45 5.74
N ARG A 115 3.75 -1.59 5.98
CA ARG A 115 4.39 -2.75 6.61
C ARG A 115 4.56 -2.56 8.12
N MET A 116 4.10 -3.52 8.92
CA MET A 116 4.02 -3.49 10.40
C MET A 116 4.59 -4.78 11.02
N LYS A 117 4.92 -4.76 12.32
CA LYS A 117 5.48 -5.93 13.05
C LYS A 117 4.78 -6.18 14.39
N GLY A 118 4.33 -7.42 14.64
CA GLY A 118 3.80 -7.86 15.94
C GLY A 118 2.39 -7.36 16.31
N GLY A 119 1.72 -6.67 15.38
CA GLY A 119 0.38 -6.10 15.52
C GLY A 119 0.00 -5.24 14.30
N VAL A 120 -1.19 -4.66 14.32
CA VAL A 120 -1.78 -3.87 13.22
C VAL A 120 -2.17 -2.46 13.67
N GLY A 121 -1.73 -1.43 12.94
CA GLY A 121 -1.95 -0.01 13.25
C GLY A 121 -0.70 0.84 12.94
N ASN A 122 -0.88 2.14 12.71
CA ASN A 122 0.21 3.09 12.45
C ASN A 122 1.39 2.99 13.45
N ALA A 123 1.08 2.85 14.75
CA ALA A 123 2.08 2.70 15.81
C ALA A 123 2.90 1.39 15.76
N TYR A 124 2.46 0.39 14.98
CA TYR A 124 3.18 -0.85 14.70
C TYR A 124 4.07 -0.80 13.44
N ALA A 125 3.90 0.21 12.59
CA ALA A 125 4.61 0.35 11.33
C ALA A 125 6.15 0.43 11.50
N GLU A 126 6.86 -0.09 10.49
CA GLU A 126 8.34 -0.19 10.46
C GLU A 126 8.94 0.64 9.31
N ASP A 127 9.24 0.02 8.18
CA ASP A 127 9.81 0.62 6.97
C ASP A 127 9.57 -0.21 5.70
N PRO A 128 8.85 0.34 4.70
CA PRO A 128 8.65 -0.36 3.43
C PRO A 128 9.78 -0.15 2.42
N LYS A 129 10.49 0.99 2.39
CA LYS A 129 11.48 1.29 1.33
C LYS A 129 12.53 0.19 1.10
N PRO A 130 13.29 -0.23 2.14
CA PRO A 130 14.36 -1.23 2.01
C PRO A 130 13.81 -2.65 1.76
N PHE A 131 12.57 -2.91 2.22
CA PHE A 131 11.81 -4.11 1.90
C PHE A 131 11.36 -4.27 0.45
N ILE A 132 10.98 -3.16 -0.19
CA ILE A 132 10.64 -3.14 -1.62
C ILE A 132 11.90 -3.27 -2.47
N ASP A 133 12.95 -2.52 -2.13
CA ASP A 133 14.19 -2.43 -2.91
C ASP A 133 15.07 -3.69 -3.00
N GLN A 134 14.64 -4.77 -2.34
CA GLN A 134 15.24 -6.11 -2.36
C GLN A 134 14.37 -7.17 -3.06
N LEU A 135 13.12 -6.83 -3.40
CA LEU A 135 12.18 -7.68 -4.13
C LEU A 135 12.66 -8.04 -5.56
N PRO A 136 12.12 -9.13 -6.16
CA PRO A 136 12.49 -9.60 -7.50
C PRO A 136 12.37 -8.53 -8.60
N ASP A 137 11.24 -7.82 -8.62
CA ASP A 137 10.96 -6.73 -9.57
C ASP A 137 10.86 -5.34 -8.89
N GLY A 138 11.19 -5.28 -7.61
CA GLY A 138 11.06 -4.08 -6.77
C GLY A 138 9.60 -3.74 -6.49
N GLU A 139 9.25 -2.46 -6.60
CA GLU A 139 7.87 -1.96 -6.55
C GLU A 139 6.91 -2.68 -7.52
N ARG A 140 7.42 -3.19 -8.65
CA ARG A 140 6.62 -3.93 -9.64
C ARG A 140 6.19 -5.32 -9.15
N SER A 141 6.70 -5.77 -8.00
CA SER A 141 6.18 -6.95 -7.28
C SER A 141 4.93 -6.62 -6.44
N LEU A 142 4.51 -5.34 -6.36
CA LEU A 142 3.32 -4.88 -5.65
C LEU A 142 2.20 -4.38 -6.59
N TYR A 143 2.46 -4.13 -7.87
CA TYR A 143 1.45 -3.67 -8.84
C TYR A 143 1.65 -4.22 -10.26
N ASP A 144 0.63 -4.18 -11.12
CA ASP A 144 0.73 -4.72 -12.48
C ASP A 144 0.71 -3.62 -13.57
N LEU A 145 1.88 -3.02 -13.83
CA LEU A 145 2.11 -2.05 -14.90
C LEU A 145 2.99 -2.64 -16.02
ZN ZN B . -0.52 7.01 2.12
N GLY A 1 10.29 25.21 0.70
CA GLY A 1 11.15 24.45 -0.23
C GLY A 1 10.38 23.87 -1.40
N SER A 2 11.06 23.17 -2.31
CA SER A 2 10.51 22.56 -3.54
C SER A 2 9.74 21.26 -3.31
N LYS A 3 8.61 21.09 -4.02
CA LYS A 3 7.79 19.85 -4.08
C LYS A 3 8.36 18.81 -5.05
N TRP A 4 8.80 19.24 -6.23
CA TRP A 4 9.45 18.44 -7.28
C TRP A 4 10.17 19.33 -8.30
N GLU A 5 11.27 18.87 -8.90
CA GLU A 5 11.96 19.56 -10.00
C GLU A 5 12.62 18.67 -11.07
N ASP A 6 12.77 17.35 -10.83
CA ASP A 6 13.46 16.42 -11.73
C ASP A 6 12.84 16.14 -13.11
N PHE A 7 13.68 15.90 -14.13
CA PHE A 7 13.24 15.54 -15.49
C PHE A 7 12.41 14.26 -15.64
N PHE A 8 12.74 13.24 -14.84
CA PHE A 8 12.07 11.93 -14.76
C PHE A 8 11.95 11.35 -13.34
N ARG A 9 11.09 10.35 -13.14
CA ARG A 9 10.83 9.68 -11.85
C ARG A 9 11.62 8.37 -11.71
N GLY A 10 12.41 8.24 -10.66
CA GLY A 10 13.05 6.96 -10.27
C GLY A 10 12.03 5.90 -9.79
N SER A 11 10.94 6.34 -9.16
CA SER A 11 9.82 5.50 -8.68
C SER A 11 8.49 6.24 -8.62
N ARG A 12 7.37 5.51 -8.67
CA ARG A 12 6.02 6.09 -8.74
C ARG A 12 5.47 6.63 -7.41
N ILE A 13 6.31 6.87 -6.41
CA ILE A 13 5.86 7.24 -5.07
C ILE A 13 5.44 8.72 -4.99
N THR A 14 4.21 9.01 -4.60
CA THR A 14 3.78 10.36 -4.19
C THR A 14 4.27 10.77 -2.80
N GLU A 15 4.15 9.87 -1.82
CA GLU A 15 4.59 10.05 -0.43
C GLU A 15 5.33 8.80 0.06
N THR A 16 6.59 8.96 0.44
CA THR A 16 7.37 7.98 1.19
C THR A 16 7.00 8.13 2.69
N PHE A 17 7.57 7.26 3.53
CA PHE A 17 7.39 7.27 4.99
C PHE A 17 8.07 8.55 5.50
N GLY A 18 7.44 9.26 6.45
CA GLY A 18 7.94 10.53 7.00
C GLY A 18 6.81 11.45 7.48
N LYS A 19 7.10 12.70 7.88
CA LYS A 19 6.04 13.68 8.22
C LYS A 19 5.21 14.08 6.99
N TYR A 20 3.97 14.50 7.20
CA TYR A 20 3.24 15.24 6.19
C TYR A 20 3.83 16.63 5.89
N GLN A 21 3.91 17.03 4.62
CA GLN A 21 4.49 18.32 4.22
C GLN A 21 3.87 18.82 2.91
N HIS A 22 3.90 20.15 2.68
CA HIS A 22 3.34 20.88 1.52
C HIS A 22 1.80 20.83 1.39
N SER A 23 1.17 19.70 1.68
CA SER A 23 -0.27 19.47 1.71
C SER A 23 -0.90 19.88 3.06
N PRO A 24 -2.24 19.98 3.19
CA PRO A 24 -2.92 20.25 4.47
C PRO A 24 -2.92 19.07 5.46
N PHE A 25 -2.27 17.93 5.13
CA PHE A 25 -2.25 16.75 6.00
C PHE A 25 -1.44 16.91 7.31
N ASP A 26 -1.88 16.27 8.39
CA ASP A 26 -1.36 16.43 9.76
C ASP A 26 -0.91 15.13 10.43
N GLY A 27 0.10 15.20 11.30
CA GLY A 27 0.79 14.04 11.87
C GLY A 27 1.88 13.51 10.93
N LYS A 28 2.05 12.19 10.83
CA LYS A 28 3.06 11.56 9.96
C LYS A 28 2.46 10.45 9.08
N HIS A 29 3.06 10.24 7.92
CA HIS A 29 2.71 9.19 6.95
C HIS A 29 3.49 7.90 7.24
N TYR A 30 2.78 6.78 7.40
CA TYR A 30 3.30 5.49 7.87
C TYR A 30 3.43 4.36 6.82
N GLY A 31 3.53 4.73 5.54
CA GLY A 31 3.60 3.80 4.41
C GLY A 31 4.26 4.41 3.17
N ILE A 32 4.08 3.75 2.03
CA ILE A 32 4.54 4.17 0.69
C ILE A 32 3.31 4.33 -0.22
N ASP A 33 3.22 5.42 -0.97
CA ASP A 33 2.07 5.77 -1.84
C ASP A 33 2.33 5.70 -3.36
N PHE A 34 1.97 4.60 -4.03
CA PHE A 34 2.18 4.44 -5.49
C PHE A 34 1.14 5.14 -6.38
N ALA A 35 1.58 6.02 -7.29
CA ALA A 35 0.74 6.78 -8.23
C ALA A 35 0.23 5.96 -9.43
N LEU A 36 -0.48 4.86 -9.18
CA LEU A 36 -1.02 3.99 -10.24
C LEU A 36 -2.34 4.56 -10.80
N PRO A 37 -2.66 4.35 -12.09
CA PRO A 37 -3.99 4.60 -12.62
C PRO A 37 -5.03 3.69 -11.96
N LYS A 38 -6.25 4.22 -11.79
CA LYS A 38 -7.41 3.51 -11.23
C LYS A 38 -7.67 2.21 -12.01
N GLY A 39 -7.93 1.11 -11.31
CA GLY A 39 -8.18 -0.21 -11.89
C GLY A 39 -6.94 -1.11 -12.04
N THR A 40 -5.72 -0.56 -11.90
CA THR A 40 -4.48 -1.35 -11.84
C THR A 40 -4.54 -2.45 -10.77
N PRO A 41 -4.27 -3.74 -11.13
CA PRO A 41 -4.18 -4.80 -10.16
C PRO A 41 -2.93 -4.66 -9.27
N ILE A 42 -3.16 -4.74 -7.96
CA ILE A 42 -2.12 -4.82 -6.92
C ILE A 42 -1.74 -6.30 -6.74
N LYS A 43 -0.44 -6.61 -6.75
CA LYS A 43 0.12 -7.96 -6.62
C LYS A 43 0.68 -8.16 -5.20
N ALA A 44 0.66 -9.40 -4.70
CA ALA A 44 1.31 -9.76 -3.44
C ALA A 44 2.85 -9.59 -3.59
N PRO A 45 3.53 -8.79 -2.74
CA PRO A 45 4.99 -8.64 -2.78
C PRO A 45 5.71 -9.95 -2.43
N THR A 46 5.25 -10.59 -1.36
CA THR A 46 5.74 -11.84 -0.77
C THR A 46 4.65 -12.92 -0.91
N ASN A 47 4.99 -14.15 -0.56
CA ASN A 47 3.98 -15.12 -0.13
C ASN A 47 3.39 -14.71 1.24
N GLY A 48 2.13 -15.06 1.47
CA GLY A 48 1.44 -14.84 2.75
C GLY A 48 0.01 -15.38 2.80
N LYS A 49 -0.84 -14.80 3.67
CA LYS A 49 -2.28 -15.10 3.78
C LYS A 49 -3.05 -13.88 4.28
N VAL A 50 -4.28 -13.70 3.82
CA VAL A 50 -5.19 -12.64 4.30
C VAL A 50 -5.62 -12.80 5.76
N THR A 51 -5.45 -11.75 6.57
CA THR A 51 -5.83 -11.67 7.99
C THR A 51 -7.20 -11.09 8.29
N ARG A 52 -7.52 -10.01 7.55
CA ARG A 52 -8.66 -9.11 7.80
C ARG A 52 -8.99 -8.35 6.52
N ILE A 53 -10.28 -8.08 6.32
CA ILE A 53 -10.78 -7.31 5.18
C ILE A 53 -11.86 -6.33 5.65
N PHE A 54 -11.73 -5.04 5.32
CA PHE A 54 -12.69 -4.01 5.75
C PHE A 54 -12.75 -2.78 4.85
N ASN A 55 -13.80 -1.97 4.99
CA ASN A 55 -13.85 -0.59 4.52
C ASN A 55 -14.33 0.35 5.64
N ASN A 56 -13.83 1.59 5.68
CA ASN A 56 -14.08 2.57 6.74
C ASN A 56 -15.14 3.60 6.30
N GLU A 57 -16.17 3.81 7.13
CA GLU A 57 -17.27 4.77 6.93
C GLU A 57 -16.86 6.25 6.77
N LEU A 58 -15.63 6.60 7.18
CA LEU A 58 -14.98 7.90 6.98
C LEU A 58 -13.55 7.78 6.39
N GLY A 59 -13.24 6.64 5.77
CA GLY A 59 -11.95 6.36 5.12
C GLY A 59 -12.15 5.81 3.70
N GLY A 60 -11.45 4.72 3.39
CA GLY A 60 -11.58 3.98 2.14
C GLY A 60 -11.72 2.46 2.35
N LYS A 61 -11.53 1.69 1.28
CA LYS A 61 -11.33 0.23 1.37
C LYS A 61 -9.92 -0.13 1.84
N VAL A 62 -9.81 -1.22 2.58
CA VAL A 62 -8.57 -1.78 3.13
C VAL A 62 -8.48 -3.31 3.05
N LEU A 63 -7.28 -3.82 2.78
CA LEU A 63 -6.92 -5.25 2.82
C LEU A 63 -5.77 -5.46 3.80
N GLN A 64 -5.83 -6.50 4.63
CA GLN A 64 -4.75 -6.88 5.54
C GLN A 64 -4.17 -8.28 5.20
N ILE A 65 -2.85 -8.37 5.00
CA ILE A 65 -2.13 -9.65 4.77
C ILE A 65 -1.04 -9.88 5.83
N ALA A 66 -0.78 -11.15 6.15
CA ALA A 66 0.26 -11.63 7.05
C ALA A 66 1.33 -12.43 6.29
N GLU A 67 2.60 -12.26 6.69
CA GLU A 67 3.74 -13.05 6.18
C GLU A 67 3.89 -14.42 6.87
N ASP A 68 4.89 -15.23 6.48
CA ASP A 68 5.08 -16.64 6.89
C ASP A 68 4.98 -16.99 8.39
N ASN A 69 5.63 -16.22 9.27
CA ASN A 69 5.51 -16.33 10.73
C ASN A 69 4.29 -15.55 11.31
N GLY A 70 3.73 -14.60 10.54
CA GLY A 70 2.60 -13.77 10.96
C GLY A 70 2.93 -12.72 12.03
N GLU A 71 4.18 -12.25 12.13
CA GLU A 71 4.53 -11.11 12.96
C GLU A 71 4.52 -9.81 12.14
N TYR A 72 4.94 -9.89 10.89
CA TYR A 72 4.78 -8.85 9.88
C TYR A 72 3.40 -8.79 9.23
N HIS A 73 2.83 -7.59 9.18
CA HIS A 73 1.51 -7.27 8.60
C HIS A 73 1.63 -6.23 7.48
N GLN A 74 0.81 -6.40 6.45
CA GLN A 74 0.80 -5.63 5.21
C GLN A 74 -0.59 -5.03 4.96
N TRP A 75 -0.75 -3.73 5.21
CA TRP A 75 -1.96 -2.99 4.85
C TRP A 75 -1.88 -2.47 3.40
N TYR A 76 -3.03 -2.48 2.72
CA TYR A 76 -3.25 -1.88 1.41
C TYR A 76 -4.50 -1.00 1.53
N LEU A 77 -4.30 0.30 1.74
CA LEU A 77 -5.39 1.29 1.72
C LEU A 77 -5.62 1.80 0.28
N HIS A 78 -6.86 2.20 -0.01
CA HIS A 78 -7.34 2.78 -1.28
C HIS A 78 -7.42 1.76 -2.43
N LEU A 79 -8.31 0.79 -2.21
CA LEU A 79 -8.73 -0.21 -3.19
C LEU A 79 -10.10 0.16 -3.78
N ASP A 80 -10.41 -0.32 -4.98
CA ASP A 80 -11.75 -0.30 -5.59
C ASP A 80 -12.45 -1.65 -5.44
N LYS A 81 -11.71 -2.74 -5.69
CA LYS A 81 -12.20 -4.13 -5.65
C LYS A 81 -11.14 -5.10 -5.14
N TYR A 82 -11.58 -6.17 -4.50
CA TYR A 82 -10.72 -7.24 -3.99
C TYR A 82 -10.55 -8.38 -5.00
N ASN A 83 -9.48 -9.16 -4.83
CA ASN A 83 -9.27 -10.43 -5.53
C ASN A 83 -9.08 -11.62 -4.56
N VAL A 84 -8.89 -11.38 -3.26
CA VAL A 84 -8.71 -12.43 -2.23
C VAL A 84 -9.62 -12.21 -1.01
N LYS A 85 -9.82 -13.29 -0.23
CA LYS A 85 -10.75 -13.38 0.91
C LYS A 85 -10.03 -13.72 2.22
N VAL A 86 -10.61 -13.35 3.35
CA VAL A 86 -10.05 -13.59 4.70
C VAL A 86 -9.76 -15.08 4.87
N GLY A 87 -8.50 -15.38 5.15
CA GLY A 87 -7.99 -16.74 5.39
C GLY A 87 -7.34 -17.42 4.17
N ASP A 88 -7.25 -16.77 3.01
CA ASP A 88 -6.72 -17.35 1.79
C ASP A 88 -5.20 -17.19 1.65
N ARG A 89 -4.47 -18.28 1.38
CA ARG A 89 -3.03 -18.24 1.11
C ARG A 89 -2.72 -17.69 -0.28
N VAL A 90 -1.68 -16.88 -0.38
CA VAL A 90 -1.17 -16.20 -1.58
C VAL A 90 0.33 -16.45 -1.76
N LYS A 91 0.84 -16.28 -2.97
CA LYS A 91 2.26 -16.37 -3.33
C LYS A 91 2.67 -15.07 -4.05
N ALA A 92 3.91 -14.67 -3.87
CA ALA A 92 4.49 -13.48 -4.50
C ALA A 92 4.17 -13.41 -6.01
N GLY A 93 3.52 -12.34 -6.42
CA GLY A 93 3.10 -12.08 -7.80
C GLY A 93 1.68 -12.52 -8.15
N ASP A 94 0.87 -12.89 -7.15
CA ASP A 94 -0.58 -13.07 -7.27
C ASP A 94 -1.35 -11.77 -7.09
N ILE A 95 -2.35 -11.49 -7.95
CA ILE A 95 -3.25 -10.34 -7.76
C ILE A 95 -4.10 -10.53 -6.50
N ILE A 96 -4.14 -9.50 -5.66
CA ILE A 96 -4.89 -9.49 -4.39
C ILE A 96 -6.04 -8.48 -4.38
N ALA A 97 -6.00 -7.46 -5.24
CA ALA A 97 -7.00 -6.38 -5.33
C ALA A 97 -6.70 -5.46 -6.53
N TYR A 98 -7.52 -4.45 -6.74
CA TYR A 98 -7.33 -3.40 -7.76
C TYR A 98 -7.48 -2.05 -7.06
N SER A 99 -6.60 -1.08 -7.33
CA SER A 99 -6.59 0.22 -6.62
C SER A 99 -7.63 1.22 -7.15
N GLY A 100 -8.21 2.02 -6.25
CA GLY A 100 -9.24 3.03 -6.54
C GLY A 100 -9.36 4.07 -5.42
N ASN A 101 -9.85 5.27 -5.73
CA ASN A 101 -9.87 6.40 -4.79
C ASN A 101 -11.04 6.38 -3.79
N THR A 102 -11.28 5.24 -3.14
CA THR A 102 -12.12 5.19 -1.94
C THR A 102 -11.40 5.99 -0.85
N GLY A 103 -12.00 7.07 -0.37
CA GLY A 103 -11.40 7.99 0.60
C GLY A 103 -10.31 8.94 0.07
N ILE A 104 -10.31 9.29 -1.23
CA ILE A 104 -9.41 10.31 -1.82
C ILE A 104 -10.08 11.16 -2.91
N GLN A 105 -9.43 12.26 -3.28
CA GLN A 105 -9.85 13.21 -4.32
C GLN A 105 -10.16 12.53 -5.68
N THR A 106 -11.19 13.01 -6.37
CA THR A 106 -11.53 12.61 -7.76
C THR A 106 -10.52 13.01 -8.85
N THR A 107 -9.38 13.58 -8.47
CA THR A 107 -8.23 13.90 -9.35
C THR A 107 -7.39 12.70 -9.77
N GLY A 108 -7.50 11.56 -9.06
CA GLY A 108 -6.73 10.33 -9.30
C GLY A 108 -6.67 9.44 -8.05
N ALA A 109 -5.84 8.41 -8.05
CA ALA A 109 -5.70 7.44 -6.96
C ALA A 109 -4.23 7.15 -6.60
N HIS A 110 -4.01 6.46 -5.46
CA HIS A 110 -2.70 5.90 -5.09
C HIS A 110 -2.82 4.63 -4.21
N LEU A 111 -1.97 3.63 -4.43
CA LEU A 111 -1.86 2.47 -3.52
C LEU A 111 -1.02 2.82 -2.29
N HIS A 112 -1.62 2.82 -1.10
CA HIS A 112 -0.89 2.98 0.16
C HIS A 112 -0.50 1.63 0.77
N PHE A 113 0.75 1.24 0.59
CA PHE A 113 1.38 0.08 1.23
C PHE A 113 2.05 0.39 2.57
N GLN A 114 1.55 -0.22 3.64
CA GLN A 114 2.05 -0.02 5.01
C GLN A 114 2.48 -1.35 5.65
N ARG A 115 3.78 -1.47 5.92
CA ARG A 115 4.44 -2.61 6.58
C ARG A 115 4.53 -2.38 8.09
N MET A 116 3.96 -3.29 8.88
CA MET A 116 3.84 -3.21 10.34
C MET A 116 4.38 -4.49 11.00
N LYS A 117 4.71 -4.43 12.31
CA LYS A 117 5.26 -5.58 13.05
C LYS A 117 4.71 -5.70 14.47
N GLY A 118 4.33 -6.92 14.86
CA GLY A 118 3.90 -7.27 16.23
C GLY A 118 2.50 -6.78 16.62
N GLY A 119 1.76 -6.23 15.66
CA GLY A 119 0.41 -5.67 15.78
C GLY A 119 0.09 -4.81 14.55
N VAL A 120 -1.12 -4.23 14.51
CA VAL A 120 -1.63 -3.47 13.37
C VAL A 120 -2.04 -2.03 13.70
N GLY A 121 -1.49 -1.06 12.98
CA GLY A 121 -1.71 0.38 13.18
C GLY A 121 -0.48 1.22 12.79
N ASN A 122 -0.65 2.55 12.71
CA ASN A 122 0.43 3.47 12.36
C ASN A 122 1.62 3.44 13.35
N ALA A 123 1.37 3.27 14.65
CA ALA A 123 2.43 3.11 15.66
C ALA A 123 3.17 1.76 15.58
N TYR A 124 2.61 0.77 14.87
CA TYR A 124 3.26 -0.52 14.58
C TYR A 124 4.09 -0.53 13.29
N ALA A 125 3.95 0.50 12.45
CA ALA A 125 4.59 0.59 11.14
C ALA A 125 6.12 0.78 11.23
N GLU A 126 6.86 0.07 10.38
CA GLU A 126 8.33 0.03 10.40
C GLU A 126 8.95 0.88 9.28
N ASP A 127 9.17 0.27 8.10
CA ASP A 127 9.73 0.87 6.89
C ASP A 127 9.44 0.05 5.62
N PRO A 128 8.68 0.60 4.65
CA PRO A 128 8.43 -0.09 3.38
C PRO A 128 9.60 0.01 2.38
N LYS A 129 10.38 1.10 2.38
CA LYS A 129 11.45 1.32 1.39
C LYS A 129 12.50 0.18 1.27
N PRO A 130 13.14 -0.24 2.39
CA PRO A 130 14.17 -1.27 2.38
C PRO A 130 13.60 -2.67 2.10
N PHE A 131 12.31 -2.88 2.36
CA PHE A 131 11.57 -4.06 1.91
C PHE A 131 11.40 -4.18 0.39
N ILE A 132 11.09 -3.07 -0.29
CA ILE A 132 10.98 -3.02 -1.76
C ILE A 132 12.36 -3.10 -2.45
N ASP A 133 13.43 -2.69 -1.76
CA ASP A 133 14.82 -2.87 -2.19
C ASP A 133 15.28 -4.33 -2.41
N GLN A 134 14.51 -5.30 -1.92
CA GLN A 134 14.84 -6.74 -2.02
C GLN A 134 13.82 -7.55 -2.82
N LEU A 135 12.77 -6.91 -3.32
CA LEU A 135 11.74 -7.56 -4.13
C LEU A 135 12.24 -7.92 -5.55
N PRO A 136 11.73 -9.02 -6.15
CA PRO A 136 12.29 -9.60 -7.38
C PRO A 136 12.09 -8.76 -8.65
N ASP A 137 11.06 -7.93 -8.72
CA ASP A 137 10.91 -6.87 -9.75
C ASP A 137 10.98 -5.43 -9.19
N GLY A 138 11.00 -5.27 -7.86
CA GLY A 138 11.05 -3.99 -7.15
C GLY A 138 9.65 -3.46 -6.79
N GLU A 139 9.40 -2.16 -6.97
CA GLU A 139 8.03 -1.61 -6.84
C GLU A 139 7.04 -2.33 -7.77
N ARG A 140 7.51 -2.81 -8.92
CA ARG A 140 6.76 -3.63 -9.89
C ARG A 140 6.31 -4.99 -9.34
N SER A 141 6.81 -5.43 -8.19
CA SER A 141 6.33 -6.63 -7.50
C SER A 141 5.03 -6.38 -6.69
N LEU A 142 4.60 -5.11 -6.57
CA LEU A 142 3.35 -4.72 -5.94
C LEU A 142 2.26 -4.31 -6.95
N TYR A 143 2.57 -4.07 -8.22
CA TYR A 143 1.58 -3.60 -9.21
C TYR A 143 1.82 -4.03 -10.66
N ASP A 144 0.78 -3.94 -11.50
CA ASP A 144 0.83 -4.35 -12.90
C ASP A 144 0.72 -3.18 -13.91
N LEU A 145 1.84 -2.50 -14.14
CA LEU A 145 1.99 -1.44 -15.16
C LEU A 145 2.84 -1.96 -16.34
ZN ZN B . -0.14 6.97 1.98
N GLY A 1 12.94 33.82 3.00
CA GLY A 1 12.83 32.48 2.42
C GLY A 1 11.87 32.50 1.25
N SER A 2 12.31 32.05 0.09
CA SER A 2 11.51 31.99 -1.15
C SER A 2 10.28 31.08 -1.08
N LYS A 3 9.32 31.27 -1.99
CA LYS A 3 8.20 30.34 -2.20
C LYS A 3 8.68 28.93 -2.53
N TRP A 4 8.05 27.90 -1.98
CA TRP A 4 8.31 26.52 -2.37
C TRP A 4 7.66 26.17 -3.73
N GLU A 5 8.38 25.43 -4.56
CA GLU A 5 7.85 24.77 -5.76
C GLU A 5 8.38 23.32 -5.86
N ASP A 6 7.46 22.38 -6.07
CA ASP A 6 7.77 20.99 -6.47
C ASP A 6 8.29 20.88 -7.92
N PHE A 7 8.68 19.68 -8.37
CA PHE A 7 9.15 19.46 -9.74
C PHE A 7 8.81 18.03 -10.22
N PHE A 8 8.85 17.82 -11.54
CA PHE A 8 8.55 16.53 -12.18
C PHE A 8 9.50 15.34 -11.92
N ARG A 9 8.93 14.14 -11.78
CA ARG A 9 9.63 12.86 -11.55
C ARG A 9 9.02 11.74 -12.40
N GLY A 10 9.84 10.79 -12.85
CA GLY A 10 9.39 9.55 -13.51
C GLY A 10 8.98 8.44 -12.54
N SER A 11 9.28 8.59 -11.25
CA SER A 11 8.83 7.71 -10.15
C SER A 11 7.32 7.71 -9.93
N ARG A 12 6.81 6.70 -9.24
CA ARG A 12 5.38 6.56 -8.88
C ARG A 12 5.04 6.90 -7.43
N ILE A 13 5.99 6.92 -6.50
CA ILE A 13 5.66 7.32 -5.11
C ILE A 13 5.26 8.80 -5.05
N THR A 14 3.95 9.06 -4.92
CA THR A 14 3.39 10.42 -4.81
C THR A 14 3.48 11.06 -3.42
N GLU A 15 3.58 10.23 -2.37
CA GLU A 15 3.99 10.65 -1.02
C GLU A 15 4.60 9.44 -0.28
N THR A 16 5.78 9.64 0.30
CA THR A 16 6.59 8.59 0.96
C THR A 16 6.26 8.34 2.43
N PHE A 17 6.87 7.34 3.05
CA PHE A 17 6.72 7.07 4.49
C PHE A 17 7.36 8.18 5.33
N GLY A 18 6.66 8.67 6.37
CA GLY A 18 7.16 9.68 7.31
C GLY A 18 6.21 10.86 7.48
N LYS A 19 6.76 12.09 7.50
CA LYS A 19 5.96 13.33 7.43
C LYS A 19 5.48 13.62 5.99
N TYR A 20 4.39 14.36 5.83
CA TYR A 20 3.74 14.59 4.52
C TYR A 20 3.26 16.04 4.26
N GLN A 21 3.09 16.40 2.98
CA GLN A 21 2.63 17.73 2.56
C GLN A 21 1.26 18.12 3.11
N HIS A 22 1.04 19.44 3.23
CA HIS A 22 -0.20 20.10 3.61
C HIS A 22 -1.44 19.47 2.95
N SER A 23 -2.46 19.20 3.77
CA SER A 23 -3.62 18.35 3.49
C SER A 23 -4.66 18.47 4.60
N PRO A 24 -5.93 18.05 4.42
CA PRO A 24 -6.95 18.08 5.48
C PRO A 24 -6.68 17.08 6.63
N PHE A 25 -5.97 16.00 6.35
CA PHE A 25 -5.65 14.93 7.30
C PHE A 25 -4.55 15.41 8.27
N ASP A 26 -4.56 14.86 9.48
CA ASP A 26 -3.62 15.16 10.56
C ASP A 26 -2.44 14.17 10.71
N GLY A 27 -1.45 14.54 11.51
CA GLY A 27 -0.45 13.59 12.06
C GLY A 27 0.71 13.24 11.14
N LYS A 28 0.94 11.94 10.91
CA LYS A 28 2.02 11.36 10.06
C LYS A 28 1.46 10.38 9.01
N HIS A 29 2.26 10.01 8.00
CA HIS A 29 1.88 9.11 6.90
C HIS A 29 2.76 7.85 6.90
N TYR A 30 2.30 6.78 7.54
CA TYR A 30 3.04 5.53 7.79
C TYR A 30 2.90 4.41 6.73
N GLY A 31 2.87 4.79 5.46
CA GLY A 31 2.94 3.88 4.31
C GLY A 31 3.58 4.52 3.07
N ILE A 32 3.68 3.75 1.99
CA ILE A 32 4.19 4.18 0.68
C ILE A 32 3.01 4.35 -0.30
N ASP A 33 2.91 5.51 -0.96
CA ASP A 33 1.84 5.84 -1.93
C ASP A 33 2.20 5.68 -3.42
N PHE A 34 1.99 4.51 -4.01
CA PHE A 34 2.14 4.30 -5.46
C PHE A 34 1.02 4.91 -6.30
N ALA A 35 1.27 6.01 -7.02
CA ALA A 35 0.30 6.58 -7.95
C ALA A 35 0.02 5.61 -9.11
N LEU A 36 -1.24 5.26 -9.32
CA LEU A 36 -1.64 4.24 -10.30
C LEU A 36 -2.90 4.67 -11.06
N PRO A 37 -3.08 4.21 -12.30
CA PRO A 37 -4.37 4.24 -12.97
C PRO A 37 -5.36 3.32 -12.26
N LYS A 38 -6.59 3.81 -12.07
CA LYS A 38 -7.68 3.08 -11.42
C LYS A 38 -7.92 1.74 -12.15
N GLY A 39 -8.06 0.66 -11.38
CA GLY A 39 -8.20 -0.71 -11.89
C GLY A 39 -6.90 -1.50 -12.05
N THR A 40 -5.71 -0.89 -11.89
CA THR A 40 -4.43 -1.64 -11.81
C THR A 40 -4.47 -2.72 -10.73
N PRO A 41 -4.21 -4.00 -11.09
CA PRO A 41 -4.13 -5.05 -10.09
C PRO A 41 -2.89 -4.91 -9.22
N ILE A 42 -3.10 -4.98 -7.91
CA ILE A 42 -2.07 -5.02 -6.88
C ILE A 42 -1.62 -6.47 -6.69
N LYS A 43 -0.31 -6.71 -6.70
CA LYS A 43 0.29 -8.04 -6.49
C LYS A 43 0.80 -8.16 -5.06
N ALA A 44 0.80 -9.37 -4.49
CA ALA A 44 1.43 -9.63 -3.20
C ALA A 44 2.98 -9.58 -3.32
N PRO A 45 3.70 -8.85 -2.44
CA PRO A 45 5.17 -8.80 -2.44
C PRO A 45 5.80 -10.10 -1.92
N THR A 46 5.07 -10.81 -1.07
CA THR A 46 5.42 -12.04 -0.38
C THR A 46 4.36 -13.12 -0.52
N ASN A 47 4.76 -14.36 -0.26
CA ASN A 47 3.82 -15.40 0.12
C ASN A 47 3.19 -15.01 1.48
N GLY A 48 1.88 -15.22 1.64
CA GLY A 48 1.17 -14.94 2.90
C GLY A 48 -0.27 -15.44 2.95
N LYS A 49 -1.11 -14.82 3.80
CA LYS A 49 -2.56 -15.03 3.88
C LYS A 49 -3.30 -13.79 4.39
N VAL A 50 -4.53 -13.58 3.93
CA VAL A 50 -5.42 -12.52 4.43
C VAL A 50 -5.85 -12.69 5.88
N THR A 51 -5.69 -11.63 6.68
CA THR A 51 -6.06 -11.55 8.10
C THR A 51 -7.39 -10.87 8.38
N ARG A 52 -7.66 -9.76 7.66
CA ARG A 52 -8.78 -8.85 7.94
C ARG A 52 -9.15 -8.04 6.70
N ILE A 53 -10.44 -7.78 6.49
CA ILE A 53 -10.97 -7.01 5.34
C ILE A 53 -12.05 -6.01 5.81
N PHE A 54 -11.89 -4.73 5.49
CA PHE A 54 -12.82 -3.66 5.90
C PHE A 54 -12.76 -2.39 5.01
N ASN A 55 -13.61 -1.38 5.28
CA ASN A 55 -13.53 -0.04 4.68
C ASN A 55 -13.55 1.08 5.75
N ASN A 56 -13.04 2.27 5.41
CA ASN A 56 -12.71 3.34 6.37
C ASN A 56 -12.96 4.75 5.83
N GLU A 57 -13.41 5.67 6.70
CA GLU A 57 -13.86 7.04 6.36
C GLU A 57 -12.79 7.89 5.65
N LEU A 58 -11.49 7.67 5.91
CA LEU A 58 -10.36 8.34 5.25
C LEU A 58 -9.53 7.39 4.39
N GLY A 59 -9.46 6.12 4.79
CA GLY A 59 -8.56 5.12 4.24
C GLY A 59 -9.10 4.37 3.01
N GLY A 60 -10.38 4.57 2.68
CA GLY A 60 -11.06 3.85 1.60
C GLY A 60 -11.32 2.39 1.95
N LYS A 61 -11.35 1.51 0.94
CA LYS A 61 -11.28 0.07 1.18
C LYS A 61 -9.89 -0.37 1.62
N VAL A 62 -9.85 -1.35 2.52
CA VAL A 62 -8.64 -1.93 3.11
C VAL A 62 -8.59 -3.45 3.10
N LEU A 63 -7.41 -3.98 2.78
CA LEU A 63 -7.03 -5.38 2.85
C LEU A 63 -5.85 -5.52 3.83
N GLN A 64 -5.96 -6.40 4.82
CA GLN A 64 -4.86 -6.78 5.73
C GLN A 64 -4.30 -8.17 5.38
N ILE A 65 -2.99 -8.30 5.17
CA ILE A 65 -2.31 -9.57 4.90
C ILE A 65 -1.18 -9.83 5.92
N ALA A 66 -0.94 -11.11 6.23
CA ALA A 66 0.10 -11.63 7.10
C ALA A 66 1.18 -12.39 6.30
N GLU A 67 2.45 -12.26 6.70
CA GLU A 67 3.59 -13.01 6.13
C GLU A 67 3.58 -14.52 6.45
N ASP A 68 4.33 -15.29 5.66
CA ASP A 68 4.70 -16.68 5.93
C ASP A 68 5.30 -16.96 7.34
N ASN A 69 6.13 -16.05 7.86
CA ASN A 69 6.75 -16.14 9.19
C ASN A 69 5.87 -15.56 10.33
N GLY A 70 4.76 -14.90 9.99
CA GLY A 70 3.68 -14.53 10.91
C GLY A 70 3.93 -13.35 11.88
N GLU A 71 5.07 -12.66 11.81
CA GLU A 71 5.33 -11.48 12.67
C GLU A 71 4.87 -10.20 11.98
N TYR A 72 5.18 -10.09 10.70
CA TYR A 72 4.88 -8.95 9.85
C TYR A 72 3.49 -8.91 9.23
N HIS A 73 2.95 -7.69 9.09
CA HIS A 73 1.64 -7.39 8.51
C HIS A 73 1.76 -6.35 7.39
N GLN A 74 0.82 -6.42 6.45
CA GLN A 74 0.77 -5.68 5.20
C GLN A 74 -0.63 -5.09 5.00
N TRP A 75 -0.79 -3.78 5.22
CA TRP A 75 -2.01 -3.06 4.87
C TRP A 75 -1.97 -2.54 3.43
N TYR A 76 -3.11 -2.64 2.75
CA TYR A 76 -3.39 -2.18 1.39
C TYR A 76 -4.63 -1.28 1.43
N LEU A 77 -4.40 0.04 1.57
CA LEU A 77 -5.46 1.07 1.59
C LEU A 77 -5.73 1.61 0.17
N HIS A 78 -6.88 2.27 -0.01
CA HIS A 78 -7.35 2.90 -1.25
C HIS A 78 -7.64 1.92 -2.41
N LEU A 79 -8.20 0.76 -2.10
CA LEU A 79 -8.59 -0.25 -3.10
C LEU A 79 -9.94 0.06 -3.78
N ASP A 80 -10.14 -0.43 -5.01
CA ASP A 80 -11.41 -0.36 -5.76
C ASP A 80 -12.24 -1.62 -5.46
N LYS A 81 -11.57 -2.77 -5.57
CA LYS A 81 -12.14 -4.12 -5.54
C LYS A 81 -11.12 -5.14 -5.02
N TYR A 82 -11.60 -6.19 -4.36
CA TYR A 82 -10.78 -7.28 -3.84
C TYR A 82 -10.70 -8.46 -4.82
N ASN A 83 -9.52 -9.10 -4.93
CA ASN A 83 -9.35 -10.40 -5.60
C ASN A 83 -9.40 -11.57 -4.61
N VAL A 84 -9.27 -11.29 -3.30
CA VAL A 84 -9.20 -12.27 -2.19
C VAL A 84 -10.27 -12.03 -1.12
N LYS A 85 -10.46 -13.04 -0.26
CA LYS A 85 -11.30 -13.01 0.96
C LYS A 85 -10.47 -13.31 2.22
N VAL A 86 -11.00 -13.02 3.42
CA VAL A 86 -10.34 -13.37 4.68
C VAL A 86 -10.10 -14.88 4.70
N GLY A 87 -8.86 -15.25 5.02
CA GLY A 87 -8.40 -16.64 5.08
C GLY A 87 -7.80 -17.20 3.78
N ASP A 88 -7.65 -16.40 2.72
CA ASP A 88 -6.99 -16.79 1.48
C ASP A 88 -5.49 -16.75 1.57
N ARG A 89 -4.81 -17.83 1.17
CA ARG A 89 -3.38 -17.75 0.88
C ARG A 89 -3.12 -16.83 -0.31
N VAL A 90 -2.02 -16.10 -0.23
CA VAL A 90 -1.41 -15.35 -1.32
C VAL A 90 0.01 -15.82 -1.57
N LYS A 91 0.52 -15.50 -2.75
CA LYS A 91 1.83 -15.87 -3.25
C LYS A 91 2.53 -14.67 -3.85
N ALA A 92 3.84 -14.57 -3.66
CA ALA A 92 4.64 -13.50 -4.23
C ALA A 92 4.43 -13.36 -5.75
N GLY A 93 3.92 -12.19 -6.15
CA GLY A 93 3.60 -11.83 -7.53
C GLY A 93 2.15 -12.13 -7.95
N ASP A 94 1.31 -12.70 -7.10
CA ASP A 94 -0.11 -12.97 -7.34
C ASP A 94 -1.04 -11.79 -7.03
N ILE A 95 -2.12 -11.60 -7.80
CA ILE A 95 -3.07 -10.52 -7.60
C ILE A 95 -3.92 -10.73 -6.34
N ILE A 96 -4.09 -9.64 -5.58
CA ILE A 96 -4.83 -9.62 -4.31
C ILE A 96 -5.99 -8.60 -4.32
N ALA A 97 -5.93 -7.58 -5.16
CA ALA A 97 -6.91 -6.49 -5.26
C ALA A 97 -6.61 -5.60 -6.48
N TYR A 98 -7.39 -4.54 -6.67
CA TYR A 98 -7.17 -3.53 -7.72
C TYR A 98 -7.20 -2.15 -7.03
N SER A 99 -6.28 -1.25 -7.38
CA SER A 99 -6.24 0.14 -6.86
C SER A 99 -7.45 0.95 -7.31
N GLY A 100 -8.02 1.71 -6.38
CA GLY A 100 -9.16 2.59 -6.59
C GLY A 100 -8.87 4.02 -6.16
N ASN A 101 -9.92 4.86 -6.10
CA ASN A 101 -9.84 6.19 -5.49
C ASN A 101 -10.66 6.33 -4.18
N THR A 102 -11.04 5.20 -3.57
CA THR A 102 -11.75 5.17 -2.28
C THR A 102 -10.97 5.87 -1.17
N GLY A 103 -11.64 6.75 -0.42
CA GLY A 103 -11.08 7.53 0.69
C GLY A 103 -10.19 8.71 0.26
N ILE A 104 -9.70 8.78 -0.97
CA ILE A 104 -8.89 9.90 -1.47
C ILE A 104 -9.78 11.10 -1.83
N GLN A 105 -9.29 12.32 -1.63
CA GLN A 105 -9.96 13.56 -2.01
C GLN A 105 -9.25 14.27 -3.17
N THR A 106 -7.92 14.39 -3.08
CA THR A 106 -7.06 14.97 -4.11
C THR A 106 -7.00 14.17 -5.42
N THR A 107 -6.64 14.79 -6.55
CA THR A 107 -6.70 14.15 -7.87
C THR A 107 -5.80 12.92 -8.08
N GLY A 108 -6.30 11.93 -8.81
CA GLY A 108 -5.61 10.67 -9.16
C GLY A 108 -5.69 9.58 -8.09
N ALA A 109 -5.68 8.32 -8.51
CA ALA A 109 -5.68 7.13 -7.65
C ALA A 109 -4.26 6.73 -7.19
N HIS A 110 -4.16 6.01 -6.06
CA HIS A 110 -2.92 5.41 -5.58
C HIS A 110 -3.14 4.11 -4.79
N LEU A 111 -2.08 3.34 -4.58
CA LEU A 111 -2.00 2.23 -3.60
C LEU A 111 -1.16 2.66 -2.40
N HIS A 112 -1.74 2.59 -1.19
CA HIS A 112 -1.01 2.80 0.06
C HIS A 112 -0.61 1.48 0.69
N PHE A 113 0.67 1.13 0.56
CA PHE A 113 1.28 -0.02 1.21
C PHE A 113 1.95 0.29 2.56
N GLN A 114 1.40 -0.25 3.65
CA GLN A 114 1.88 -0.05 5.01
C GLN A 114 2.39 -1.36 5.65
N ARG A 115 3.69 -1.42 5.95
CA ARG A 115 4.38 -2.56 6.57
C ARG A 115 4.49 -2.37 8.08
N MET A 116 4.01 -3.36 8.85
CA MET A 116 3.90 -3.32 10.30
C MET A 116 4.49 -4.60 10.94
N LYS A 117 4.97 -4.51 12.19
CA LYS A 117 5.61 -5.62 12.92
C LYS A 117 4.91 -5.90 14.26
N GLY A 118 4.60 -7.17 14.53
CA GLY A 118 4.08 -7.61 15.84
C GLY A 118 2.63 -7.19 16.19
N GLY A 119 1.96 -6.45 15.30
CA GLY A 119 0.59 -5.95 15.45
C GLY A 119 0.16 -5.07 14.25
N VAL A 120 -1.06 -4.55 14.29
CA VAL A 120 -1.68 -3.74 13.21
C VAL A 120 -2.07 -2.33 13.68
N GLY A 121 -1.59 -1.31 12.98
CA GLY A 121 -1.79 0.12 13.28
C GLY A 121 -0.53 0.96 13.00
N ASN A 122 -0.66 2.28 12.94
CA ASN A 122 0.49 3.18 12.73
C ASN A 122 1.59 3.02 13.79
N ALA A 123 1.25 2.77 15.06
CA ALA A 123 2.24 2.51 16.12
C ALA A 123 3.03 1.19 15.95
N TYR A 124 2.60 0.31 15.04
CA TYR A 124 3.30 -0.93 14.65
C TYR A 124 4.14 -0.83 13.37
N ALA A 125 4.01 0.29 12.65
CA ALA A 125 4.70 0.58 11.40
C ALA A 125 6.22 0.78 11.58
N GLU A 126 7.01 0.28 10.62
CA GLU A 126 8.48 0.40 10.62
C GLU A 126 9.00 1.23 9.44
N ASP A 127 9.08 0.64 8.25
CA ASP A 127 9.45 1.26 6.97
C ASP A 127 9.21 0.35 5.76
N PRO A 128 8.42 0.78 4.76
CA PRO A 128 8.20 -0.01 3.55
C PRO A 128 9.35 0.07 2.54
N LYS A 129 10.06 1.20 2.38
CA LYS A 129 11.08 1.37 1.34
C LYS A 129 12.19 0.30 1.31
N PRO A 130 12.91 0.06 2.43
CA PRO A 130 14.05 -0.86 2.48
C PRO A 130 13.64 -2.34 2.33
N PHE A 131 12.36 -2.65 2.56
CA PHE A 131 11.71 -3.90 2.16
C PHE A 131 11.48 -4.08 0.65
N ILE A 132 10.99 -3.04 -0.02
CA ILE A 132 10.78 -3.03 -1.49
C ILE A 132 12.12 -3.07 -2.24
N ASP A 133 13.17 -2.49 -1.67
CA ASP A 133 14.53 -2.46 -2.23
C ASP A 133 15.23 -3.84 -2.36
N GLN A 134 14.58 -4.90 -1.89
CA GLN A 134 15.00 -6.30 -2.01
C GLN A 134 13.97 -7.22 -2.70
N LEU A 135 12.79 -6.69 -3.06
CA LEU A 135 11.76 -7.41 -3.83
C LEU A 135 12.20 -7.68 -5.28
N PRO A 136 11.71 -8.76 -5.92
CA PRO A 136 12.28 -9.28 -7.17
C PRO A 136 12.23 -8.32 -8.36
N ASP A 137 11.17 -7.52 -8.50
CA ASP A 137 11.11 -6.40 -9.48
C ASP A 137 11.10 -5.01 -8.81
N GLY A 138 11.35 -4.95 -7.51
CA GLY A 138 11.19 -3.75 -6.70
C GLY A 138 9.73 -3.38 -6.48
N GLU A 139 9.38 -2.10 -6.65
CA GLU A 139 7.99 -1.64 -6.50
C GLU A 139 7.01 -2.33 -7.48
N ARG A 140 7.52 -2.80 -8.62
CA ARG A 140 6.78 -3.57 -9.63
C ARG A 140 6.42 -5.00 -9.20
N SER A 141 6.86 -5.42 -8.02
CA SER A 141 6.37 -6.62 -7.33
C SER A 141 5.08 -6.37 -6.55
N LEU A 142 4.60 -5.11 -6.45
CA LEU A 142 3.36 -4.74 -5.78
C LEU A 142 2.26 -4.28 -6.75
N TYR A 143 2.54 -4.02 -8.03
CA TYR A 143 1.53 -3.61 -9.03
C TYR A 143 1.81 -4.13 -10.44
N ASP A 144 0.82 -4.11 -11.33
CA ASP A 144 0.96 -4.51 -12.74
C ASP A 144 0.84 -3.37 -13.75
N LEU A 145 1.96 -2.73 -14.08
CA LEU A 145 2.08 -1.74 -15.16
C LEU A 145 2.99 -2.26 -16.28
ZN ZN B . -0.95 7.82 1.27
N GLY A 1 -3.89 24.94 -4.49
CA GLY A 1 -4.44 26.30 -4.45
C GLY A 1 -5.68 26.40 -5.31
N SER A 2 -5.72 27.30 -6.30
CA SER A 2 -6.88 27.47 -7.21
C SER A 2 -6.52 27.63 -8.70
N LYS A 3 -5.33 28.16 -9.01
CA LYS A 3 -4.83 28.43 -10.37
C LYS A 3 -4.09 27.21 -10.94
N TRP A 4 -3.49 27.36 -12.12
CA TRP A 4 -2.58 26.38 -12.71
C TRP A 4 -1.31 26.21 -11.85
N GLU A 5 -0.94 24.97 -11.57
CA GLU A 5 0.10 24.59 -10.60
C GLU A 5 0.99 23.44 -11.09
N ASP A 6 2.16 23.29 -10.49
CA ASP A 6 3.08 22.16 -10.73
C ASP A 6 2.57 20.77 -10.31
N PHE A 7 3.20 19.72 -10.85
CA PHE A 7 2.77 18.31 -10.77
C PHE A 7 3.88 17.25 -10.62
N PHE A 8 3.52 16.00 -10.29
CA PHE A 8 4.43 14.85 -10.26
C PHE A 8 5.07 14.38 -11.57
N ARG A 9 6.25 13.78 -11.48
CA ARG A 9 6.97 13.13 -12.59
C ARG A 9 7.91 12.02 -12.13
N GLY A 10 8.25 11.09 -13.03
CA GLY A 10 9.20 10.00 -12.78
C GLY A 10 8.60 8.85 -11.94
N SER A 11 9.20 8.56 -10.79
CA SER A 11 8.77 7.50 -9.87
C SER A 11 7.35 7.71 -9.34
N ARG A 12 6.60 6.61 -9.26
CA ARG A 12 5.17 6.60 -8.93
C ARG A 12 4.82 6.96 -7.50
N ILE A 13 5.78 6.95 -6.57
CA ILE A 13 5.47 7.35 -5.20
C ILE A 13 5.04 8.83 -5.15
N THR A 14 3.92 9.15 -4.47
CA THR A 14 3.58 10.53 -4.07
C THR A 14 3.99 10.93 -2.66
N GLU A 15 3.95 10.01 -1.69
CA GLU A 15 4.29 10.23 -0.28
C GLU A 15 4.94 8.99 0.38
N THR A 16 5.81 9.22 1.36
CA THR A 16 6.74 8.21 1.95
C THR A 16 6.81 8.40 3.48
N PHE A 17 7.61 7.60 4.19
CA PHE A 17 7.52 7.45 5.65
C PHE A 17 8.09 8.70 6.36
N GLY A 18 7.37 9.24 7.35
CA GLY A 18 7.80 10.36 8.20
C GLY A 18 6.76 11.49 8.34
N LYS A 19 7.09 12.54 9.11
CA LYS A 19 6.23 13.72 9.34
C LYS A 19 5.74 14.41 8.06
N TYR A 20 4.50 14.90 8.11
CA TYR A 20 3.91 15.79 7.11
C TYR A 20 4.53 17.20 7.01
N GLN A 21 4.00 18.04 6.11
CA GLN A 21 4.33 19.46 5.99
C GLN A 21 4.07 20.22 7.31
N HIS A 22 4.72 21.38 7.47
CA HIS A 22 5.06 21.99 8.77
C HIS A 22 3.93 22.81 9.43
N SER A 23 2.68 22.37 9.30
CA SER A 23 1.49 22.98 9.93
C SER A 23 1.54 23.07 11.47
N PRO A 24 0.80 24.01 12.08
CA PRO A 24 0.59 24.04 13.54
C PRO A 24 -0.08 22.75 14.07
N PHE A 25 -0.83 22.07 13.21
CA PHE A 25 -1.19 20.65 13.35
C PHE A 25 -0.10 19.63 13.01
N ASP A 26 0.26 18.76 13.96
CA ASP A 26 1.12 17.60 13.77
C ASP A 26 0.48 16.38 13.07
N GLY A 27 1.28 15.62 12.35
CA GLY A 27 0.88 14.35 11.71
C GLY A 27 2.06 13.59 11.08
N LYS A 28 2.02 12.25 11.13
CA LYS A 28 3.06 11.36 10.54
C LYS A 28 2.45 10.40 9.54
N HIS A 29 3.15 10.21 8.41
CA HIS A 29 2.78 9.26 7.37
C HIS A 29 3.54 7.94 7.58
N TYR A 30 2.81 6.82 7.66
CA TYR A 30 3.32 5.51 8.06
C TYR A 30 3.49 4.45 6.94
N GLY A 31 3.46 4.89 5.67
CA GLY A 31 3.47 3.99 4.51
C GLY A 31 4.12 4.59 3.25
N ILE A 32 3.85 3.93 2.12
CA ILE A 32 4.29 4.28 0.75
C ILE A 32 3.05 4.40 -0.16
N ASP A 33 2.98 5.42 -1.02
CA ASP A 33 1.81 5.66 -1.90
C ASP A 33 2.09 5.64 -3.42
N PHE A 34 1.85 4.51 -4.09
CA PHE A 34 2.04 4.34 -5.54
C PHE A 34 0.92 4.94 -6.41
N ALA A 35 1.18 6.04 -7.12
CA ALA A 35 0.27 6.59 -8.13
C ALA A 35 0.01 5.59 -9.25
N LEU A 36 -1.25 5.19 -9.39
CA LEU A 36 -1.70 4.17 -10.34
C LEU A 36 -2.94 4.63 -11.11
N PRO A 37 -3.09 4.19 -12.36
CA PRO A 37 -4.37 4.25 -13.06
C PRO A 37 -5.42 3.37 -12.36
N LYS A 38 -6.65 3.87 -12.26
CA LYS A 38 -7.80 3.17 -11.67
C LYS A 38 -7.95 1.78 -12.31
N GLY A 39 -8.20 0.75 -11.50
CA GLY A 39 -8.34 -0.63 -11.95
C GLY A 39 -7.03 -1.42 -12.13
N THR A 40 -5.85 -0.80 -11.98
CA THR A 40 -4.57 -1.56 -11.89
C THR A 40 -4.62 -2.66 -10.83
N PRO A 41 -4.38 -3.93 -11.18
CA PRO A 41 -4.29 -4.99 -10.20
C PRO A 41 -3.04 -4.82 -9.32
N ILE A 42 -3.28 -4.84 -8.02
CA ILE A 42 -2.23 -4.90 -6.98
C ILE A 42 -1.83 -6.37 -6.79
N LYS A 43 -0.54 -6.67 -6.84
CA LYS A 43 0.01 -8.02 -6.65
C LYS A 43 0.54 -8.17 -5.22
N ALA A 44 0.55 -9.39 -4.70
CA ALA A 44 1.22 -9.72 -3.45
C ALA A 44 2.76 -9.60 -3.62
N PRO A 45 3.48 -8.81 -2.81
CA PRO A 45 4.94 -8.69 -2.87
C PRO A 45 5.66 -9.99 -2.46
N THR A 46 5.09 -10.68 -1.48
CA THR A 46 5.58 -11.88 -0.83
C THR A 46 4.52 -12.98 -0.92
N ASN A 47 4.87 -14.22 -0.57
CA ASN A 47 3.83 -15.15 -0.13
C ASN A 47 3.29 -14.69 1.25
N GLY A 48 2.01 -14.96 1.49
CA GLY A 48 1.35 -14.68 2.76
C GLY A 48 -0.08 -15.22 2.83
N LYS A 49 -0.91 -14.69 3.74
CA LYS A 49 -2.35 -15.00 3.85
C LYS A 49 -3.17 -13.80 4.35
N VAL A 50 -4.39 -13.65 3.85
CA VAL A 50 -5.32 -12.59 4.28
C VAL A 50 -5.86 -12.74 5.71
N THR A 51 -5.68 -11.70 6.51
CA THR A 51 -6.12 -11.60 7.92
C THR A 51 -7.50 -10.97 8.12
N ARG A 52 -7.73 -9.86 7.42
CA ARG A 52 -8.87 -8.94 7.62
C ARG A 52 -9.15 -8.13 6.36
N ILE A 53 -10.43 -7.80 6.12
CA ILE A 53 -10.89 -7.06 4.93
C ILE A 53 -11.99 -6.07 5.35
N PHE A 54 -11.77 -4.75 5.17
CA PHE A 54 -12.66 -3.71 5.73
C PHE A 54 -12.51 -2.33 5.01
N ASN A 55 -13.09 -1.26 5.58
CA ASN A 55 -12.95 0.13 5.11
C ASN A 55 -12.75 1.15 6.26
N ASN A 56 -11.98 2.20 6.00
CA ASN A 56 -11.72 3.34 6.90
C ASN A 56 -12.56 4.58 6.49
N GLU A 57 -13.01 5.35 7.50
CA GLU A 57 -14.11 6.33 7.40
C GLU A 57 -13.85 7.54 6.49
N LEU A 58 -12.59 7.83 6.16
CA LEU A 58 -12.17 8.77 5.12
C LEU A 58 -10.98 8.27 4.28
N GLY A 59 -10.26 7.23 4.73
CA GLY A 59 -9.18 6.58 3.99
C GLY A 59 -9.63 5.65 2.85
N GLY A 60 -10.89 5.19 2.84
CA GLY A 60 -11.40 4.26 1.83
C GLY A 60 -11.19 2.79 2.17
N LYS A 61 -11.22 1.91 1.15
CA LYS A 61 -11.13 0.46 1.35
C LYS A 61 -9.75 -0.02 1.79
N VAL A 62 -9.73 -1.10 2.57
CA VAL A 62 -8.55 -1.75 3.15
C VAL A 62 -8.50 -3.27 2.98
N LEU A 63 -7.32 -3.79 2.63
CA LEU A 63 -6.95 -5.20 2.71
C LEU A 63 -5.84 -5.38 3.76
N GLN A 64 -5.94 -6.43 4.58
CA GLN A 64 -4.88 -6.84 5.52
C GLN A 64 -4.31 -8.23 5.20
N ILE A 65 -2.99 -8.34 5.02
CA ILE A 65 -2.27 -9.60 4.79
C ILE A 65 -1.16 -9.84 5.85
N ALA A 66 -0.82 -11.10 6.09
CA ALA A 66 0.23 -11.56 6.99
C ALA A 66 1.29 -12.40 6.25
N GLU A 67 2.58 -12.16 6.51
CA GLU A 67 3.71 -12.91 5.91
C GLU A 67 4.07 -14.20 6.71
N ASP A 68 4.79 -15.17 6.12
CA ASP A 68 4.91 -16.53 6.68
C ASP A 68 5.73 -16.77 7.98
N ASN A 69 6.46 -15.78 8.52
CA ASN A 69 6.93 -15.84 9.92
C ASN A 69 5.83 -15.51 10.95
N GLY A 70 4.69 -14.96 10.52
CA GLY A 70 3.61 -14.47 11.36
C GLY A 70 3.94 -13.23 12.20
N GLU A 71 4.98 -12.46 11.83
CA GLU A 71 5.46 -11.30 12.59
C GLU A 71 5.26 -9.98 11.83
N TYR A 72 5.21 -10.04 10.51
CA TYR A 72 4.86 -8.92 9.63
C TYR A 72 3.45 -8.92 9.04
N HIS A 73 2.74 -7.79 9.21
CA HIS A 73 1.45 -7.46 8.57
C HIS A 73 1.62 -6.46 7.43
N GLN A 74 0.68 -6.43 6.50
CA GLN A 74 0.68 -5.66 5.26
C GLN A 74 -0.71 -5.05 5.01
N TRP A 75 -0.85 -3.74 5.23
CA TRP A 75 -2.03 -2.98 4.83
C TRP A 75 -1.95 -2.51 3.37
N TYR A 76 -3.10 -2.43 2.72
CA TYR A 76 -3.29 -1.88 1.38
C TYR A 76 -4.53 -0.99 1.41
N LEU A 77 -4.32 0.32 1.30
CA LEU A 77 -5.37 1.35 1.27
C LEU A 77 -5.57 1.87 -0.17
N HIS A 78 -6.76 2.43 -0.43
CA HIS A 78 -7.21 2.96 -1.72
C HIS A 78 -7.39 1.88 -2.80
N LEU A 79 -8.27 0.93 -2.48
CA LEU A 79 -8.70 -0.17 -3.36
C LEU A 79 -10.11 0.08 -3.91
N ASP A 80 -10.42 -0.44 -5.09
CA ASP A 80 -11.75 -0.42 -5.73
C ASP A 80 -12.47 -1.77 -5.55
N LYS A 81 -11.74 -2.88 -5.74
CA LYS A 81 -12.27 -4.26 -5.70
C LYS A 81 -11.24 -5.25 -5.13
N TYR A 82 -11.71 -6.28 -4.43
CA TYR A 82 -10.86 -7.36 -3.90
C TYR A 82 -10.78 -8.57 -4.84
N ASN A 83 -9.61 -9.20 -4.96
CA ASN A 83 -9.40 -10.47 -5.69
C ASN A 83 -9.18 -11.68 -4.78
N VAL A 84 -9.08 -11.46 -3.46
CA VAL A 84 -8.98 -12.50 -2.42
C VAL A 84 -10.00 -12.24 -1.31
N LYS A 85 -10.21 -13.24 -0.45
CA LYS A 85 -11.07 -13.17 0.74
C LYS A 85 -10.25 -13.50 2.01
N VAL A 86 -10.79 -13.19 3.18
CA VAL A 86 -10.18 -13.52 4.48
C VAL A 86 -9.89 -15.03 4.51
N GLY A 87 -8.66 -15.35 4.92
CA GLY A 87 -8.17 -16.73 5.06
C GLY A 87 -7.55 -17.34 3.80
N ASP A 88 -7.35 -16.57 2.74
CA ASP A 88 -6.70 -17.02 1.51
C ASP A 88 -5.18 -16.94 1.59
N ARG A 89 -4.49 -18.07 1.46
CA ARG A 89 -3.06 -18.07 1.17
C ARG A 89 -2.80 -17.50 -0.22
N VAL A 90 -1.72 -16.74 -0.35
CA VAL A 90 -1.27 -16.08 -1.58
C VAL A 90 0.23 -16.31 -1.75
N LYS A 91 0.71 -16.14 -2.98
CA LYS A 91 2.09 -16.30 -3.40
C LYS A 91 2.53 -15.06 -4.17
N ALA A 92 3.78 -14.64 -3.99
CA ALA A 92 4.36 -13.46 -4.62
C ALA A 92 4.05 -13.36 -6.13
N GLY A 93 3.42 -12.25 -6.52
CA GLY A 93 2.98 -11.99 -7.89
C GLY A 93 1.51 -12.39 -8.17
N ASP A 94 0.77 -12.85 -7.17
CA ASP A 94 -0.68 -13.06 -7.22
C ASP A 94 -1.46 -11.75 -7.09
N ILE A 95 -2.46 -11.51 -7.94
CA ILE A 95 -3.36 -10.38 -7.76
C ILE A 95 -4.22 -10.57 -6.52
N ILE A 96 -4.25 -9.56 -5.66
CA ILE A 96 -5.03 -9.55 -4.41
C ILE A 96 -6.18 -8.54 -4.42
N ALA A 97 -6.12 -7.52 -5.26
CA ALA A 97 -7.11 -6.47 -5.39
C ALA A 97 -6.80 -5.57 -6.60
N TYR A 98 -7.61 -4.54 -6.84
CA TYR A 98 -7.43 -3.56 -7.91
C TYR A 98 -7.56 -2.18 -7.24
N SER A 99 -6.64 -1.25 -7.50
CA SER A 99 -6.63 0.08 -6.87
C SER A 99 -7.66 1.05 -7.45
N GLY A 100 -8.21 1.91 -6.62
CA GLY A 100 -9.22 2.91 -6.98
C GLY A 100 -9.18 4.13 -6.06
N ASN A 101 -9.71 5.28 -6.47
CA ASN A 101 -9.71 6.51 -5.67
C ASN A 101 -10.77 6.52 -4.54
N THR A 102 -11.01 5.37 -3.89
CA THR A 102 -11.73 5.31 -2.61
C THR A 102 -10.93 6.02 -1.52
N GLY A 103 -11.57 6.98 -0.84
CA GLY A 103 -10.91 7.90 0.11
C GLY A 103 -10.08 9.03 -0.53
N ILE A 104 -10.16 9.26 -1.85
CA ILE A 104 -9.38 10.29 -2.57
C ILE A 104 -10.13 10.93 -3.77
N GLN A 105 -9.62 12.05 -4.27
CA GLN A 105 -10.23 12.85 -5.34
C GLN A 105 -9.96 12.31 -6.76
N THR A 106 -10.77 12.76 -7.73
CA THR A 106 -10.61 12.49 -9.19
C THR A 106 -9.33 13.03 -9.86
N THR A 107 -8.49 13.72 -9.09
CA THR A 107 -7.10 14.08 -9.46
C THR A 107 -6.26 12.82 -9.62
N GLY A 108 -6.54 11.73 -8.89
CA GLY A 108 -5.88 10.43 -9.09
C GLY A 108 -6.00 9.46 -7.90
N ALA A 109 -5.88 8.16 -8.21
CA ALA A 109 -5.73 7.07 -7.26
C ALA A 109 -4.25 6.82 -6.90
N HIS A 110 -3.99 6.28 -5.70
CA HIS A 110 -2.66 5.76 -5.33
C HIS A 110 -2.71 4.65 -4.28
N LEU A 111 -2.07 3.50 -4.53
CA LEU A 111 -1.99 2.37 -3.60
C LEU A 111 -1.14 2.73 -2.38
N HIS A 112 -1.75 2.79 -1.19
CA HIS A 112 -1.04 3.00 0.08
C HIS A 112 -0.68 1.67 0.73
N PHE A 113 0.57 1.26 0.54
CA PHE A 113 1.19 0.11 1.21
C PHE A 113 1.90 0.43 2.52
N GLN A 114 1.44 -0.20 3.61
CA GLN A 114 1.93 0.00 4.97
C GLN A 114 2.24 -1.34 5.64
N ARG A 115 3.54 -1.66 5.83
CA ARG A 115 4.03 -2.90 6.45
C ARG A 115 4.34 -2.68 7.93
N MET A 116 3.94 -3.61 8.81
CA MET A 116 3.88 -3.44 10.27
C MET A 116 4.44 -4.67 11.01
N LYS A 117 5.14 -4.49 12.14
CA LYS A 117 5.84 -5.56 12.88
C LYS A 117 5.20 -5.86 14.24
N GLY A 118 4.97 -7.13 14.56
CA GLY A 118 4.49 -7.61 15.87
C GLY A 118 2.98 -7.39 16.13
N GLY A 119 2.28 -6.80 15.16
CA GLY A 119 0.86 -6.42 15.18
C GLY A 119 0.58 -5.39 14.08
N VAL A 120 -0.60 -4.79 14.08
CA VAL A 120 -1.01 -3.81 13.06
C VAL A 120 -1.63 -2.56 13.71
N GLY A 121 -1.24 -1.41 13.18
CA GLY A 121 -1.50 -0.04 13.65
C GLY A 121 -0.39 0.90 13.13
N ASN A 122 -0.62 2.20 13.13
CA ASN A 122 0.40 3.18 12.67
C ASN A 122 1.72 3.09 13.44
N ALA A 123 1.66 2.93 14.76
CA ALA A 123 2.85 2.74 15.60
C ALA A 123 3.61 1.42 15.34
N TYR A 124 2.94 0.42 14.75
CA TYR A 124 3.54 -0.85 14.37
C TYR A 124 4.37 -0.82 13.08
N ALA A 125 4.22 0.23 12.26
CA ALA A 125 4.98 0.43 11.03
C ALA A 125 6.45 0.84 11.31
N GLU A 126 7.40 0.45 10.45
CA GLU A 126 8.85 0.71 10.65
C GLU A 126 9.46 1.61 9.56
N ASP A 127 9.41 1.13 8.30
CA ASP A 127 9.54 1.83 7.01
C ASP A 127 9.44 0.77 5.88
N PRO A 128 8.49 0.92 4.93
CA PRO A 128 8.37 0.02 3.78
C PRO A 128 9.45 0.17 2.68
N LYS A 129 10.15 1.30 2.57
CA LYS A 129 11.20 1.52 1.54
C LYS A 129 12.27 0.41 1.46
N PRO A 130 12.99 0.09 2.56
CA PRO A 130 14.06 -0.92 2.57
C PRO A 130 13.54 -2.34 2.27
N PHE A 131 12.27 -2.61 2.55
CA PHE A 131 11.58 -3.83 2.13
C PHE A 131 11.41 -4.01 0.61
N ILE A 132 11.01 -2.97 -0.11
CA ILE A 132 10.91 -3.03 -1.58
C ILE A 132 12.29 -3.18 -2.23
N ASP A 133 13.34 -2.68 -1.59
CA ASP A 133 14.74 -2.89 -2.00
C ASP A 133 15.29 -4.32 -1.88
N GLN A 134 14.51 -5.26 -1.34
CA GLN A 134 14.83 -6.70 -1.31
C GLN A 134 13.82 -7.58 -2.08
N LEU A 135 12.69 -7.02 -2.51
CA LEU A 135 11.69 -7.70 -3.33
C LEU A 135 12.21 -8.04 -4.74
N PRO A 136 11.74 -9.14 -5.38
CA PRO A 136 12.37 -9.69 -6.58
C PRO A 136 12.28 -8.77 -7.81
N ASP A 137 11.13 -8.13 -8.05
CA ASP A 137 10.97 -7.09 -9.08
C ASP A 137 10.91 -5.65 -8.50
N GLY A 138 11.21 -5.49 -7.21
CA GLY A 138 11.05 -4.22 -6.48
C GLY A 138 9.59 -3.76 -6.44
N GLU A 139 9.36 -2.47 -6.71
CA GLU A 139 8.00 -1.89 -6.75
C GLU A 139 7.06 -2.65 -7.70
N ARG A 140 7.58 -3.25 -8.78
CA ARG A 140 6.83 -4.01 -9.79
C ARG A 140 6.33 -5.35 -9.26
N SER A 141 6.71 -5.75 -8.03
CA SER A 141 6.12 -6.88 -7.31
C SER A 141 4.83 -6.52 -6.57
N LEU A 142 4.43 -5.24 -6.52
CA LEU A 142 3.21 -4.76 -5.89
C LEU A 142 2.13 -4.35 -6.91
N TYR A 143 2.44 -4.18 -8.19
CA TYR A 143 1.45 -3.75 -9.21
C TYR A 143 1.68 -4.35 -10.62
N ASP A 144 0.64 -4.36 -11.45
CA ASP A 144 0.69 -4.80 -12.84
C ASP A 144 0.66 -3.65 -13.87
N LEU A 145 1.82 -3.23 -14.35
CA LEU A 145 1.95 -2.14 -15.32
C LEU A 145 3.03 -2.42 -16.40
ZN ZN B . -0.16 7.74 1.85
N GLY A 1 5.34 26.39 0.36
CA GLY A 1 4.52 25.27 -0.15
C GLY A 1 4.49 25.26 -1.67
N SER A 2 4.74 24.11 -2.30
CA SER A 2 4.87 23.94 -3.77
C SER A 2 4.69 22.48 -4.22
N LYS A 3 4.20 22.27 -5.46
CA LYS A 3 4.14 20.95 -6.12
C LYS A 3 5.48 20.22 -6.17
N TRP A 4 6.58 20.96 -6.37
CA TRP A 4 7.95 20.49 -6.14
C TRP A 4 8.87 21.68 -5.84
N GLU A 5 9.54 21.63 -4.69
CA GLU A 5 10.81 22.37 -4.51
C GLU A 5 11.93 21.72 -5.32
N ASP A 6 11.87 20.39 -5.49
CA ASP A 6 12.71 19.61 -6.41
C ASP A 6 12.07 18.29 -6.91
N PHE A 7 12.01 18.09 -8.23
CA PHE A 7 11.40 16.90 -8.87
C PHE A 7 12.10 15.55 -8.65
N PHE A 8 11.36 14.43 -8.77
CA PHE A 8 11.88 13.06 -8.66
C PHE A 8 11.44 12.07 -9.75
N ARG A 9 12.34 11.19 -10.21
CA ARG A 9 12.11 10.19 -11.26
C ARG A 9 12.86 8.88 -11.00
N GLY A 10 12.28 7.76 -11.44
CA GLY A 10 12.73 6.39 -11.18
C GLY A 10 11.76 5.54 -10.34
N SER A 11 10.59 6.09 -9.97
CA SER A 11 9.56 5.43 -9.13
C SER A 11 8.22 6.15 -9.21
N ARG A 12 7.12 5.42 -8.97
CA ARG A 12 5.75 5.98 -8.97
C ARG A 12 5.31 6.54 -7.61
N ILE A 13 6.21 6.79 -6.66
CA ILE A 13 5.81 7.30 -5.33
C ILE A 13 5.36 8.77 -5.36
N THR A 14 4.30 9.08 -4.61
CA THR A 14 3.83 10.44 -4.25
C THR A 14 4.09 10.83 -2.78
N GLU A 15 4.13 9.87 -1.85
CA GLU A 15 4.58 10.05 -0.45
C GLU A 15 5.27 8.78 0.08
N THR A 16 6.51 8.90 0.55
CA THR A 16 7.21 7.85 1.34
C THR A 16 6.85 7.87 2.84
N PHE A 17 7.41 6.93 3.60
CA PHE A 17 7.29 6.85 5.06
C PHE A 17 8.06 8.06 5.60
N GLY A 18 7.41 8.95 6.35
CA GLY A 18 7.99 10.25 6.75
C GLY A 18 6.95 11.20 7.31
N LYS A 19 7.02 12.49 6.95
CA LYS A 19 6.06 13.52 7.38
C LYS A 19 5.49 14.35 6.23
N TYR A 20 4.33 14.95 6.46
CA TYR A 20 3.60 15.72 5.48
C TYR A 20 4.18 17.07 5.03
N GLN A 21 4.70 17.88 5.96
CA GLN A 21 5.17 19.26 5.70
C GLN A 21 6.34 19.72 6.59
N HIS A 22 7.03 20.79 6.14
CA HIS A 22 8.05 21.56 6.86
C HIS A 22 7.56 22.29 8.13
N SER A 23 6.25 22.36 8.34
CA SER A 23 5.58 23.10 9.43
C SER A 23 5.79 22.50 10.83
N PRO A 24 5.67 23.31 11.91
CA PRO A 24 5.89 22.82 13.28
C PRO A 24 4.86 21.78 13.75
N PHE A 25 3.64 21.82 13.20
CA PHE A 25 2.49 21.00 13.60
C PHE A 25 2.81 19.54 13.25
N ASP A 26 2.46 18.63 14.15
CA ASP A 26 2.68 17.19 14.03
C ASP A 26 1.75 16.55 12.97
N GLY A 27 2.34 15.77 12.07
CA GLY A 27 1.67 15.14 10.92
C GLY A 27 2.57 14.18 10.16
N LYS A 28 2.72 12.95 10.65
CA LYS A 28 3.46 11.85 10.02
C LYS A 28 2.61 10.99 9.06
N HIS A 29 3.29 10.22 8.22
CA HIS A 29 2.74 9.24 7.27
C HIS A 29 3.46 7.89 7.45
N TYR A 30 2.70 6.80 7.60
CA TYR A 30 3.19 5.47 8.02
C TYR A 30 3.27 4.37 6.94
N GLY A 31 3.30 4.76 5.66
CA GLY A 31 3.34 3.84 4.52
C GLY A 31 4.06 4.42 3.29
N ILE A 32 4.00 3.68 2.18
CA ILE A 32 4.46 4.09 0.85
C ILE A 32 3.25 4.29 -0.07
N ASP A 33 3.20 5.41 -0.81
CA ASP A 33 2.08 5.77 -1.69
C ASP A 33 2.39 5.72 -3.19
N PHE A 34 1.94 4.66 -3.88
CA PHE A 34 2.11 4.47 -5.33
C PHE A 34 1.04 5.15 -6.19
N ALA A 35 1.43 6.13 -7.02
CA ALA A 35 0.54 6.98 -7.83
C ALA A 35 0.04 6.26 -9.09
N LEU A 36 -0.93 5.36 -8.87
CA LEU A 36 -1.39 4.42 -9.88
C LEU A 36 -2.61 4.91 -10.69
N PRO A 37 -2.76 4.45 -11.94
CA PRO A 37 -4.05 4.45 -12.63
C PRO A 37 -5.07 3.58 -11.89
N LYS A 38 -6.32 4.03 -11.87
CA LYS A 38 -7.47 3.31 -11.29
C LYS A 38 -7.66 1.95 -11.99
N GLY A 39 -7.91 0.89 -11.23
CA GLY A 39 -8.07 -0.47 -11.74
C GLY A 39 -6.77 -1.26 -12.02
N THR A 40 -5.59 -0.69 -11.76
CA THR A 40 -4.33 -1.45 -11.73
C THR A 40 -4.39 -2.59 -10.71
N PRO A 41 -4.15 -3.86 -11.09
CA PRO A 41 -4.14 -4.94 -10.12
C PRO A 41 -2.89 -4.83 -9.22
N ILE A 42 -3.14 -4.81 -7.92
CA ILE A 42 -2.11 -4.83 -6.86
C ILE A 42 -1.67 -6.29 -6.68
N LYS A 43 -0.36 -6.54 -6.70
CA LYS A 43 0.24 -7.88 -6.53
C LYS A 43 0.78 -8.02 -5.10
N ALA A 44 0.84 -9.25 -4.60
CA ALA A 44 1.52 -9.54 -3.33
C ALA A 44 3.07 -9.41 -3.50
N PRO A 45 3.79 -8.69 -2.61
CA PRO A 45 5.26 -8.65 -2.63
C PRO A 45 5.90 -9.99 -2.23
N THR A 46 5.26 -10.70 -1.32
CA THR A 46 5.72 -11.93 -0.68
C THR A 46 4.62 -12.98 -0.78
N ASN A 47 4.96 -14.25 -0.56
CA ASN A 47 3.98 -15.24 -0.17
C ASN A 47 3.44 -14.88 1.24
N GLY A 48 2.14 -15.09 1.45
CA GLY A 48 1.46 -14.84 2.74
C GLY A 48 0.00 -15.29 2.76
N LYS A 49 -0.83 -14.78 3.68
CA LYS A 49 -2.29 -15.06 3.76
C LYS A 49 -3.05 -13.89 4.36
N VAL A 50 -4.25 -13.59 3.83
CA VAL A 50 -5.15 -12.55 4.36
C VAL A 50 -5.48 -12.72 5.84
N THR A 51 -5.49 -11.63 6.60
CA THR A 51 -5.91 -11.56 8.01
C THR A 51 -7.30 -10.99 8.23
N ARG A 52 -7.59 -9.90 7.53
CA ARG A 52 -8.74 -9.02 7.75
C ARG A 52 -9.03 -8.22 6.48
N ILE A 53 -10.29 -7.89 6.24
CA ILE A 53 -10.75 -7.11 5.08
C ILE A 53 -11.84 -6.13 5.55
N PHE A 54 -11.72 -4.84 5.26
CA PHE A 54 -12.68 -3.82 5.71
C PHE A 54 -12.66 -2.52 4.90
N ASN A 55 -13.60 -1.59 5.16
CA ASN A 55 -13.54 -0.22 4.63
C ASN A 55 -13.70 0.82 5.76
N ASN A 56 -13.25 2.05 5.51
CA ASN A 56 -13.34 3.21 6.39
C ASN A 56 -13.85 4.41 5.57
N GLU A 57 -14.89 5.12 6.01
CA GLU A 57 -15.49 6.23 5.24
C GLU A 57 -14.57 7.47 5.12
N LEU A 58 -13.58 7.59 6.01
CA LEU A 58 -12.48 8.57 5.92
C LEU A 58 -11.24 8.04 5.17
N GLY A 59 -11.13 6.72 5.04
CA GLY A 59 -9.88 6.01 4.70
C GLY A 59 -9.90 5.24 3.38
N GLY A 60 -11.07 4.96 2.82
CA GLY A 60 -11.25 4.06 1.66
C GLY A 60 -11.36 2.58 2.06
N LYS A 61 -11.31 1.70 1.06
CA LYS A 61 -11.20 0.25 1.26
C LYS A 61 -9.80 -0.17 1.71
N VAL A 62 -9.76 -1.21 2.52
CA VAL A 62 -8.54 -1.81 3.09
C VAL A 62 -8.50 -3.33 3.04
N LEU A 63 -7.33 -3.86 2.69
CA LEU A 63 -6.96 -5.27 2.78
C LEU A 63 -5.78 -5.42 3.77
N GLN A 64 -5.87 -6.37 4.68
CA GLN A 64 -4.79 -6.75 5.62
C GLN A 64 -4.24 -8.15 5.25
N ILE A 65 -2.93 -8.25 5.04
CA ILE A 65 -2.22 -9.52 4.80
C ILE A 65 -1.16 -9.78 5.87
N ALA A 66 -1.03 -11.03 6.28
CA ALA A 66 0.06 -11.53 7.11
C ALA A 66 1.12 -12.20 6.21
N GLU A 67 2.39 -11.95 6.48
CA GLU A 67 3.49 -12.74 5.91
C GLU A 67 3.51 -14.18 6.49
N ASP A 68 4.21 -15.12 5.87
CA ASP A 68 4.15 -16.53 6.25
C ASP A 68 4.60 -16.85 7.70
N ASN A 69 5.56 -16.09 8.24
CA ASN A 69 5.94 -16.14 9.66
C ASN A 69 4.93 -15.44 10.61
N GLY A 70 3.98 -14.65 10.10
CA GLY A 70 2.82 -14.12 10.84
C GLY A 70 3.07 -12.99 11.85
N GLU A 71 4.28 -12.43 11.92
CA GLU A 71 4.65 -11.32 12.80
C GLU A 71 4.60 -9.97 12.06
N TYR A 72 5.06 -9.97 10.80
CA TYR A 72 4.83 -8.92 9.83
C TYR A 72 3.42 -8.86 9.20
N HIS A 73 2.84 -7.66 9.20
CA HIS A 73 1.55 -7.33 8.60
C HIS A 73 1.70 -6.29 7.48
N GLN A 74 0.80 -6.35 6.52
CA GLN A 74 0.80 -5.60 5.27
C GLN A 74 -0.60 -5.00 5.01
N TRP A 75 -0.75 -3.70 5.24
CA TRP A 75 -1.97 -2.96 4.89
C TRP A 75 -1.93 -2.47 3.44
N TYR A 76 -3.10 -2.46 2.80
CA TYR A 76 -3.35 -2.05 1.43
C TYR A 76 -4.56 -1.11 1.38
N LEU A 77 -4.34 0.19 1.55
CA LEU A 77 -5.39 1.22 1.50
C LEU A 77 -5.55 1.77 0.07
N HIS A 78 -6.77 2.27 -0.22
CA HIS A 78 -7.19 2.87 -1.51
C HIS A 78 -7.32 1.86 -2.66
N LEU A 79 -8.15 0.85 -2.40
CA LEU A 79 -8.56 -0.19 -3.34
C LEU A 79 -9.95 0.12 -3.92
N ASP A 80 -10.21 -0.29 -5.18
CA ASP A 80 -11.53 -0.36 -5.80
C ASP A 80 -12.29 -1.65 -5.46
N LYS A 81 -11.60 -2.78 -5.62
CA LYS A 81 -12.11 -4.14 -5.43
C LYS A 81 -11.03 -5.05 -4.86
N TYR A 82 -11.44 -6.09 -4.13
CA TYR A 82 -10.57 -7.17 -3.69
C TYR A 82 -10.47 -8.23 -4.78
N ASN A 83 -9.43 -9.07 -4.73
CA ASN A 83 -9.33 -10.33 -5.49
C ASN A 83 -9.38 -11.54 -4.54
N VAL A 84 -8.98 -11.36 -3.28
CA VAL A 84 -8.93 -12.39 -2.23
C VAL A 84 -10.05 -12.19 -1.20
N LYS A 85 -10.26 -13.19 -0.35
CA LYS A 85 -11.07 -13.11 0.90
C LYS A 85 -10.22 -13.42 2.13
N VAL A 86 -10.74 -13.14 3.34
CA VAL A 86 -10.08 -13.44 4.61
C VAL A 86 -9.76 -14.93 4.67
N GLY A 87 -8.51 -15.23 5.01
CA GLY A 87 -7.97 -16.58 5.13
C GLY A 87 -7.35 -17.17 3.84
N ASP A 88 -7.31 -16.42 2.73
CA ASP A 88 -6.77 -16.89 1.46
C ASP A 88 -5.26 -16.78 1.40
N ARG A 89 -4.58 -17.86 1.02
CA ARG A 89 -3.15 -17.82 0.73
C ARG A 89 -2.89 -17.01 -0.53
N VAL A 90 -1.79 -16.28 -0.49
CA VAL A 90 -1.26 -15.48 -1.59
C VAL A 90 0.20 -15.85 -1.82
N LYS A 91 0.66 -15.55 -3.03
CA LYS A 91 2.01 -15.82 -3.50
C LYS A 91 2.59 -14.55 -4.13
N ALA A 92 3.88 -14.30 -3.96
CA ALA A 92 4.58 -13.19 -4.58
C ALA A 92 4.26 -13.08 -6.09
N GLY A 93 3.80 -11.89 -6.49
CA GLY A 93 3.38 -11.59 -7.86
C GLY A 93 1.93 -11.99 -8.23
N ASP A 94 1.18 -12.65 -7.34
CA ASP A 94 -0.25 -12.91 -7.50
C ASP A 94 -1.12 -11.70 -7.16
N ILE A 95 -2.20 -11.47 -7.91
CA ILE A 95 -3.11 -10.35 -7.67
C ILE A 95 -3.97 -10.56 -6.42
N ILE A 96 -4.01 -9.54 -5.57
CA ILE A 96 -4.73 -9.54 -4.30
C ILE A 96 -5.89 -8.53 -4.28
N ALA A 97 -5.83 -7.49 -5.10
CA ALA A 97 -6.84 -6.42 -5.19
C ALA A 97 -6.59 -5.55 -6.43
N TYR A 98 -7.41 -4.52 -6.63
CA TYR A 98 -7.31 -3.57 -7.73
C TYR A 98 -7.35 -2.15 -7.12
N SER A 99 -6.44 -1.26 -7.54
CA SER A 99 -6.32 0.12 -7.05
C SER A 99 -7.58 0.94 -7.33
N GLY A 100 -7.93 1.88 -6.43
CA GLY A 100 -9.20 2.61 -6.55
C GLY A 100 -9.25 3.95 -5.85
N ASN A 101 -10.20 4.78 -6.27
CA ASN A 101 -10.39 6.15 -5.79
C ASN A 101 -11.26 6.22 -4.51
N THR A 102 -11.15 5.23 -3.63
CA THR A 102 -11.87 5.14 -2.35
C THR A 102 -11.17 5.92 -1.24
N GLY A 103 -11.93 6.71 -0.47
CA GLY A 103 -11.44 7.62 0.57
C GLY A 103 -10.82 8.93 0.06
N ILE A 104 -10.06 8.87 -1.04
CA ILE A 104 -9.49 10.01 -1.77
C ILE A 104 -10.60 10.83 -2.48
N GLN A 105 -10.30 12.03 -2.94
CA GLN A 105 -11.12 12.70 -3.98
C GLN A 105 -11.20 11.82 -5.25
N THR A 106 -12.27 11.96 -6.04
CA THR A 106 -12.55 11.13 -7.23
C THR A 106 -11.43 11.08 -8.29
N THR A 107 -10.55 12.07 -8.31
CA THR A 107 -9.39 12.19 -9.21
C THR A 107 -8.12 11.41 -8.85
N GLY A 108 -7.99 10.88 -7.63
CA GLY A 108 -6.80 10.14 -7.15
C GLY A 108 -7.12 8.71 -6.72
N ALA A 109 -6.18 7.78 -6.93
CA ALA A 109 -6.42 6.32 -6.86
C ALA A 109 -5.21 5.48 -6.39
N HIS A 110 -4.44 6.04 -5.46
CA HIS A 110 -3.03 5.72 -5.29
C HIS A 110 -2.79 4.74 -4.12
N LEU A 111 -2.15 3.59 -4.38
CA LEU A 111 -2.01 2.47 -3.42
C LEU A 111 -1.12 2.87 -2.23
N HIS A 112 -1.69 2.87 -1.02
CA HIS A 112 -0.94 3.05 0.24
C HIS A 112 -0.58 1.69 0.84
N PHE A 113 0.66 1.26 0.63
CA PHE A 113 1.27 0.09 1.25
C PHE A 113 1.96 0.37 2.59
N GLN A 114 1.41 -0.18 3.67
CA GLN A 114 1.91 0.03 5.03
C GLN A 114 2.35 -1.29 5.67
N ARG A 115 3.65 -1.39 5.95
CA ARG A 115 4.30 -2.56 6.57
C ARG A 115 4.41 -2.38 8.08
N MET A 116 3.95 -3.34 8.87
CA MET A 116 3.88 -3.30 10.34
C MET A 116 4.47 -4.59 10.94
N LYS A 117 4.90 -4.56 12.22
CA LYS A 117 5.50 -5.72 12.92
C LYS A 117 4.93 -5.89 14.33
N GLY A 118 4.57 -7.12 14.68
CA GLY A 118 4.03 -7.48 16.01
C GLY A 118 2.58 -7.05 16.25
N GLY A 119 1.90 -6.50 15.24
CA GLY A 119 0.54 -5.99 15.32
C GLY A 119 0.18 -5.06 14.16
N VAL A 120 -0.97 -4.38 14.26
CA VAL A 120 -1.56 -3.56 13.19
C VAL A 120 -1.97 -2.14 13.63
N GLY A 121 -1.40 -1.12 12.99
CA GLY A 121 -1.63 0.30 13.28
C GLY A 121 -0.39 1.18 13.00
N ASN A 122 -0.57 2.50 13.07
CA ASN A 122 0.50 3.50 12.93
C ASN A 122 1.71 3.23 13.84
N ALA A 123 1.48 2.97 15.12
CA ALA A 123 2.49 2.66 16.13
C ALA A 123 3.19 1.29 15.96
N TYR A 124 2.63 0.41 15.12
CA TYR A 124 3.25 -0.84 14.69
C TYR A 124 4.06 -0.73 13.38
N ALA A 125 3.86 0.34 12.61
CA ALA A 125 4.44 0.49 11.29
C ALA A 125 5.97 0.65 11.32
N GLU A 126 6.63 -0.07 10.42
CA GLU A 126 8.08 -0.21 10.36
C GLU A 126 8.73 0.64 9.25
N ASP A 127 8.90 0.06 8.06
CA ASP A 127 9.63 0.61 6.92
C ASP A 127 9.39 -0.19 5.63
N PRO A 128 8.53 0.29 4.71
CA PRO A 128 8.26 -0.40 3.46
C PRO A 128 9.43 -0.33 2.46
N LYS A 129 10.14 0.80 2.33
CA LYS A 129 11.16 0.99 1.29
C LYS A 129 12.28 -0.08 1.24
N PRO A 130 12.98 -0.37 2.36
CA PRO A 130 14.10 -1.33 2.39
C PRO A 130 13.64 -2.77 2.21
N PHE A 131 12.37 -3.05 2.52
CA PHE A 131 11.67 -4.27 2.13
C PHE A 131 11.35 -4.43 0.64
N ILE A 132 10.94 -3.35 -0.03
CA ILE A 132 10.73 -3.34 -1.48
C ILE A 132 12.06 -3.42 -2.24
N ASP A 133 13.10 -2.75 -1.75
CA ASP A 133 14.45 -2.74 -2.35
C ASP A 133 15.16 -4.09 -2.51
N GLN A 134 14.67 -5.13 -1.83
CA GLN A 134 15.25 -6.47 -1.81
C GLN A 134 14.37 -7.51 -2.53
N LEU A 135 13.12 -7.14 -2.85
CA LEU A 135 12.23 -7.91 -3.72
C LEU A 135 12.82 -8.14 -5.13
N PRO A 136 12.41 -9.21 -5.83
CA PRO A 136 12.89 -9.56 -7.17
C PRO A 136 12.77 -8.43 -8.20
N ASP A 137 11.59 -7.82 -8.32
CA ASP A 137 11.30 -6.75 -9.30
C ASP A 137 11.17 -5.36 -8.64
N GLY A 138 11.52 -5.21 -7.35
CA GLY A 138 11.26 -3.97 -6.61
C GLY A 138 9.76 -3.66 -6.48
N GLU A 139 9.38 -2.38 -6.62
CA GLU A 139 7.97 -1.94 -6.50
C GLU A 139 7.06 -2.54 -7.58
N ARG A 140 7.64 -2.97 -8.71
CA ARG A 140 6.94 -3.74 -9.77
C ARG A 140 6.46 -5.11 -9.29
N SER A 141 6.84 -5.55 -8.08
CA SER A 141 6.31 -6.74 -7.41
C SER A 141 5.06 -6.44 -6.57
N LEU A 142 4.60 -5.19 -6.48
CA LEU A 142 3.40 -4.77 -5.76
C LEU A 142 2.29 -4.24 -6.69
N TYR A 143 2.60 -3.91 -7.95
CA TYR A 143 1.61 -3.46 -8.93
C TYR A 143 1.92 -3.92 -10.36
N ASP A 144 0.94 -3.84 -11.27
CA ASP A 144 1.07 -4.29 -12.66
C ASP A 144 0.98 -3.15 -13.70
N LEU A 145 2.11 -2.51 -13.99
CA LEU A 145 2.25 -1.47 -15.03
C LEU A 145 3.22 -1.95 -16.13
ZN ZN B . -0.25 7.14 2.03
N GLY A 1 12.54 29.91 -5.66
CA GLY A 1 11.09 29.95 -5.42
C GLY A 1 10.33 29.24 -6.52
N SER A 2 9.23 29.82 -7.00
CA SER A 2 8.35 29.20 -8.00
C SER A 2 9.03 28.88 -9.35
N LYS A 3 8.49 27.87 -10.05
CA LYS A 3 8.85 27.43 -11.40
C LYS A 3 7.60 26.98 -12.17
N TRP A 4 7.77 26.55 -13.43
CA TRP A 4 6.68 26.05 -14.31
C TRP A 4 6.98 24.70 -14.97
N GLU A 5 8.24 24.26 -14.96
CA GLU A 5 8.66 22.87 -15.19
C GLU A 5 8.09 21.89 -14.14
N ASP A 6 7.92 20.62 -14.50
CA ASP A 6 7.24 19.62 -13.68
C ASP A 6 8.03 19.06 -12.48
N PHE A 7 7.33 18.70 -11.41
CA PHE A 7 7.86 18.02 -10.21
C PHE A 7 8.25 16.53 -10.36
N PHE A 8 9.06 16.24 -11.38
CA PHE A 8 9.49 14.89 -11.76
C PHE A 8 10.00 13.94 -10.65
N ARG A 9 9.64 12.66 -10.75
CA ARG A 9 10.27 11.55 -10.04
C ARG A 9 10.17 10.27 -10.88
N GLY A 10 11.20 9.45 -10.93
CA GLY A 10 11.24 8.23 -11.75
C GLY A 10 10.33 7.12 -11.20
N SER A 11 10.36 6.91 -9.88
CA SER A 11 9.43 6.02 -9.16
C SER A 11 8.03 6.62 -9.01
N ARG A 12 7.05 5.74 -8.80
CA ARG A 12 5.63 6.10 -8.64
C ARG A 12 5.25 6.71 -7.29
N ILE A 13 6.19 6.95 -6.39
CA ILE A 13 5.86 7.39 -5.02
C ILE A 13 5.39 8.86 -4.99
N THR A 14 4.27 9.13 -4.31
CA THR A 14 3.79 10.48 -3.93
C THR A 14 4.19 10.93 -2.51
N GLU A 15 4.24 9.98 -1.58
CA GLU A 15 4.70 10.14 -0.19
C GLU A 15 5.45 8.87 0.25
N THR A 16 6.74 8.99 0.54
CA THR A 16 7.50 7.96 1.29
C THR A 16 7.08 8.04 2.76
N PHE A 17 7.53 7.07 3.56
CA PHE A 17 7.28 6.99 5.00
C PHE A 17 8.06 8.16 5.64
N GLY A 18 7.41 8.90 6.54
CA GLY A 18 7.98 10.12 7.14
C GLY A 18 6.91 11.11 7.59
N LYS A 19 7.07 12.41 7.29
CA LYS A 19 6.13 13.48 7.65
C LYS A 19 5.72 14.33 6.45
N TYR A 20 4.53 14.92 6.50
CA TYR A 20 3.99 15.76 5.45
C TYR A 20 4.60 17.15 5.28
N GLN A 21 4.91 17.54 4.03
CA GLN A 21 5.45 18.86 3.71
C GLN A 21 4.38 19.98 3.72
N HIS A 22 3.10 19.61 3.66
CA HIS A 22 1.97 20.53 3.40
C HIS A 22 1.83 21.68 4.40
N SER A 23 2.25 21.49 5.66
CA SER A 23 2.40 22.55 6.67
C SER A 23 3.37 22.05 7.76
N PRO A 24 3.84 22.89 8.70
CA PRO A 24 4.55 22.40 9.89
C PRO A 24 3.62 21.67 10.89
N PHE A 25 2.31 21.92 10.83
CA PHE A 25 1.32 21.41 11.79
C PHE A 25 0.87 20.00 11.37
N ASP A 26 0.84 19.68 10.07
CA ASP A 26 0.58 18.35 9.52
C ASP A 26 1.58 17.27 9.97
N GLY A 27 1.05 16.10 10.32
CA GLY A 27 1.80 14.99 10.93
C GLY A 27 2.44 13.99 9.96
N LYS A 28 2.34 12.71 10.33
CA LYS A 28 3.13 11.60 9.76
C LYS A 28 2.41 10.74 8.72
N HIS A 29 3.20 10.10 7.87
CA HIS A 29 2.79 9.10 6.88
C HIS A 29 3.39 7.73 7.24
N TYR A 30 2.54 6.75 7.54
CA TYR A 30 2.94 5.43 8.04
C TYR A 30 3.09 4.31 7.00
N GLY A 31 3.32 4.68 5.73
CA GLY A 31 3.39 3.74 4.60
C GLY A 31 4.12 4.32 3.39
N ILE A 32 3.92 3.69 2.23
CA ILE A 32 4.42 4.08 0.92
C ILE A 32 3.22 4.34 -0.01
N ASP A 33 3.22 5.45 -0.75
CA ASP A 33 2.11 5.85 -1.64
C ASP A 33 2.40 5.76 -3.15
N PHE A 34 2.01 4.68 -3.83
CA PHE A 34 2.19 4.51 -5.28
C PHE A 34 1.08 5.13 -6.15
N ALA A 35 1.36 6.22 -6.86
CA ALA A 35 0.45 6.79 -7.87
C ALA A 35 0.17 5.78 -8.99
N LEU A 36 -1.10 5.47 -9.23
CA LEU A 36 -1.51 4.46 -10.22
C LEU A 36 -2.74 4.92 -11.02
N PRO A 37 -2.83 4.53 -12.31
CA PRO A 37 -4.08 4.60 -13.05
C PRO A 37 -5.16 3.74 -12.38
N LYS A 38 -6.39 4.27 -12.30
CA LYS A 38 -7.53 3.60 -11.68
C LYS A 38 -7.81 2.24 -12.31
N GLY A 39 -8.06 1.23 -11.49
CA GLY A 39 -8.29 -0.16 -11.92
C GLY A 39 -7.03 -1.03 -12.03
N THR A 40 -5.81 -0.47 -11.87
CA THR A 40 -4.58 -1.28 -11.78
C THR A 40 -4.65 -2.36 -10.70
N PRO A 41 -4.39 -3.64 -11.02
CA PRO A 41 -4.26 -4.70 -10.02
C PRO A 41 -3.00 -4.54 -9.16
N ILE A 42 -3.17 -4.75 -7.86
CA ILE A 42 -2.13 -4.81 -6.83
C ILE A 42 -1.69 -6.26 -6.68
N LYS A 43 -0.38 -6.52 -6.66
CA LYS A 43 0.22 -7.86 -6.52
C LYS A 43 0.76 -8.04 -5.09
N ALA A 44 0.79 -9.28 -4.60
CA ALA A 44 1.45 -9.60 -3.34
C ALA A 44 2.99 -9.51 -3.47
N PRO A 45 3.71 -8.80 -2.58
CA PRO A 45 5.18 -8.73 -2.58
C PRO A 45 5.85 -10.04 -2.14
N THR A 46 5.20 -10.75 -1.23
CA THR A 46 5.74 -11.90 -0.49
C THR A 46 4.63 -12.93 -0.36
N ASN A 47 5.02 -14.18 -0.18
CA ASN A 47 4.10 -15.27 0.16
C ASN A 47 3.50 -15.05 1.55
N GLY A 48 2.18 -15.13 1.64
CA GLY A 48 1.45 -14.98 2.91
C GLY A 48 0.00 -15.46 2.83
N LYS A 49 -0.88 -14.90 3.66
CA LYS A 49 -2.33 -15.17 3.70
C LYS A 49 -3.06 -13.92 4.22
N VAL A 50 -4.30 -13.69 3.78
CA VAL A 50 -5.18 -12.65 4.35
C VAL A 50 -5.57 -12.90 5.81
N THR A 51 -5.53 -11.87 6.65
CA THR A 51 -5.99 -11.91 8.05
C THR A 51 -7.32 -11.16 8.24
N ARG A 52 -7.47 -10.03 7.54
CA ARG A 52 -8.55 -9.07 7.78
C ARG A 52 -8.91 -8.32 6.50
N ILE A 53 -10.20 -8.05 6.30
CA ILE A 53 -10.74 -7.30 5.14
C ILE A 53 -11.85 -6.37 5.66
N PHE A 54 -11.74 -5.07 5.41
CA PHE A 54 -12.68 -4.07 5.93
C PHE A 54 -12.65 -2.75 5.17
N ASN A 55 -13.62 -1.88 5.44
CA ASN A 55 -13.65 -0.49 4.99
C ASN A 55 -13.25 0.48 6.13
N ASN A 56 -12.54 1.56 5.78
CA ASN A 56 -12.24 2.70 6.65
C ASN A 56 -13.09 3.92 6.23
N GLU A 57 -13.60 4.69 7.18
CA GLU A 57 -14.54 5.79 6.88
C GLU A 57 -13.90 6.97 6.12
N LEU A 58 -12.60 7.19 6.28
CA LEU A 58 -11.80 8.15 5.50
C LEU A 58 -11.23 7.48 4.24
N GLY A 59 -10.62 6.31 4.44
CA GLY A 59 -9.68 5.68 3.51
C GLY A 59 -10.29 4.77 2.45
N GLY A 60 -11.59 4.51 2.48
CA GLY A 60 -12.24 3.57 1.57
C GLY A 60 -11.92 2.11 1.94
N LYS A 61 -11.86 1.22 0.95
CA LYS A 61 -11.53 -0.19 1.20
C LYS A 61 -10.10 -0.41 1.69
N VAL A 62 -9.97 -1.40 2.58
CA VAL A 62 -8.71 -1.93 3.11
C VAL A 62 -8.62 -3.46 2.98
N LEU A 63 -7.45 -3.94 2.56
CA LEU A 63 -7.03 -5.35 2.63
C LEU A 63 -5.88 -5.49 3.64
N GLN A 64 -5.93 -6.53 4.49
CA GLN A 64 -4.90 -6.84 5.48
C GLN A 64 -4.32 -8.25 5.27
N ILE A 65 -3.01 -8.34 5.09
CA ILE A 65 -2.26 -9.58 4.85
C ILE A 65 -1.21 -9.81 5.94
N ALA A 66 -1.01 -11.08 6.30
CA ALA A 66 0.08 -11.56 7.15
C ALA A 66 1.08 -12.38 6.31
N GLU A 67 2.37 -12.25 6.58
CA GLU A 67 3.45 -13.01 5.89
C GLU A 67 3.55 -14.50 6.28
N ASP A 68 2.42 -15.11 6.68
CA ASP A 68 2.31 -16.42 7.36
C ASP A 68 3.01 -16.57 8.73
N ASN A 69 4.13 -15.87 8.97
CA ASN A 69 4.74 -15.70 10.29
C ASN A 69 3.82 -14.95 11.28
N GLY A 70 3.08 -13.96 10.79
CA GLY A 70 2.23 -13.10 11.63
C GLY A 70 2.98 -12.11 12.52
N GLU A 71 4.31 -11.97 12.38
CA GLU A 71 5.05 -10.85 12.97
C GLU A 71 4.88 -9.65 12.04
N TYR A 72 5.06 -9.88 10.74
CA TYR A 72 4.77 -8.93 9.69
C TYR A 72 3.35 -8.89 9.14
N HIS A 73 2.78 -7.69 9.16
CA HIS A 73 1.48 -7.36 8.60
C HIS A 73 1.59 -6.28 7.53
N GLN A 74 0.78 -6.43 6.51
CA GLN A 74 0.67 -5.53 5.37
C GLN A 74 -0.75 -4.97 5.32
N TRP A 75 -0.89 -3.64 5.34
CA TRP A 75 -2.12 -2.95 4.91
C TRP A 75 -2.05 -2.47 3.47
N TYR A 76 -3.19 -2.48 2.79
CA TYR A 76 -3.43 -2.04 1.43
C TYR A 76 -4.65 -1.11 1.38
N LEU A 77 -4.42 0.19 1.24
CA LEU A 77 -5.46 1.23 1.28
C LEU A 77 -5.76 1.79 -0.12
N HIS A 78 -6.97 2.34 -0.26
CA HIS A 78 -7.53 2.94 -1.47
C HIS A 78 -7.67 1.92 -2.62
N LEU A 79 -8.47 0.90 -2.34
CA LEU A 79 -8.85 -0.18 -3.26
C LEU A 79 -10.26 0.06 -3.85
N ASP A 80 -10.45 -0.34 -5.11
CA ASP A 80 -11.77 -0.36 -5.79
C ASP A 80 -12.43 -1.73 -5.54
N LYS A 81 -11.63 -2.81 -5.64
CA LYS A 81 -12.08 -4.21 -5.59
C LYS A 81 -11.07 -5.15 -4.95
N TYR A 82 -11.57 -6.23 -4.35
CA TYR A 82 -10.78 -7.32 -3.78
C TYR A 82 -10.68 -8.52 -4.75
N ASN A 83 -9.51 -9.16 -4.80
CA ASN A 83 -9.28 -10.41 -5.54
C ASN A 83 -9.23 -11.64 -4.60
N VAL A 84 -8.96 -11.44 -3.30
CA VAL A 84 -8.90 -12.47 -2.24
C VAL A 84 -10.03 -12.29 -1.22
N LYS A 85 -10.22 -13.30 -0.35
CA LYS A 85 -11.07 -13.26 0.85
C LYS A 85 -10.22 -13.38 2.13
N VAL A 86 -10.79 -13.20 3.31
CA VAL A 86 -10.12 -13.44 4.59
C VAL A 86 -9.70 -14.90 4.66
N GLY A 87 -8.48 -15.13 5.14
CA GLY A 87 -7.89 -16.45 5.34
C GLY A 87 -7.33 -17.10 4.06
N ASP A 88 -7.23 -16.34 2.97
CA ASP A 88 -6.92 -16.87 1.63
C ASP A 88 -5.40 -16.76 1.46
N ARG A 89 -4.79 -17.87 1.05
CA ARG A 89 -3.35 -17.96 0.79
C ARG A 89 -2.94 -17.21 -0.48
N VAL A 90 -1.81 -16.51 -0.41
CA VAL A 90 -1.23 -15.73 -1.48
C VAL A 90 0.26 -16.04 -1.64
N LYS A 91 0.79 -15.71 -2.82
CA LYS A 91 2.14 -16.00 -3.28
C LYS A 91 2.71 -14.77 -3.97
N ALA A 92 3.99 -14.48 -3.74
CA ALA A 92 4.73 -13.36 -4.29
C ALA A 92 4.56 -13.23 -5.81
N GLY A 93 3.90 -12.15 -6.24
CA GLY A 93 3.63 -11.85 -7.64
C GLY A 93 2.22 -12.24 -8.14
N ASP A 94 1.29 -12.65 -7.26
CA ASP A 94 -0.14 -12.87 -7.55
C ASP A 94 -1.04 -11.67 -7.25
N ILE A 95 -2.11 -11.44 -8.02
CA ILE A 95 -3.07 -10.34 -7.77
C ILE A 95 -3.94 -10.60 -6.53
N ILE A 96 -4.05 -9.57 -5.69
CA ILE A 96 -4.80 -9.58 -4.42
C ILE A 96 -5.94 -8.56 -4.38
N ALA A 97 -5.89 -7.50 -5.18
CA ALA A 97 -6.89 -6.42 -5.23
C ALA A 97 -6.63 -5.48 -6.43
N TYR A 98 -7.41 -4.40 -6.58
CA TYR A 98 -7.22 -3.38 -7.62
C TYR A 98 -7.39 -2.01 -6.96
N SER A 99 -6.52 -1.03 -7.24
CA SER A 99 -6.59 0.31 -6.64
C SER A 99 -7.62 1.22 -7.34
N GLY A 100 -8.29 2.04 -6.53
CA GLY A 100 -9.31 2.99 -6.96
C GLY A 100 -9.38 4.21 -6.03
N ASN A 101 -9.82 5.36 -6.53
CA ASN A 101 -9.90 6.63 -5.78
C ASN A 101 -11.05 6.68 -4.73
N THR A 102 -11.55 5.51 -4.30
CA THR A 102 -12.70 5.32 -3.39
C THR A 102 -12.57 6.08 -2.07
N GLY A 103 -11.35 6.23 -1.55
CA GLY A 103 -11.06 6.90 -0.27
C GLY A 103 -10.11 8.10 -0.38
N ILE A 104 -10.05 8.77 -1.53
CA ILE A 104 -9.18 9.94 -1.78
C ILE A 104 -10.05 11.16 -2.11
N GLN A 105 -9.60 12.37 -1.72
CA GLN A 105 -10.38 13.61 -1.85
C GLN A 105 -10.30 14.24 -3.25
N THR A 106 -9.88 13.46 -4.24
CA THR A 106 -9.80 13.73 -5.68
C THR A 106 -10.06 12.46 -6.52
N THR A 107 -10.02 12.57 -7.86
CA THR A 107 -9.96 11.42 -8.78
C THR A 107 -8.62 10.67 -8.90
N GLY A 108 -7.55 11.19 -8.28
CA GLY A 108 -6.18 10.71 -8.42
C GLY A 108 -5.84 9.56 -7.48
N ALA A 109 -5.98 8.32 -7.95
CA ALA A 109 -5.74 7.11 -7.16
C ALA A 109 -4.25 6.87 -6.84
N HIS A 110 -3.99 6.29 -5.66
CA HIS A 110 -2.70 5.74 -5.27
C HIS A 110 -2.87 4.54 -4.33
N LEU A 111 -1.98 3.54 -4.42
CA LEU A 111 -1.91 2.43 -3.47
C LEU A 111 -1.07 2.83 -2.26
N HIS A 112 -1.70 2.88 -1.08
CA HIS A 112 -1.01 3.07 0.21
C HIS A 112 -0.64 1.71 0.81
N PHE A 113 0.62 1.29 0.63
CA PHE A 113 1.21 0.12 1.26
C PHE A 113 1.85 0.39 2.63
N GLN A 114 1.26 -0.12 3.72
CA GLN A 114 1.75 0.08 5.08
C GLN A 114 2.24 -1.24 5.70
N ARG A 115 3.54 -1.32 5.98
CA ARG A 115 4.23 -2.48 6.56
C ARG A 115 4.40 -2.30 8.08
N MET A 116 3.84 -3.23 8.85
CA MET A 116 3.76 -3.22 10.31
C MET A 116 4.39 -4.48 10.91
N LYS A 117 4.90 -4.37 12.15
CA LYS A 117 5.62 -5.45 12.85
C LYS A 117 5.09 -5.64 14.29
N GLY A 118 4.83 -6.88 14.69
CA GLY A 118 4.37 -7.27 16.03
C GLY A 118 2.92 -6.89 16.39
N GLY A 119 2.17 -6.31 15.46
CA GLY A 119 0.79 -5.85 15.61
C GLY A 119 0.30 -5.07 14.40
N VAL A 120 -0.92 -4.51 14.46
CA VAL A 120 -1.58 -3.82 13.35
C VAL A 120 -2.15 -2.44 13.72
N GLY A 121 -1.54 -1.38 13.18
CA GLY A 121 -1.85 0.04 13.45
C GLY A 121 -0.73 0.99 12.99
N ASN A 122 -0.95 2.30 13.02
CA ASN A 122 0.09 3.30 12.67
C ASN A 122 1.35 3.21 13.54
N ALA A 123 1.21 3.07 14.87
CA ALA A 123 2.34 2.88 15.78
C ALA A 123 2.96 1.47 15.72
N TYR A 124 2.42 0.57 14.90
CA TYR A 124 3.07 -0.69 14.51
C TYR A 124 3.88 -0.63 13.22
N ALA A 125 3.65 0.39 12.40
CA ALA A 125 4.36 0.60 11.13
C ALA A 125 5.85 0.88 11.36
N GLU A 126 6.72 0.40 10.46
CA GLU A 126 8.18 0.49 10.63
C GLU A 126 8.90 1.12 9.43
N ASP A 127 9.06 0.38 8.33
CA ASP A 127 9.71 0.83 7.10
C ASP A 127 9.45 -0.04 5.86
N PRO A 128 8.68 0.43 4.88
CA PRO A 128 8.45 -0.30 3.64
C PRO A 128 9.57 -0.18 2.61
N LYS A 129 10.35 0.91 2.56
CA LYS A 129 11.40 1.08 1.53
C LYS A 129 12.40 -0.09 1.45
N PRO A 130 13.09 -0.47 2.54
CA PRO A 130 14.12 -1.52 2.55
C PRO A 130 13.54 -2.91 2.25
N PHE A 131 12.24 -3.09 2.47
CA PHE A 131 11.47 -4.26 2.07
C PHE A 131 11.14 -4.39 0.58
N ILE A 132 10.81 -3.27 -0.08
CA ILE A 132 10.64 -3.23 -1.54
C ILE A 132 12.00 -3.33 -2.24
N ASP A 133 13.06 -2.82 -1.61
CA ASP A 133 14.45 -2.80 -2.12
C ASP A 133 15.09 -4.17 -2.41
N GLN A 134 14.43 -5.26 -1.99
CA GLN A 134 14.84 -6.66 -2.18
C GLN A 134 13.93 -7.46 -3.13
N LEU A 135 12.78 -6.89 -3.53
CA LEU A 135 11.73 -7.62 -4.26
C LEU A 135 12.14 -7.98 -5.71
N PRO A 136 11.60 -9.08 -6.28
CA PRO A 136 11.97 -9.61 -7.60
C PRO A 136 11.97 -8.59 -8.73
N ASP A 137 10.95 -7.72 -8.74
CA ASP A 137 10.82 -6.60 -9.70
C ASP A 137 10.79 -5.24 -8.99
N GLY A 138 11.23 -5.17 -7.73
CA GLY A 138 11.19 -3.97 -6.90
C GLY A 138 9.77 -3.49 -6.63
N GLU A 139 9.50 -2.20 -6.80
CA GLU A 139 8.13 -1.65 -6.63
C GLU A 139 7.13 -2.27 -7.63
N ARG A 140 7.59 -2.76 -8.78
CA ARG A 140 6.75 -3.46 -9.77
C ARG A 140 6.28 -4.85 -9.29
N SER A 141 6.76 -5.34 -8.14
CA SER A 141 6.20 -6.51 -7.46
C SER A 141 4.96 -6.19 -6.61
N LEU A 142 4.57 -4.91 -6.49
CA LEU A 142 3.38 -4.46 -5.76
C LEU A 142 2.21 -4.12 -6.70
N TYR A 143 2.44 -3.90 -8.00
CA TYR A 143 1.41 -3.48 -8.97
C TYR A 143 1.59 -4.08 -10.38
N ASP A 144 0.55 -4.04 -11.24
CA ASP A 144 0.63 -4.48 -12.64
C ASP A 144 0.61 -3.31 -13.65
N LEU A 145 1.80 -2.79 -13.97
CA LEU A 145 1.99 -1.76 -15.03
C LEU A 145 2.87 -2.33 -16.15
ZN ZN B . -0.32 7.12 1.98
N GLY A 1 -1.52 21.62 -8.24
CA GLY A 1 -1.88 20.69 -7.15
C GLY A 1 -0.64 20.09 -6.53
N SER A 2 -0.78 19.43 -5.39
CA SER A 2 0.34 18.93 -4.58
C SER A 2 1.01 17.71 -5.23
N LYS A 3 0.21 16.82 -5.83
CA LYS A 3 0.67 15.65 -6.61
C LYS A 3 1.43 16.06 -7.88
N TRP A 4 2.05 15.07 -8.53
CA TRP A 4 2.74 15.19 -9.82
C TRP A 4 3.95 16.15 -9.85
N GLU A 5 4.49 16.54 -8.70
CA GLU A 5 5.61 17.49 -8.61
C GLU A 5 6.91 16.95 -9.25
N ASP A 6 7.23 15.66 -9.03
CA ASP A 6 8.42 15.00 -9.57
C ASP A 6 8.22 14.44 -10.98
N PHE A 7 9.05 14.85 -11.94
CA PHE A 7 9.01 14.37 -13.33
C PHE A 7 9.28 12.87 -13.55
N PHE A 8 8.62 12.24 -14.52
CA PHE A 8 8.74 10.81 -14.76
C PHE A 8 10.08 10.29 -15.36
N ARG A 9 10.55 9.15 -14.84
CA ARG A 9 11.77 8.44 -15.25
C ARG A 9 11.71 6.91 -15.05
N GLY A 10 10.91 6.44 -14.08
CA GLY A 10 10.66 5.02 -13.80
C GLY A 10 9.67 4.79 -12.64
N SER A 11 10.09 5.10 -11.41
CA SER A 11 9.32 4.88 -10.17
C SER A 11 8.08 5.77 -10.00
N ARG A 12 7.10 5.29 -9.23
CA ARG A 12 5.75 5.88 -9.11
C ARG A 12 5.36 6.44 -7.73
N ILE A 13 6.30 6.65 -6.80
CA ILE A 13 5.90 7.11 -5.44
C ILE A 13 5.34 8.56 -5.45
N THR A 14 4.20 8.80 -4.79
CA THR A 14 3.63 10.13 -4.49
C THR A 14 4.00 10.72 -3.13
N GLU A 15 3.93 9.91 -2.08
CA GLU A 15 4.30 10.25 -0.71
C GLU A 15 5.04 9.09 -0.02
N THR A 16 6.13 9.45 0.67
CA THR A 16 7.00 8.56 1.46
C THR A 16 6.68 8.59 2.97
N PHE A 17 7.40 7.79 3.77
CA PHE A 17 7.06 7.50 5.17
C PHE A 17 7.52 8.63 6.11
N GLY A 18 6.66 9.06 7.04
CA GLY A 18 6.99 9.96 8.16
C GLY A 18 6.17 11.26 8.22
N LYS A 19 6.71 12.30 8.87
CA LYS A 19 6.05 13.60 9.08
C LYS A 19 5.70 14.33 7.77
N TYR A 20 4.76 15.27 7.85
CA TYR A 20 4.41 16.17 6.73
C TYR A 20 4.17 17.65 7.08
N GLN A 21 4.31 18.55 6.10
CA GLN A 21 3.99 19.98 6.16
C GLN A 21 4.90 20.84 7.08
N HIS A 22 6.20 20.54 7.13
CA HIS A 22 7.27 21.43 7.65
C HIS A 22 7.09 21.88 9.13
N SER A 23 6.54 21.02 9.99
CA SER A 23 5.97 21.35 11.31
C SER A 23 6.30 20.33 12.43
N PRO A 24 6.08 20.63 13.72
CA PRO A 24 6.37 19.71 14.83
C PRO A 24 5.20 18.78 15.24
N PHE A 25 3.98 18.98 14.70
CA PHE A 25 2.75 18.36 15.20
C PHE A 25 2.68 16.87 14.81
N ASP A 26 1.80 16.10 15.47
CA ASP A 26 1.66 14.63 15.33
C ASP A 26 1.39 14.04 13.93
N GLY A 27 0.98 14.86 12.96
CA GLY A 27 0.66 14.44 11.59
C GLY A 27 1.77 13.64 10.89
N LYS A 28 1.50 12.37 10.56
CA LYS A 28 2.44 11.41 9.97
C LYS A 28 1.76 10.46 8.96
N HIS A 29 2.46 10.18 7.87
CA HIS A 29 2.08 9.20 6.84
C HIS A 29 2.86 7.89 7.01
N TYR A 30 2.19 6.80 7.40
CA TYR A 30 2.84 5.57 7.87
C TYR A 30 3.15 4.50 6.81
N GLY A 31 3.35 4.91 5.54
CA GLY A 31 3.49 3.97 4.42
C GLY A 31 4.13 4.57 3.16
N ILE A 32 4.02 3.83 2.07
CA ILE A 32 4.45 4.20 0.71
C ILE A 32 3.19 4.36 -0.18
N ASP A 33 3.14 5.40 -0.99
CA ASP A 33 2.03 5.66 -1.94
C ASP A 33 2.40 5.56 -3.43
N PHE A 34 1.84 4.62 -4.19
CA PHE A 34 2.09 4.43 -5.63
C PHE A 34 1.05 5.04 -6.57
N ALA A 35 1.40 6.02 -7.42
CA ALA A 35 0.51 6.62 -8.42
C ALA A 35 0.05 5.58 -9.46
N LEU A 36 -1.24 5.23 -9.48
CA LEU A 36 -1.77 4.16 -10.33
C LEU A 36 -3.13 4.54 -10.95
N PRO A 37 -3.36 4.17 -12.23
CA PRO A 37 -4.67 4.27 -12.87
C PRO A 37 -5.68 3.31 -12.21
N LYS A 38 -6.92 3.78 -12.02
CA LYS A 38 -8.03 3.02 -11.43
C LYS A 38 -8.20 1.69 -12.18
N GLY A 39 -8.26 0.58 -11.44
CA GLY A 39 -8.37 -0.77 -12.00
C GLY A 39 -7.04 -1.50 -12.27
N THR A 40 -5.87 -0.86 -12.09
CA THR A 40 -4.60 -1.60 -11.98
C THR A 40 -4.65 -2.69 -10.89
N PRO A 41 -4.34 -3.96 -11.22
CA PRO A 41 -4.24 -5.00 -10.22
C PRO A 41 -2.99 -4.83 -9.34
N ILE A 42 -3.20 -4.94 -8.03
CA ILE A 42 -2.16 -4.98 -7.00
C ILE A 42 -1.73 -6.44 -6.80
N LYS A 43 -0.41 -6.68 -6.83
CA LYS A 43 0.20 -8.02 -6.71
C LYS A 43 0.77 -8.19 -5.30
N ALA A 44 0.78 -9.41 -4.78
CA ALA A 44 1.39 -9.72 -3.49
C ALA A 44 2.93 -9.57 -3.57
N PRO A 45 3.60 -8.79 -2.69
CA PRO A 45 5.07 -8.69 -2.65
C PRO A 45 5.73 -9.98 -2.13
N THR A 46 5.09 -10.59 -1.13
CA THR A 46 5.52 -11.81 -0.43
C THR A 46 4.44 -12.88 -0.44
N ASN A 47 4.81 -14.12 -0.18
CA ASN A 47 3.85 -15.17 0.16
C ASN A 47 3.28 -14.85 1.55
N GLY A 48 1.97 -14.97 1.72
CA GLY A 48 1.30 -14.66 3.00
C GLY A 48 -0.13 -15.21 3.09
N LYS A 49 -0.95 -14.67 4.00
CA LYS A 49 -2.39 -14.98 4.10
C LYS A 49 -3.21 -13.80 4.62
N VAL A 50 -4.44 -13.64 4.14
CA VAL A 50 -5.35 -12.55 4.55
C VAL A 50 -5.88 -12.66 5.99
N THR A 51 -5.69 -11.59 6.77
CA THR A 51 -6.11 -11.47 8.18
C THR A 51 -7.44 -10.76 8.41
N ARG A 52 -7.67 -9.69 7.63
CA ARG A 52 -8.83 -8.79 7.75
C ARG A 52 -9.09 -8.10 6.42
N ILE A 53 -10.36 -7.84 6.10
CA ILE A 53 -10.79 -7.09 4.91
C ILE A 53 -11.93 -6.14 5.33
N PHE A 54 -11.79 -4.84 5.05
CA PHE A 54 -12.72 -3.80 5.55
C PHE A 54 -12.71 -2.49 4.73
N ASN A 55 -13.46 -1.47 5.17
CA ASN A 55 -13.44 -0.11 4.62
C ASN A 55 -13.65 0.94 5.73
N ASN A 56 -12.96 2.08 5.65
CA ASN A 56 -13.02 3.18 6.64
C ASN A 56 -13.36 4.54 6.01
N GLU A 57 -13.65 5.55 6.84
CA GLU A 57 -14.29 6.82 6.48
C GLU A 57 -13.49 7.77 5.56
N LEU A 58 -12.15 7.67 5.54
CA LEU A 58 -11.27 8.39 4.59
C LEU A 58 -10.07 7.55 4.10
N GLY A 59 -9.78 6.42 4.75
CA GLY A 59 -8.82 5.40 4.27
C GLY A 59 -9.33 4.56 3.09
N GLY A 60 -10.60 4.70 2.71
CA GLY A 60 -11.21 3.94 1.62
C GLY A 60 -11.40 2.46 1.97
N LYS A 61 -11.38 1.60 0.94
CA LYS A 61 -11.28 0.15 1.11
C LYS A 61 -9.88 -0.28 1.53
N VAL A 62 -9.81 -1.34 2.33
CA VAL A 62 -8.58 -1.90 2.90
C VAL A 62 -8.46 -3.43 2.84
N LEU A 63 -7.27 -3.91 2.52
CA LEU A 63 -6.84 -5.31 2.66
C LEU A 63 -5.79 -5.42 3.77
N GLN A 64 -5.90 -6.43 4.64
CA GLN A 64 -4.83 -6.80 5.58
C GLN A 64 -4.26 -8.19 5.28
N ILE A 65 -2.95 -8.28 5.09
CA ILE A 65 -2.21 -9.56 4.92
C ILE A 65 -1.18 -9.76 6.03
N ALA A 66 -1.01 -11.02 6.46
CA ALA A 66 0.05 -11.50 7.34
C ALA A 66 1.16 -12.19 6.53
N GLU A 67 2.43 -11.94 6.89
CA GLU A 67 3.58 -12.55 6.22
C GLU A 67 3.90 -13.98 6.69
N ASP A 68 4.36 -14.82 5.75
CA ASP A 68 5.08 -16.08 6.01
C ASP A 68 6.40 -15.92 6.82
N ASN A 69 6.88 -14.68 6.98
CA ASN A 69 7.93 -14.33 7.95
C ASN A 69 7.50 -14.45 9.43
N GLY A 70 6.20 -14.55 9.73
CA GLY A 70 5.67 -14.96 11.05
C GLY A 70 5.46 -13.83 12.07
N GLU A 71 5.79 -12.59 11.71
CA GLU A 71 5.77 -11.44 12.64
C GLU A 71 5.51 -10.06 12.03
N TYR A 72 5.27 -10.07 10.72
CA TYR A 72 4.92 -8.92 9.90
C TYR A 72 3.49 -8.88 9.35
N HIS A 73 2.95 -7.66 9.14
CA HIS A 73 1.65 -7.36 8.54
C HIS A 73 1.78 -6.34 7.41
N GLN A 74 0.78 -6.32 6.53
CA GLN A 74 0.74 -5.58 5.27
C GLN A 74 -0.65 -5.00 5.01
N TRP A 75 -0.80 -3.68 5.22
CA TRP A 75 -2.01 -2.95 4.85
C TRP A 75 -1.95 -2.45 3.39
N TYR A 76 -3.08 -2.48 2.69
CA TYR A 76 -3.28 -1.93 1.37
C TYR A 76 -4.54 -1.05 1.41
N LEU A 77 -4.36 0.26 1.57
CA LEU A 77 -5.46 1.25 1.53
C LEU A 77 -5.66 1.75 0.09
N HIS A 78 -6.88 2.21 -0.20
CA HIS A 78 -7.32 2.76 -1.51
C HIS A 78 -7.41 1.70 -2.63
N LEU A 79 -8.32 0.75 -2.39
CA LEU A 79 -8.73 -0.28 -3.34
C LEU A 79 -10.11 0.03 -3.97
N ASP A 80 -10.37 -0.49 -5.16
CA ASP A 80 -11.63 -0.33 -5.92
C ASP A 80 -12.47 -1.59 -5.67
N LYS A 81 -11.80 -2.75 -5.72
CA LYS A 81 -12.33 -4.09 -5.62
C LYS A 81 -11.22 -5.10 -5.30
N TYR A 82 -11.60 -6.25 -4.75
CA TYR A 82 -10.71 -7.31 -4.29
C TYR A 82 -10.53 -8.46 -5.29
N ASN A 83 -9.49 -9.27 -5.10
CA ASN A 83 -9.25 -10.53 -5.83
C ASN A 83 -9.10 -11.75 -4.89
N VAL A 84 -9.01 -11.51 -3.57
CA VAL A 84 -8.93 -12.53 -2.49
C VAL A 84 -9.89 -12.20 -1.34
N LYS A 85 -10.09 -13.16 -0.44
CA LYS A 85 -10.94 -13.07 0.76
C LYS A 85 -10.14 -13.32 2.04
N VAL A 86 -10.72 -13.00 3.19
CA VAL A 86 -10.14 -13.31 4.50
C VAL A 86 -9.91 -14.82 4.57
N GLY A 87 -8.71 -15.20 5.01
CA GLY A 87 -8.27 -16.59 5.13
C GLY A 87 -7.61 -17.18 3.89
N ASP A 88 -7.35 -16.38 2.85
CA ASP A 88 -6.70 -16.83 1.62
C ASP A 88 -5.19 -16.79 1.72
N ARG A 89 -4.54 -17.95 1.67
CA ARG A 89 -3.10 -18.03 1.42
C ARG A 89 -2.77 -17.54 0.01
N VAL A 90 -1.74 -16.72 -0.10
CA VAL A 90 -1.27 -16.06 -1.32
C VAL A 90 0.22 -16.33 -1.54
N LYS A 91 0.67 -16.08 -2.77
CA LYS A 91 2.05 -16.26 -3.22
C LYS A 91 2.51 -15.03 -3.99
N ALA A 92 3.75 -14.62 -3.78
CA ALA A 92 4.35 -13.44 -4.39
C ALA A 92 4.14 -13.34 -5.91
N GLY A 93 3.62 -12.19 -6.34
CA GLY A 93 3.31 -11.86 -7.73
C GLY A 93 1.87 -12.17 -8.16
N ASP A 94 1.07 -12.80 -7.30
CA ASP A 94 -0.34 -13.07 -7.53
C ASP A 94 -1.22 -11.85 -7.26
N ILE A 95 -2.27 -11.61 -8.06
CA ILE A 95 -3.19 -10.49 -7.84
C ILE A 95 -4.06 -10.69 -6.61
N ILE A 96 -4.11 -9.68 -5.73
CA ILE A 96 -4.90 -9.69 -4.49
C ILE A 96 -6.05 -8.67 -4.49
N ALA A 97 -5.98 -7.65 -5.33
CA ALA A 97 -6.98 -6.57 -5.42
C ALA A 97 -6.69 -5.67 -6.63
N TYR A 98 -7.48 -4.61 -6.81
CA TYR A 98 -7.31 -3.59 -7.84
C TYR A 98 -7.44 -2.23 -7.14
N SER A 99 -6.54 -1.27 -7.43
CA SER A 99 -6.54 0.04 -6.76
C SER A 99 -7.61 1.00 -7.29
N GLY A 100 -8.16 1.83 -6.39
CA GLY A 100 -9.23 2.79 -6.66
C GLY A 100 -9.23 3.93 -5.64
N ASN A 101 -9.73 5.11 -6.01
CA ASN A 101 -9.66 6.35 -5.23
C ASN A 101 -10.68 6.43 -4.06
N THR A 102 -11.11 5.28 -3.52
CA THR A 102 -12.04 5.20 -2.39
C THR A 102 -11.45 5.92 -1.16
N GLY A 103 -12.30 6.63 -0.41
CA GLY A 103 -11.91 7.55 0.67
C GLY A 103 -11.39 8.92 0.21
N ILE A 104 -10.63 8.97 -0.88
CA ILE A 104 -9.95 10.17 -1.38
C ILE A 104 -10.93 11.16 -2.05
N GLN A 105 -10.65 12.45 -1.88
CA GLN A 105 -11.26 13.59 -2.60
C GLN A 105 -10.70 13.68 -4.05
N THR A 106 -10.59 14.88 -4.64
CA THR A 106 -10.21 15.16 -6.05
C THR A 106 -8.83 14.71 -6.56
N THR A 107 -8.08 14.00 -5.73
CA THR A 107 -6.66 13.64 -5.89
C THR A 107 -6.30 12.54 -6.90
N GLY A 108 -7.24 11.68 -7.29
CA GLY A 108 -6.99 10.45 -8.05
C GLY A 108 -6.35 9.33 -7.20
N ALA A 109 -6.39 8.09 -7.69
CA ALA A 109 -5.97 6.92 -6.93
C ALA A 109 -4.45 6.79 -6.73
N HIS A 110 -4.06 6.18 -5.61
CA HIS A 110 -2.73 5.62 -5.39
C HIS A 110 -2.82 4.42 -4.44
N LEU A 111 -1.97 3.40 -4.62
CA LEU A 111 -1.90 2.28 -3.68
C LEU A 111 -1.07 2.68 -2.45
N HIS A 112 -1.69 2.73 -1.27
CA HIS A 112 -1.02 2.96 0.01
C HIS A 112 -0.63 1.63 0.64
N PHE A 113 0.64 1.25 0.50
CA PHE A 113 1.26 0.10 1.16
C PHE A 113 1.95 0.42 2.48
N GLN A 114 1.45 -0.15 3.57
CA GLN A 114 1.96 0.05 4.93
C GLN A 114 2.37 -1.29 5.58
N ARG A 115 3.68 -1.46 5.80
CA ARG A 115 4.26 -2.66 6.44
C ARG A 115 4.43 -2.43 7.94
N MET A 116 3.94 -3.36 8.74
CA MET A 116 3.88 -3.28 10.21
C MET A 116 4.52 -4.52 10.85
N LYS A 117 5.08 -4.37 12.06
CA LYS A 117 5.77 -5.45 12.81
C LYS A 117 5.08 -5.69 14.15
N GLY A 118 4.87 -6.96 14.52
CA GLY A 118 4.32 -7.42 15.80
C GLY A 118 2.82 -7.17 16.03
N GLY A 119 2.18 -6.32 15.24
CA GLY A 119 0.75 -5.97 15.32
C GLY A 119 0.32 -5.05 14.19
N VAL A 120 -0.90 -4.50 14.29
CA VAL A 120 -1.55 -3.67 13.28
C VAL A 120 -1.95 -2.29 13.80
N GLY A 121 -1.60 -1.23 13.05
CA GLY A 121 -1.80 0.17 13.40
C GLY A 121 -0.61 1.04 13.00
N ASN A 122 -0.79 2.36 13.00
CA ASN A 122 0.28 3.31 12.66
C ASN A 122 1.52 3.17 13.56
N ALA A 123 1.35 3.02 14.88
CA ALA A 123 2.45 2.78 15.83
C ALA A 123 3.19 1.44 15.63
N TYR A 124 2.63 0.52 14.84
CA TYR A 124 3.27 -0.75 14.46
C TYR A 124 4.04 -0.68 13.13
N ALA A 125 3.81 0.36 12.33
CA ALA A 125 4.46 0.58 11.04
C ALA A 125 5.98 0.79 11.17
N GLU A 126 6.75 0.17 10.25
CA GLU A 126 8.22 0.14 10.29
C GLU A 126 8.87 1.13 9.32
N ASP A 127 9.15 0.67 8.10
CA ASP A 127 9.69 1.37 6.93
C ASP A 127 9.61 0.48 5.68
N PRO A 128 8.71 0.78 4.72
CA PRO A 128 8.54 -0.05 3.53
C PRO A 128 9.66 0.09 2.49
N LYS A 129 10.41 1.21 2.45
CA LYS A 129 11.51 1.40 1.47
C LYS A 129 12.55 0.26 1.43
N PRO A 130 13.16 -0.14 2.56
CA PRO A 130 14.17 -1.22 2.61
C PRO A 130 13.56 -2.60 2.34
N PHE A 131 12.25 -2.76 2.49
CA PHE A 131 11.50 -3.93 2.05
C PHE A 131 11.34 -4.07 0.53
N ILE A 132 10.95 -3.00 -0.16
CA ILE A 132 10.87 -2.97 -1.63
C ILE A 132 12.26 -3.07 -2.29
N ASP A 133 13.30 -2.66 -1.57
CA ASP A 133 14.70 -2.83 -1.97
C ASP A 133 15.16 -4.31 -2.08
N GLN A 134 14.43 -5.26 -1.47
CA GLN A 134 14.77 -6.69 -1.49
C GLN A 134 13.81 -7.54 -2.33
N LEU A 135 12.73 -6.96 -2.83
CA LEU A 135 11.71 -7.63 -3.65
C LEU A 135 12.23 -8.00 -5.06
N PRO A 136 11.75 -9.11 -5.66
CA PRO A 136 12.36 -9.71 -6.85
C PRO A 136 12.24 -8.86 -8.12
N ASP A 137 11.19 -8.02 -8.22
CA ASP A 137 10.98 -7.03 -9.29
C ASP A 137 11.07 -5.55 -8.88
N GLY A 138 11.38 -5.30 -7.60
CA GLY A 138 11.22 -3.98 -6.96
C GLY A 138 9.75 -3.61 -6.74
N GLU A 139 9.40 -2.33 -6.88
CA GLU A 139 8.00 -1.85 -6.69
C GLU A 139 7.02 -2.49 -7.69
N ARG A 140 7.54 -2.95 -8.84
CA ARG A 140 6.79 -3.66 -9.87
C ARG A 140 6.27 -5.03 -9.39
N SER A 141 6.70 -5.49 -8.21
CA SER A 141 6.18 -6.68 -7.53
C SER A 141 4.91 -6.40 -6.73
N LEU A 142 4.45 -5.14 -6.68
CA LEU A 142 3.22 -4.72 -6.02
C LEU A 142 2.13 -4.26 -7.02
N TYR A 143 2.43 -4.04 -8.31
CA TYR A 143 1.44 -3.62 -9.32
C TYR A 143 1.69 -4.15 -10.73
N ASP A 144 0.68 -4.09 -11.62
CA ASP A 144 0.75 -4.60 -13.00
C ASP A 144 0.63 -3.51 -14.09
N LEU A 145 1.73 -2.80 -14.32
CA LEU A 145 1.84 -1.78 -15.38
C LEU A 145 2.69 -2.33 -16.54
ZN ZN B . -0.44 7.03 1.64
#